data_5VW1
#
_entry.id   5VW1
#
_cell.length_a   72.194
_cell.length_b   101.242
_cell.length_c   303.563
_cell.angle_alpha   90.00
_cell.angle_beta   90.00
_cell.angle_gamma   90.00
#
_symmetry.space_group_name_H-M   'P 2 21 21'
#
loop_
_entity.id
_entity.type
_entity.pdbx_description
1 polymer 'CRISPR-associated endonuclease Cas9/Csn1'
2 polymer sgRNA
3 polymer 'anti-CRISPR protein AcrIIA4'
4 non-polymer DI(HYDROXYETHYL)ETHER
5 non-polymer 'TETRAETHYLENE GLYCOL'
6 non-polymer 1,2-ETHANEDIOL
7 non-polymer 'MAGNESIUM ION'
8 water water
#
loop_
_entity_poly.entity_id
_entity_poly.type
_entity_poly.pdbx_seq_one_letter_code
_entity_poly.pdbx_strand_id
1 'polypeptide(L)'
;GSMDKKYSIGLAIGTNSVGWAVITDEYKVPSKKFKVLGNTDRHSIKKNLIGALLFDSGETAEATRLKRTARRRYTRRKNR
ICYLQEIFSNEMAKVDDSFFHRLEESFLVEEDKKHERHPIFGNIVDEVAYHEKYPTIYHLRKKLVDSTDKADLRLIYLAL
AHMIKFRGHFLIEGDLNPDNSDVDKLFIQLVQTYNQLFEENPINASGVDAKAILSARLSKSRRLENLIAQLPGEKKNGLF
GNLIALSLGLTPNFKSNFDLAEDAKLQLSKDTYDDDLDNLLAQIGDQYADLFLAAKNLSDAILLSDILRVNTEITKAPLS
ASMIKRYDEHHQDLTLLKALVRQQLPEKYKEIFFDQSKNGYAGYIDGGASQEEFYKFIKPILEKMDGTEELLVKLNREDL
LRKQRTFDNGSIPHQIHLGELHAILRRQEDFYPFLKDNREKIEKILTFRIPYYVGPLARGNSRFAWMTRKSEETITPWNF
EEVVDKGASAQSFIERMTNFDKNLPNEKVLPKHSLLYEYFTVYNELTKVKYVTEGMRKPAFLSGEQKKAIVDLLFKTNRK
VTVKQLKEDYFKKIECFDSVEISGVEDRFNASLGTYHDLLKIIKDKDFLDNEENEDILEDIVLTLTLFEDREMIEERLKT
YAHLFDDKVMKQLKRRRYTGWGRLSRKLINGIRDKQSGKTILDFLKSDGFANRNFMQLIHDDSLTFKEDIQKAQVSGQGD
SLHEHIANLAGSPAIKKGILQTVKVVDELVKVMGRHKPENIVIEMARENQTTQKGQKNSRERMKRIEEGIKELGSQILKE
HPVENTQLQNEKLYLYYLQNGRDMYVDQELDINRLSDYDVDAIVPQSFLKDDSIDNKVLTRSDKNRGKSDNVPSEEVVKK
MKNYWRQLLNAKLITQRKFDNLTKAERGGLSELDKAGFIKRQLVETRQITKHVAQILDSRMNTKYDENDKLIREVKVITL
KSKLVSDFRKDFQFYKVREINNYHHAHDAYLNAVVGTALIKKYPKLESEFVYGDYKVYDVRKMIAKSEQEIGKATAKYFF
YSNIMNFFKTEITLANGEIRKRPLIETNGETGEIVWDKGRDFATVRKVLSMPQVNIVKKTEVQTGGFSKESILPKRNSDK
LIARKKDWDPKKYGGFDSPTVAYSVLVVAKVEKGKSKKLKSVKELLGITIMERSSFEKNPIDFLEAKGYKEVKKDLIIKL
PKYSLFELENGRKRMLASAGELQKGNELALPSKYVNFLYLASHYEKLKGSPEDNEQKQLFVEQHKHYLDEIIEQISEFSK
RVILADANLDKVLSAYNKHRDKPIREQAENIIHLFTLTNLGAPAAFKYFDTTIDRKRYTSTKEVLDATLIHQSITGLYET
RIDLSQLGGD
;
A
2 'polyribonucleotide'
;GGAUAACUCAAUUUGUAAAAAAGUUUUAGAGCUAGAAAUAGCAAGUUAAAAUAAGGCUAGUCCGUUAUCAACUUGAAAAA
GUGUC
;
C
3 'polypeptide(L)'
;GSMNINDLIREIKNKDYTVKLSGTDSNSITQLIIRVNNDGNEYVISESENESIVEKFISAFKNGWNQEYEDEEEFYNDMQ
TITLKSELN
;
B
#
# COMPACT_ATOMS: atom_id res chain seq x y z
N SER A 2 11.11 -43.63 -23.61
CA SER A 2 9.86 -43.20 -24.21
C SER A 2 10.10 -42.49 -25.54
N MET A 3 9.04 -41.91 -26.10
CA MET A 3 9.13 -41.20 -27.37
C MET A 3 8.22 -39.97 -27.38
N ASP A 4 7.18 -40.01 -26.56
CA ASP A 4 6.24 -38.90 -26.48
C ASP A 4 6.96 -37.58 -26.20
N LYS A 5 6.67 -36.58 -27.03
CA LYS A 5 7.29 -35.26 -26.87
C LYS A 5 6.32 -34.19 -26.35
N LYS A 6 5.07 -34.54 -26.05
CA LYS A 6 4.10 -33.56 -25.56
C LYS A 6 4.39 -33.27 -24.10
N TYR A 7 4.27 -31.97 -23.70
CA TYR A 7 4.53 -31.57 -22.31
C TYR A 7 3.61 -30.42 -21.92
N SER A 8 3.52 -30.20 -20.61
CA SER A 8 2.76 -29.08 -20.08
C SER A 8 3.61 -28.32 -19.08
N ILE A 9 3.30 -27.02 -18.94
CA ILE A 9 4.04 -26.11 -18.07
C ILE A 9 3.12 -25.67 -16.93
N GLY A 10 3.65 -25.70 -15.69
CA GLY A 10 2.99 -25.09 -14.55
C GLY A 10 3.72 -23.83 -14.11
N LEU A 11 2.96 -22.84 -13.61
CA LEU A 11 3.53 -21.57 -13.17
C LEU A 11 2.92 -21.09 -11.85
N ALA A 12 3.73 -20.46 -11.00
CA ALA A 12 3.26 -19.82 -9.78
C ALA A 12 3.83 -18.41 -9.82
N ILE A 13 3.04 -17.47 -10.32
CA ILE A 13 3.43 -16.08 -10.40
C ILE A 13 3.24 -15.42 -9.05
N GLY A 14 4.25 -14.66 -8.62
CA GLY A 14 4.22 -13.90 -7.39
C GLY A 14 4.99 -12.61 -7.61
N THR A 15 5.11 -11.82 -6.54
CA THR A 15 5.82 -10.55 -6.66
C THR A 15 7.30 -10.68 -6.31
N ASN A 16 7.69 -11.79 -5.68
CA ASN A 16 9.10 -12.05 -5.36
C ASN A 16 9.58 -13.41 -5.89
N SER A 17 8.79 -14.08 -6.72
CA SER A 17 9.13 -15.42 -7.14
C SER A 17 8.23 -15.83 -8.29
N VAL A 18 8.76 -16.68 -9.16
CA VAL A 18 8.00 -17.37 -10.17
C VAL A 18 8.42 -18.83 -10.10
N GLY A 19 7.51 -19.70 -9.69
CA GLY A 19 7.73 -21.11 -9.81
C GLY A 19 7.34 -21.63 -11.18
N TRP A 20 8.09 -22.61 -11.68
CA TRP A 20 7.80 -23.20 -12.97
C TRP A 20 8.11 -24.69 -12.90
N ALA A 21 7.41 -25.47 -13.73
CA ALA A 21 7.67 -26.90 -13.87
C ALA A 21 7.23 -27.35 -15.25
N VAL A 22 7.94 -28.35 -15.76
CA VAL A 22 7.53 -29.05 -16.96
C VAL A 22 7.04 -30.42 -16.51
N ILE A 23 5.90 -30.85 -17.06
CA ILE A 23 5.41 -32.20 -16.79
C ILE A 23 5.04 -32.88 -18.09
N THR A 24 5.00 -34.20 -18.02
CA THR A 24 4.57 -35.06 -19.11
C THR A 24 3.17 -35.58 -18.83
N ASP A 25 2.62 -36.28 -19.78
CA ASP A 25 1.28 -36.80 -19.71
C ASP A 25 1.08 -37.70 -18.53
N GLU A 26 2.14 -38.23 -17.98
CA GLU A 26 2.03 -39.08 -16.83
C GLU A 26 2.41 -38.38 -15.55
N TYR A 27 2.43 -37.06 -15.58
CA TYR A 27 2.76 -36.18 -14.50
C TYR A 27 4.17 -36.30 -13.98
N LYS A 28 5.09 -36.79 -14.78
CA LYS A 28 6.49 -36.80 -14.36
C LYS A 28 7.18 -35.51 -14.79
N VAL A 29 8.23 -35.16 -14.07
CA VAL A 29 9.08 -34.05 -14.48
C VAL A 29 10.24 -34.64 -15.26
N PRO A 30 10.43 -34.26 -16.52
CA PRO A 30 11.58 -34.77 -17.28
C PRO A 30 12.90 -34.24 -16.75
N SER A 31 13.95 -34.85 -17.28
CA SER A 31 15.33 -34.55 -16.97
C SER A 31 16.11 -34.51 -18.29
N LYS A 32 16.90 -33.48 -18.48
CA LYS A 32 17.68 -33.36 -19.70
C LYS A 32 19.13 -33.03 -19.39
N LYS A 33 20.02 -33.47 -20.27
CA LYS A 33 21.40 -33.01 -20.24
C LYS A 33 21.44 -31.61 -20.83
N PHE A 34 22.24 -30.75 -20.21
CA PHE A 34 22.41 -29.39 -20.65
C PHE A 34 23.89 -29.09 -20.84
N LYS A 35 24.22 -28.55 -21.99
CA LYS A 35 25.54 -28.01 -22.22
C LYS A 35 25.89 -26.99 -21.15
N VAL A 36 27.10 -27.10 -20.62
CA VAL A 36 27.65 -26.14 -19.68
C VAL A 36 28.80 -25.42 -20.38
N LEU A 37 28.62 -24.12 -20.62
CA LEU A 37 29.63 -23.29 -21.23
C LEU A 37 30.63 -22.81 -20.18
N GLY A 38 31.73 -22.23 -20.64
CA GLY A 38 32.69 -21.61 -19.76
C GLY A 38 34.08 -22.15 -19.94
N ASN A 39 34.86 -22.13 -18.86
CA ASN A 39 36.26 -22.47 -18.94
C ASN A 39 36.63 -23.56 -17.94
N THR A 40 35.65 -24.28 -17.44
CA THR A 40 35.90 -25.32 -16.48
C THR A 40 35.92 -26.70 -17.14
N ASP A 41 36.00 -27.73 -16.30
CA ASP A 41 35.96 -29.12 -16.72
C ASP A 41 34.56 -29.67 -16.82
N ARG A 42 33.54 -28.92 -16.42
CA ARG A 42 32.17 -29.34 -16.54
C ARG A 42 31.61 -28.87 -17.88
N HIS A 43 31.17 -29.83 -18.69
CA HIS A 43 30.66 -29.57 -20.02
C HIS A 43 29.21 -29.98 -20.17
N SER A 44 28.62 -30.65 -19.18
CA SER A 44 27.19 -30.91 -19.18
C SER A 44 26.77 -31.45 -17.82
N ILE A 45 25.50 -31.15 -17.47
CA ILE A 45 24.81 -31.68 -16.30
C ILE A 45 23.41 -32.13 -16.73
N LYS A 46 22.88 -33.12 -16.03
CA LYS A 46 21.47 -33.43 -16.12
C LYS A 46 20.77 -32.57 -15.08
N LYS A 47 19.69 -31.89 -15.50
CA LYS A 47 18.89 -31.10 -14.59
C LYS A 47 17.43 -31.50 -14.71
N ASN A 48 16.73 -31.46 -13.58
CA ASN A 48 15.28 -31.63 -13.59
C ASN A 48 14.60 -30.36 -14.09
N LEU A 49 13.50 -30.52 -14.81
CA LEU A 49 12.80 -29.36 -15.38
C LEU A 49 11.78 -28.84 -14.36
N ILE A 50 12.32 -28.25 -13.30
CA ILE A 50 11.49 -27.73 -12.22
C ILE A 50 12.35 -26.75 -11.43
N GLY A 51 11.75 -25.66 -10.98
CA GLY A 51 12.54 -24.68 -10.28
C GLY A 51 11.73 -23.42 -9.99
N ALA A 52 12.45 -22.35 -9.62
CA ALA A 52 11.80 -21.08 -9.36
C ALA A 52 12.82 -19.95 -9.43
N LEU A 53 12.38 -18.82 -9.97
CA LEU A 53 13.17 -17.62 -10.06
C LEU A 53 12.78 -16.69 -8.91
N LEU A 54 13.76 -16.22 -8.13
CA LEU A 54 13.52 -15.28 -7.04
C LEU A 54 14.00 -13.89 -7.45
N PHE A 55 13.27 -12.84 -7.05
CA PHE A 55 13.72 -11.49 -7.41
C PHE A 55 13.27 -10.45 -6.39
N ASP A 56 14.03 -9.35 -6.33
CA ASP A 56 13.66 -8.18 -5.53
C ASP A 56 12.38 -7.56 -6.06
N SER A 57 11.60 -6.96 -5.15
CA SER A 57 10.29 -6.41 -5.54
C SER A 57 10.44 -5.28 -6.54
N GLY A 58 9.54 -5.26 -7.53
CA GLY A 58 9.40 -4.08 -8.36
C GLY A 58 8.82 -2.93 -7.54
N GLU A 59 9.31 -1.73 -7.80
CA GLU A 59 8.94 -0.58 -7.00
C GLU A 59 8.17 0.45 -7.83
N THR A 60 7.33 1.23 -7.14
CA THR A 60 6.54 2.24 -7.80
C THR A 60 7.37 3.47 -8.14
N ALA A 61 6.86 4.26 -9.08
CA ALA A 61 7.54 5.47 -9.50
C ALA A 61 7.32 6.64 -8.53
N GLU A 62 6.68 6.41 -7.38
CA GLU A 62 6.26 7.51 -6.53
C GLU A 62 7.44 8.21 -5.87
N ALA A 63 8.25 7.47 -5.10
CA ALA A 63 9.41 8.08 -4.43
C ALA A 63 10.25 8.90 -5.41
N THR A 64 10.53 8.32 -6.59
CA THR A 64 11.18 9.06 -7.67
C THR A 64 10.45 10.34 -8.01
N ARG A 65 9.11 10.30 -8.04
CA ARG A 65 8.32 11.47 -8.44
C ARG A 65 8.43 12.61 -7.42
N LEU A 66 8.26 12.30 -6.13
CA LEU A 66 8.39 13.33 -5.11
C LEU A 66 9.78 13.96 -5.11
N LYS A 67 10.83 13.16 -5.33
CA LYS A 67 12.16 13.75 -5.45
C LYS A 67 12.26 14.64 -6.68
N ARG A 68 11.59 14.25 -7.79
CA ARG A 68 11.60 15.11 -8.98
C ARG A 68 10.92 16.45 -8.71
N THR A 69 9.78 16.44 -8.02
CA THR A 69 9.03 17.68 -7.81
C THR A 69 9.73 18.58 -6.80
N ALA A 70 10.37 17.99 -5.78
CA ALA A 70 11.22 18.79 -4.90
C ALA A 70 12.31 19.49 -5.68
N ARG A 71 12.89 18.84 -6.69
CA ARG A 71 13.97 19.49 -7.43
C ARG A 71 13.43 20.67 -8.20
N ARG A 72 12.31 20.49 -8.91
CA ARG A 72 11.72 21.60 -9.64
C ARG A 72 11.43 22.77 -8.71
N ARG A 73 10.98 22.50 -7.48
CA ARG A 73 10.63 23.58 -6.57
C ARG A 73 11.87 24.38 -6.16
N TYR A 74 12.97 23.69 -5.83
CA TYR A 74 14.21 24.39 -5.52
C TYR A 74 14.71 25.22 -6.70
N THR A 75 14.66 24.65 -7.90
CA THR A 75 15.11 25.36 -9.09
C THR A 75 14.32 26.66 -9.27
N ARG A 76 13.02 26.62 -9.04
CA ARG A 76 12.16 27.77 -9.37
C ARG A 76 12.16 28.82 -8.28
N ARG A 77 12.27 28.40 -7.01
CA ARG A 77 12.53 29.34 -5.92
C ARG A 77 13.86 30.06 -6.13
N LYS A 78 14.94 29.30 -6.38
CA LYS A 78 16.20 29.88 -6.81
C LYS A 78 16.01 30.95 -7.86
N ASN A 79 15.13 30.69 -8.84
CA ASN A 79 15.01 31.66 -9.93
C ASN A 79 14.26 32.91 -9.51
N ARG A 80 13.31 32.81 -8.57
CA ARG A 80 12.62 34.03 -8.13
C ARG A 80 13.63 35.03 -7.61
N ILE A 81 14.55 34.57 -6.76
CA ILE A 81 15.64 35.40 -6.25
C ILE A 81 16.47 35.96 -7.40
N CYS A 82 16.77 35.16 -8.43
CA CYS A 82 17.56 35.67 -9.55
C CYS A 82 16.83 36.76 -10.30
N TYR A 83 15.52 36.62 -10.48
CA TYR A 83 14.73 37.69 -11.08
C TYR A 83 14.86 38.98 -10.28
N LEU A 84 14.73 38.87 -8.95
CA LEU A 84 14.81 40.06 -8.11
C LEU A 84 16.14 40.74 -8.26
N GLN A 85 17.22 39.96 -8.17
CA GLN A 85 18.58 40.52 -8.30
C GLN A 85 18.81 41.13 -9.68
N GLU A 86 18.30 40.51 -10.75
CA GLU A 86 18.33 41.14 -12.07
C GLU A 86 17.78 42.56 -12.02
N ILE A 87 16.65 42.74 -11.33
CA ILE A 87 16.00 44.04 -11.21
C ILE A 87 16.81 44.99 -10.33
N PHE A 88 17.60 44.44 -9.40
CA PHE A 88 18.32 45.25 -8.43
C PHE A 88 19.76 45.54 -8.85
N SER A 89 20.28 44.80 -9.83
CA SER A 89 21.73 44.69 -10.00
C SER A 89 22.39 46.04 -10.27
N ASN A 90 21.87 46.79 -11.25
CA ASN A 90 22.56 48.00 -11.69
C ASN A 90 22.57 49.06 -10.61
N GLU A 91 21.48 49.19 -9.87
CA GLU A 91 21.46 50.18 -8.80
C GLU A 91 22.22 49.69 -7.58
N MET A 92 22.13 48.40 -7.28
CA MET A 92 22.94 47.84 -6.20
C MET A 92 24.42 48.04 -6.46
N ALA A 93 24.84 47.94 -7.73
CA ALA A 93 26.24 48.12 -8.07
C ALA A 93 26.72 49.50 -7.66
N LYS A 94 25.89 50.52 -7.90
CA LYS A 94 26.22 51.87 -7.48
C LYS A 94 26.26 52.01 -5.97
N VAL A 95 25.66 51.08 -5.23
CA VAL A 95 25.59 51.16 -3.76
C VAL A 95 26.65 50.27 -3.10
N ASP A 96 26.73 49.01 -3.53
CA ASP A 96 27.69 48.06 -2.97
C ASP A 96 27.90 47.00 -4.06
N ASP A 97 29.02 47.11 -4.76
CA ASP A 97 29.25 46.33 -5.97
C ASP A 97 29.69 44.89 -5.72
N SER A 98 29.92 44.49 -4.46
CA SER A 98 30.19 43.10 -4.13
C SER A 98 29.16 42.53 -3.16
N PHE A 99 28.02 43.22 -3.00
CA PHE A 99 27.00 42.77 -2.06
C PHE A 99 26.43 41.42 -2.50
N PHE A 100 25.95 41.31 -3.74
CA PHE A 100 25.43 40.02 -4.19
C PHE A 100 26.52 38.96 -4.22
N HIS A 101 27.77 39.35 -4.46
CA HIS A 101 28.90 38.42 -4.33
C HIS A 101 28.98 37.86 -2.91
N ARG A 102 28.79 38.72 -1.91
CA ARG A 102 28.98 38.27 -0.54
C ARG A 102 27.90 37.29 -0.12
N LEU A 103 26.65 37.50 -0.58
CA LEU A 103 25.59 36.54 -0.24
C LEU A 103 25.83 35.21 -0.94
N GLU A 104 26.24 35.26 -2.21
CA GLU A 104 26.54 34.04 -2.94
C GLU A 104 27.55 33.17 -2.19
N GLU A 105 28.59 33.79 -1.62
CA GLU A 105 29.67 33.06 -0.96
C GLU A 105 29.50 33.00 0.56
N SER A 106 28.30 33.27 1.08
CA SER A 106 28.14 33.28 2.52
C SER A 106 28.40 31.92 3.16
N PHE A 107 28.30 30.84 2.41
CA PHE A 107 28.47 29.49 2.94
C PHE A 107 29.95 29.09 3.13
N LEU A 108 30.87 29.74 2.42
CA LEU A 108 32.28 29.35 2.45
C LEU A 108 32.96 29.72 3.77
N VAL A 109 33.84 28.84 4.22
CA VAL A 109 34.76 29.17 5.30
C VAL A 109 35.56 30.42 4.92
N GLU A 110 36.10 31.12 5.90
CA GLU A 110 36.80 32.37 5.60
C GLU A 110 37.98 32.13 4.67
N GLU A 111 38.67 30.98 4.81
CA GLU A 111 39.84 30.73 3.96
C GLU A 111 39.51 30.78 2.49
N ASP A 112 38.28 30.43 2.13
CA ASP A 112 37.89 30.30 0.73
C ASP A 112 37.05 31.47 0.23
N LYS A 113 36.68 32.40 1.11
CA LYS A 113 35.89 33.53 0.66
C LYS A 113 36.76 34.46 -0.17
N LYS A 114 36.30 34.78 -1.38
CA LYS A 114 36.96 35.79 -2.19
C LYS A 114 36.61 37.22 -1.81
N HIS A 115 35.80 37.45 -0.78
CA HIS A 115 35.41 38.79 -0.35
C HIS A 115 35.40 38.82 1.17
N GLU A 116 35.01 39.97 1.74
CA GLU A 116 35.04 40.14 3.18
C GLU A 116 33.83 39.47 3.79
N ARG A 117 34.04 38.85 4.96
CA ARG A 117 33.18 37.78 5.48
C ARG A 117 31.82 38.23 6.00
N HIS A 118 31.52 39.53 6.01
CA HIS A 118 30.30 40.03 6.59
C HIS A 118 29.32 40.36 5.48
N PRO A 119 28.25 39.58 5.31
CA PRO A 119 27.49 39.61 4.03
C PRO A 119 26.83 40.94 3.71
N ILE A 120 26.12 41.55 4.67
CA ILE A 120 25.24 42.69 4.33
C ILE A 120 26.05 43.94 4.04
N PHE A 121 27.01 44.28 4.91
CA PHE A 121 27.65 45.60 4.85
C PHE A 121 29.14 45.56 4.55
N GLY A 122 29.82 44.43 4.74
CA GLY A 122 31.22 44.30 4.38
C GLY A 122 32.24 44.68 5.44
N ASN A 123 31.80 45.09 6.63
CA ASN A 123 32.70 45.42 7.73
C ASN A 123 32.03 45.05 9.04
N ILE A 124 32.84 44.82 10.07
CA ILE A 124 32.28 44.23 11.28
C ILE A 124 31.41 45.22 12.05
N VAL A 125 31.73 46.52 12.00
CA VAL A 125 31.01 47.50 12.82
C VAL A 125 29.57 47.66 12.35
N ASP A 126 29.35 47.78 11.04
CA ASP A 126 27.99 47.96 10.54
C ASP A 126 27.17 46.67 10.66
N GLU A 127 27.83 45.51 10.54
CA GLU A 127 27.10 44.27 10.73
C GLU A 127 26.68 44.10 12.20
N VAL A 128 27.60 44.27 13.13
CA VAL A 128 27.24 44.12 14.54
C VAL A 128 26.10 45.07 14.91
N ALA A 129 26.13 46.29 14.36
CA ALA A 129 25.07 47.26 14.65
C ALA A 129 23.76 46.89 13.98
N TYR A 130 23.81 46.41 12.73
CA TYR A 130 22.60 45.94 12.06
C TYR A 130 21.87 44.91 12.92
N HIS A 131 22.59 43.90 13.41
CA HIS A 131 21.94 42.81 14.12
C HIS A 131 21.37 43.26 15.45
N GLU A 132 22.04 44.19 16.14
CA GLU A 132 21.49 44.72 17.38
C GLU A 132 20.21 45.50 17.12
N LYS A 133 20.18 46.26 16.02
CA LYS A 133 18.97 46.98 15.65
C LYS A 133 17.88 46.05 15.10
N TYR A 134 18.25 44.98 14.39
CA TYR A 134 17.26 44.09 13.76
C TYR A 134 17.55 42.63 14.12
N PRO A 135 17.17 42.20 15.33
CA PRO A 135 17.54 40.85 15.79
C PRO A 135 16.92 39.74 14.97
N THR A 136 15.78 39.99 14.32
CA THR A 136 15.21 39.06 13.37
C THR A 136 14.88 39.80 12.07
N ILE A 137 14.70 39.03 10.99
CA ILE A 137 14.35 39.65 9.72
C ILE A 137 12.99 40.35 9.80
N TYR A 138 12.17 40.02 10.80
CA TYR A 138 10.87 40.67 10.94
C TYR A 138 10.94 42.06 11.53
N HIS A 139 11.97 42.36 12.32
CA HIS A 139 12.15 43.76 12.72
C HIS A 139 12.48 44.60 11.49
N LEU A 140 13.29 44.06 10.57
CA LEU A 140 13.57 44.79 9.33
C LEU A 140 12.32 44.96 8.49
N ARG A 141 11.46 43.94 8.47
CA ARG A 141 10.28 43.99 7.61
C ARG A 141 9.26 44.99 8.16
N LYS A 142 8.95 44.92 9.46
CA LYS A 142 8.04 45.91 10.03
C LYS A 142 8.56 47.32 9.81
N LYS A 143 9.84 47.56 10.13
CA LYS A 143 10.41 48.89 9.96
C LYS A 143 10.30 49.35 8.51
N LEU A 144 10.61 48.46 7.56
CA LEU A 144 10.53 48.85 6.16
C LEU A 144 9.08 49.03 5.72
N VAL A 145 8.15 48.30 6.33
CA VAL A 145 6.75 48.50 5.98
C VAL A 145 6.23 49.82 6.52
N ASP A 146 6.61 50.18 7.75
CA ASP A 146 5.97 51.29 8.44
C ASP A 146 6.66 52.63 8.25
N SER A 147 8.00 52.67 8.28
CA SER A 147 8.71 53.94 8.20
C SER A 147 8.52 54.60 6.83
N THR A 148 8.79 55.90 6.79
CA THR A 148 8.75 56.69 5.57
C THR A 148 10.13 57.19 5.16
N ASP A 149 11.15 56.88 5.96
CA ASP A 149 12.52 57.27 5.64
C ASP A 149 13.02 56.55 4.39
N LYS A 150 14.03 57.12 3.76
CA LYS A 150 14.73 56.36 2.77
C LYS A 150 15.56 55.31 3.49
N ALA A 151 15.66 54.12 2.89
CA ALA A 151 16.36 53.00 3.51
C ALA A 151 17.46 52.51 2.59
N ASP A 152 18.46 51.90 3.19
CA ASP A 152 19.57 51.36 2.41
C ASP A 152 19.06 50.30 1.44
N LEU A 153 19.53 50.35 0.19
CA LEU A 153 19.02 49.46 -0.83
C LEU A 153 19.35 48.00 -0.54
N ARG A 154 20.41 47.75 0.22
CA ARG A 154 20.70 46.37 0.62
C ARG A 154 19.67 45.84 1.62
N LEU A 155 19.19 46.70 2.51
CA LEU A 155 18.18 46.24 3.46
C LEU A 155 16.84 46.07 2.76
N ILE A 156 16.52 46.95 1.82
CA ILE A 156 15.31 46.76 1.03
C ILE A 156 15.38 45.43 0.30
N TYR A 157 16.52 45.14 -0.33
CA TYR A 157 16.65 43.87 -1.03
C TYR A 157 16.39 42.70 -0.09
N LEU A 158 17.01 42.70 1.08
CA LEU A 158 16.92 41.57 2.02
C LEU A 158 15.48 41.30 2.43
N ALA A 159 14.70 42.36 2.65
CA ALA A 159 13.33 42.16 3.06
C ALA A 159 12.48 41.63 1.92
N LEU A 160 12.69 42.13 0.69
CA LEU A 160 11.95 41.59 -0.45
C LEU A 160 12.35 40.13 -0.72
N ALA A 161 13.65 39.85 -0.67
CA ALA A 161 14.14 38.49 -0.92
C ALA A 161 13.55 37.48 0.06
N HIS A 162 13.39 37.87 1.32
CA HIS A 162 12.85 36.99 2.34
C HIS A 162 11.37 36.70 2.12
N MET A 163 10.65 37.65 1.56
CA MET A 163 9.23 37.40 1.26
C MET A 163 9.08 36.62 -0.04
N ILE A 164 10.03 36.80 -0.97
CA ILE A 164 9.92 36.13 -2.26
C ILE A 164 10.47 34.70 -2.18
N LYS A 165 11.44 34.45 -1.32
CA LYS A 165 11.99 33.12 -1.21
C LYS A 165 11.11 32.21 -0.35
N PHE A 166 10.39 32.79 0.61
CA PHE A 166 9.54 32.04 1.55
C PHE A 166 8.16 32.68 1.48
N ARG A 167 7.48 32.46 0.37
CA ARG A 167 6.37 33.32 0.02
C ARG A 167 5.04 32.84 0.55
N GLY A 168 4.98 31.70 1.25
CA GLY A 168 3.72 31.25 1.83
C GLY A 168 2.80 30.60 0.82
N HIS A 169 1.63 30.17 1.31
CA HIS A 169 0.88 29.16 0.58
C HIS A 169 -0.10 29.78 -0.40
N PHE A 170 -0.59 28.93 -1.29
CA PHE A 170 -1.49 29.33 -2.35
C PHE A 170 -2.80 28.56 -2.28
N LEU A 171 -3.23 28.23 -1.06
CA LEU A 171 -4.47 27.50 -0.88
C LEU A 171 -5.70 28.35 -1.04
N ILE A 172 -5.57 29.67 -1.00
CA ILE A 172 -6.69 30.60 -1.13
C ILE A 172 -6.54 31.40 -2.41
N GLU A 173 -7.63 31.48 -3.18
CA GLU A 173 -7.63 32.14 -4.47
C GLU A 173 -8.12 33.58 -4.28
N GLY A 174 -7.40 34.53 -4.87
CA GLY A 174 -7.81 35.92 -4.80
C GLY A 174 -7.35 36.64 -3.53
N ASP A 175 -8.03 37.74 -3.25
CA ASP A 175 -7.73 38.51 -2.05
C ASP A 175 -8.28 37.81 -0.82
N LEU A 176 -7.59 37.99 0.31
CA LEU A 176 -8.09 37.47 1.57
C LEU A 176 -9.34 38.24 2.00
N ASN A 177 -10.30 37.52 2.57
CA ASN A 177 -11.52 38.13 3.08
C ASN A 177 -12.10 37.20 4.12
N PRO A 178 -13.13 37.64 4.88
CA PRO A 178 -13.67 36.77 5.92
C PRO A 178 -14.05 35.38 5.42
N ASP A 179 -14.60 35.27 4.21
CA ASP A 179 -15.20 34.00 3.81
C ASP A 179 -14.16 32.96 3.39
N ASN A 180 -12.94 33.37 3.07
CA ASN A 180 -11.90 32.41 2.73
C ASN A 180 -10.82 32.28 3.80
N SER A 181 -10.89 33.08 4.87
CA SER A 181 -9.81 33.17 5.86
C SER A 181 -10.25 33.23 7.31
N ASP A 182 -11.45 33.75 7.63
CA ASP A 182 -11.85 33.97 9.01
C ASP A 182 -12.34 32.69 9.68
N VAL A 183 -12.04 32.57 10.98
CA VAL A 183 -12.46 31.41 11.78
C VAL A 183 -13.98 31.27 11.79
N ASP A 184 -14.71 32.37 11.97
CA ASP A 184 -16.17 32.29 12.07
C ASP A 184 -16.77 31.76 10.76
N LYS A 185 -16.38 32.34 9.63
CA LYS A 185 -16.87 31.88 8.34
C LYS A 185 -16.48 30.44 8.07
N LEU A 186 -15.23 30.08 8.35
CA LEU A 186 -14.78 28.70 8.15
C LEU A 186 -15.44 27.75 9.13
N PHE A 187 -15.87 28.25 10.30
CA PHE A 187 -16.63 27.40 11.20
C PHE A 187 -18.00 27.11 10.64
N ILE A 188 -18.71 28.16 10.21
CA ILE A 188 -20.02 27.98 9.58
C ILE A 188 -19.95 26.95 8.47
N GLN A 189 -18.98 27.10 7.56
CA GLN A 189 -18.87 26.13 6.47
C GLN A 189 -18.75 24.72 6.99
N LEU A 190 -18.08 24.53 8.14
CA LEU A 190 -17.96 23.19 8.69
C LEU A 190 -19.31 22.64 9.12
N VAL A 191 -20.13 23.45 9.80
CA VAL A 191 -21.43 22.95 10.22
C VAL A 191 -22.39 22.82 9.04
N GLN A 192 -22.30 23.73 8.07
CA GLN A 192 -23.11 23.58 6.85
C GLN A 192 -22.80 22.27 6.18
N THR A 193 -21.50 21.96 6.05
CA THR A 193 -21.10 20.68 5.50
C THR A 193 -21.62 19.52 6.34
N TYR A 194 -21.55 19.65 7.67
CA TYR A 194 -22.02 18.58 8.55
C TYR A 194 -23.54 18.44 8.45
N ASN A 195 -24.26 19.55 8.54
CA ASN A 195 -25.72 19.50 8.42
C ASN A 195 -26.19 18.98 7.08
N GLN A 196 -25.36 19.12 6.05
CA GLN A 196 -25.65 18.55 4.74
C GLN A 196 -25.70 17.02 4.76
N LEU A 197 -24.88 16.38 5.59
CA LEU A 197 -24.76 14.93 5.64
C LEU A 197 -25.59 14.29 6.76
N PHE A 198 -26.23 15.08 7.61
CA PHE A 198 -27.01 14.54 8.71
C PHE A 198 -28.24 15.43 8.88
N GLU A 199 -29.07 15.50 7.85
CA GLU A 199 -30.23 16.39 7.89
C GLU A 199 -31.12 16.09 9.10
N GLU A 200 -31.21 14.82 9.51
CA GLU A 200 -32.11 14.42 10.58
C GLU A 200 -31.69 14.94 11.95
N ASN A 201 -30.44 15.38 12.12
CA ASN A 201 -29.90 15.72 13.43
C ASN A 201 -28.88 16.84 13.30
N PRO A 202 -29.32 18.04 12.95
CA PRO A 202 -28.37 19.12 12.63
C PRO A 202 -27.66 19.68 13.85
N ILE A 203 -26.62 20.45 13.57
CA ILE A 203 -25.97 21.31 14.55
C ILE A 203 -26.58 22.69 14.43
N ASN A 204 -27.04 23.24 15.54
CA ASN A 204 -27.59 24.59 15.51
C ASN A 204 -26.65 25.49 16.30
N ALA A 205 -25.90 26.33 15.59
CA ALA A 205 -24.85 27.12 16.20
C ALA A 205 -25.19 28.61 16.24
N SER A 206 -26.47 28.95 16.39
CA SER A 206 -26.93 30.32 16.15
C SER A 206 -26.21 31.31 17.05
N GLY A 207 -26.36 31.19 18.35
CA GLY A 207 -25.68 32.22 19.11
C GLY A 207 -24.20 32.00 19.30
N VAL A 208 -23.63 30.95 18.72
CA VAL A 208 -22.37 30.39 19.19
C VAL A 208 -21.22 31.21 18.62
N ASP A 209 -20.61 32.01 19.49
CA ASP A 209 -19.47 32.85 19.09
C ASP A 209 -18.22 31.99 18.89
N ALA A 210 -18.10 31.41 17.69
CA ALA A 210 -17.03 30.46 17.42
C ALA A 210 -15.67 31.16 17.27
N LYS A 211 -15.66 32.33 16.63
CA LYS A 211 -14.44 33.10 16.53
C LYS A 211 -13.81 33.32 17.89
N ALA A 212 -14.61 33.70 18.88
CA ALA A 212 -14.04 34.00 20.19
C ALA A 212 -13.59 32.72 20.89
N ILE A 213 -14.44 31.69 20.86
CA ILE A 213 -14.13 30.45 21.57
C ILE A 213 -12.88 29.80 20.99
N LEU A 214 -12.81 29.74 19.66
CA LEU A 214 -11.75 28.97 19.01
C LEU A 214 -10.45 29.76 18.89
N SER A 215 -10.51 31.10 18.86
CA SER A 215 -9.32 31.93 18.69
C SER A 215 -8.69 32.34 20.01
N ALA A 216 -9.26 31.95 21.15
CA ALA A 216 -8.81 32.45 22.45
C ALA A 216 -7.48 31.81 22.84
N ARG A 217 -6.86 32.37 23.88
CA ARG A 217 -5.54 31.93 24.35
C ARG A 217 -5.66 30.96 25.52
N LEU A 218 -6.37 29.87 25.25
CA LEU A 218 -6.42 28.71 26.12
C LEU A 218 -5.86 27.52 25.35
N SER A 219 -5.60 26.43 26.08
CA SER A 219 -5.09 25.23 25.46
C SER A 219 -6.07 24.73 24.38
N LYS A 220 -5.62 23.75 23.61
CA LYS A 220 -6.47 23.19 22.56
C LYS A 220 -7.65 22.43 23.15
N SER A 221 -7.41 21.55 24.12
CA SER A 221 -8.48 20.82 24.77
C SER A 221 -9.46 21.75 25.48
N ARG A 222 -9.01 22.89 25.97
CA ARG A 222 -9.94 23.80 26.63
C ARG A 222 -10.87 24.46 25.63
N ARG A 223 -10.35 24.81 24.47
CA ARG A 223 -11.19 25.42 23.44
C ARG A 223 -12.19 24.42 22.87
N LEU A 224 -11.83 23.12 22.84
CA LEU A 224 -12.77 22.09 22.44
C LEU A 224 -13.92 22.00 23.44
N GLU A 225 -13.62 22.00 24.74
CA GLU A 225 -14.67 21.97 25.75
C GLU A 225 -15.55 23.21 25.64
N ASN A 226 -14.93 24.39 25.62
CA ASN A 226 -15.69 25.62 25.57
C ASN A 226 -16.61 25.70 24.35
N LEU A 227 -16.18 25.11 23.23
CA LEU A 227 -17.01 25.11 22.03
C LEU A 227 -18.18 24.14 22.17
N ILE A 228 -17.88 22.89 22.52
CA ILE A 228 -18.90 21.86 22.67
C ILE A 228 -19.87 22.24 23.78
N ALA A 229 -19.40 22.93 24.81
CA ALA A 229 -20.30 23.41 25.85
C ALA A 229 -21.41 24.27 25.29
N GLN A 230 -21.23 24.87 24.11
CA GLN A 230 -22.24 25.72 23.50
C GLN A 230 -23.19 24.97 22.57
N LEU A 231 -23.08 23.66 22.45
CA LEU A 231 -23.86 22.88 21.49
C LEU A 231 -24.60 21.77 22.23
N PRO A 232 -25.73 22.11 22.87
CA PRO A 232 -26.54 21.07 23.53
C PRO A 232 -26.95 20.02 22.52
N GLY A 233 -26.81 18.76 22.92
CA GLY A 233 -26.93 17.63 22.03
C GLY A 233 -25.60 17.02 21.61
N GLU A 234 -24.48 17.71 21.83
CA GLU A 234 -23.21 17.30 21.25
C GLU A 234 -22.21 16.92 22.33
N LYS A 235 -21.79 15.67 22.32
CA LYS A 235 -20.70 15.22 23.18
C LYS A 235 -19.36 15.64 22.60
N LYS A 236 -18.40 15.91 23.48
CA LYS A 236 -17.06 16.31 23.05
C LYS A 236 -16.45 15.32 22.06
N ASN A 237 -16.70 14.02 22.23
CA ASN A 237 -16.10 13.00 21.37
C ASN A 237 -17.10 12.42 20.39
N GLY A 238 -18.21 13.12 20.14
CA GLY A 238 -19.04 12.77 19.02
C GLY A 238 -18.34 13.13 17.72
N LEU A 239 -19.09 13.00 16.63
CA LEU A 239 -18.53 13.30 15.32
C LEU A 239 -18.16 14.77 15.20
N PHE A 240 -19.09 15.67 15.56
CA PHE A 240 -18.76 17.09 15.40
C PHE A 240 -17.66 17.52 16.36
N GLY A 241 -17.69 17.02 17.60
CA GLY A 241 -16.62 17.33 18.52
C GLY A 241 -15.27 16.86 18.02
N ASN A 242 -15.21 15.65 17.49
CA ASN A 242 -13.95 15.15 17.00
C ASN A 242 -13.50 15.90 15.75
N LEU A 243 -14.44 16.44 14.97
CA LEU A 243 -14.04 17.31 13.87
C LEU A 243 -13.47 18.62 14.38
N ILE A 244 -14.06 19.17 15.45
CA ILE A 244 -13.50 20.39 16.04
C ILE A 244 -12.14 20.09 16.68
N ALA A 245 -12.00 18.90 17.27
CA ALA A 245 -10.71 18.53 17.84
C ALA A 245 -9.66 18.41 16.76
N LEU A 246 -10.03 17.81 15.62
CA LEU A 246 -9.12 17.78 14.48
C LEU A 246 -8.72 19.21 14.08
N SER A 247 -9.69 20.13 14.06
CA SER A 247 -9.44 21.51 13.65
C SER A 247 -8.50 22.24 14.59
N LEU A 248 -8.46 21.85 15.85
CA LEU A 248 -7.65 22.51 16.86
C LEU A 248 -6.26 21.88 17.00
N GLY A 249 -5.95 20.82 16.25
CA GLY A 249 -4.66 20.18 16.34
C GLY A 249 -4.58 19.02 17.30
N LEU A 250 -5.69 18.63 17.90
CA LEU A 250 -5.71 17.41 18.71
C LEU A 250 -5.76 16.20 17.77
N THR A 251 -5.78 15.00 18.36
CA THR A 251 -5.85 13.74 17.62
C THR A 251 -7.09 12.96 18.04
N PRO A 252 -8.24 13.26 17.45
CA PRO A 252 -9.45 12.49 17.75
C PRO A 252 -9.32 11.06 17.24
N ASN A 253 -10.08 10.16 17.88
CA ASN A 253 -10.27 8.78 17.42
C ASN A 253 -11.70 8.68 16.87
N PHE A 254 -11.82 8.52 15.55
CA PHE A 254 -13.12 8.49 14.90
C PHE A 254 -13.74 7.08 14.88
N LYS A 255 -13.06 6.08 15.45
CA LYS A 255 -13.58 4.72 15.46
C LYS A 255 -15.03 4.66 15.90
N SER A 256 -15.27 4.92 17.19
CA SER A 256 -16.62 4.75 17.73
C SER A 256 -17.64 5.61 16.98
N ASN A 257 -17.22 6.78 16.49
CA ASN A 257 -18.10 7.58 15.64
C ASN A 257 -18.69 6.75 14.51
N PHE A 258 -17.86 5.96 13.82
CA PHE A 258 -18.31 5.23 12.63
C PHE A 258 -18.42 3.72 12.87
N ASP A 259 -18.40 3.30 14.14
CA ASP A 259 -18.66 1.90 14.50
C ASP A 259 -17.72 0.95 13.80
N LEU A 260 -16.46 1.38 13.72
CA LEU A 260 -15.40 0.61 13.12
C LEU A 260 -14.86 -0.39 14.12
N ALA A 261 -14.22 -1.44 13.57
CA ALA A 261 -13.67 -2.49 14.41
C ALA A 261 -12.34 -2.07 15.00
N GLU A 262 -11.50 -1.42 14.20
CA GLU A 262 -10.21 -0.92 14.64
C GLU A 262 -10.21 0.61 14.64
N ASP A 263 -9.46 1.18 15.56
CA ASP A 263 -9.60 2.62 15.79
C ASP A 263 -8.98 3.43 14.65
N ALA A 264 -9.50 4.66 14.46
CA ALA A 264 -9.13 5.54 13.35
C ALA A 264 -8.65 6.89 13.91
N LYS A 265 -7.45 6.90 14.45
CA LYS A 265 -6.89 8.14 14.99
C LYS A 265 -6.39 9.02 13.87
N LEU A 266 -6.66 10.31 13.98
CA LEU A 266 -6.28 11.29 12.95
C LEU A 266 -5.69 12.55 13.57
N GLN A 267 -4.70 13.10 12.89
CA GLN A 267 -4.03 14.33 13.30
C GLN A 267 -3.57 15.04 12.03
N LEU A 268 -4.09 16.26 11.81
CA LEU A 268 -3.88 16.96 10.55
C LEU A 268 -2.40 17.22 10.29
N SER A 269 -1.59 17.35 11.35
CA SER A 269 -0.19 17.68 11.19
C SER A 269 0.70 16.46 10.97
N LYS A 270 0.22 15.25 11.24
CA LYS A 270 1.03 14.06 11.00
C LYS A 270 1.38 13.94 9.53
N ASP A 271 2.64 13.59 9.26
CA ASP A 271 3.08 13.33 7.90
C ASP A 271 2.21 12.26 7.23
N THR A 272 1.68 11.31 8.02
CA THR A 272 0.81 10.23 7.54
C THR A 272 -0.62 10.65 7.29
N TYR A 273 -1.00 11.89 7.60
CA TYR A 273 -2.41 12.23 7.73
C TYR A 273 -3.17 11.95 6.44
N ASP A 274 -2.60 12.33 5.29
CA ASP A 274 -3.37 12.31 4.05
C ASP A 274 -3.81 10.90 3.68
N ASP A 275 -2.98 9.88 3.92
CA ASP A 275 -3.48 8.54 3.67
C ASP A 275 -4.02 7.85 4.91
N ASP A 276 -3.73 8.36 6.12
CA ASP A 276 -4.55 7.99 7.27
C ASP A 276 -6.02 8.38 7.05
N LEU A 277 -6.25 9.52 6.41
CA LEU A 277 -7.61 9.93 6.08
C LEU A 277 -8.15 9.10 4.92
N ASP A 278 -7.30 8.75 3.96
CA ASP A 278 -7.76 7.91 2.85
C ASP A 278 -8.22 6.55 3.36
N ASN A 279 -7.53 6.00 4.37
CA ASN A 279 -7.93 4.70 4.89
C ASN A 279 -9.22 4.81 5.71
N LEU A 280 -9.43 5.93 6.38
CA LEU A 280 -10.73 6.18 6.98
C LEU A 280 -11.83 6.28 5.91
N LEU A 281 -11.60 7.08 4.87
CA LEU A 281 -12.65 7.29 3.87
C LEU A 281 -12.91 6.01 3.07
N ALA A 282 -11.93 5.12 2.99
CA ALA A 282 -12.14 3.83 2.37
C ALA A 282 -13.27 3.07 3.05
N GLN A 283 -13.30 3.11 4.38
CA GLN A 283 -14.32 2.39 5.14
C GLN A 283 -15.64 3.16 5.14
N ILE A 284 -15.64 4.39 5.64
CA ILE A 284 -16.90 5.08 5.89
C ILE A 284 -17.53 5.66 4.63
N GLY A 285 -16.76 5.85 3.57
CA GLY A 285 -17.52 6.48 2.49
C GLY A 285 -16.93 7.81 2.06
N ASP A 286 -16.74 7.93 0.74
CA ASP A 286 -16.20 9.13 0.12
C ASP A 286 -17.08 10.33 0.41
N GLN A 287 -18.31 10.08 0.86
CA GLN A 287 -19.27 11.14 1.13
C GLN A 287 -18.79 12.08 2.23
N TYR A 288 -17.91 11.61 3.10
CA TYR A 288 -17.42 12.37 4.25
C TYR A 288 -16.19 13.21 3.93
N ALA A 289 -15.72 13.20 2.68
CA ALA A 289 -14.47 13.89 2.34
C ALA A 289 -14.58 15.40 2.57
N ASP A 290 -15.69 16.02 2.15
CA ASP A 290 -15.88 17.45 2.38
C ASP A 290 -15.85 17.80 3.86
N LEU A 291 -16.39 16.93 4.72
CA LEU A 291 -16.33 17.13 6.15
C LEU A 291 -14.88 17.28 6.64
N PHE A 292 -14.02 16.33 6.27
CA PHE A 292 -12.64 16.44 6.73
C PHE A 292 -11.89 17.55 6.01
N LEU A 293 -12.30 17.88 4.80
CA LEU A 293 -11.70 19.04 4.14
C LEU A 293 -12.04 20.31 4.89
N ALA A 294 -13.33 20.52 5.19
CA ALA A 294 -13.75 21.73 5.90
C ALA A 294 -13.09 21.82 7.27
N ALA A 295 -12.92 20.68 7.94
CA ALA A 295 -12.13 20.66 9.18
C ALA A 295 -10.70 21.13 8.93
N LYS A 296 -10.15 20.79 7.75
CA LYS A 296 -8.78 21.18 7.46
C LYS A 296 -8.67 22.68 7.21
N ASN A 297 -9.63 23.25 6.48
CA ASN A 297 -9.60 24.69 6.21
C ASN A 297 -9.68 25.49 7.49
N LEU A 298 -10.66 25.15 8.34
CA LEU A 298 -10.80 25.80 9.63
C LEU A 298 -9.51 25.70 10.43
N SER A 299 -8.84 24.55 10.35
CA SER A 299 -7.56 24.35 11.03
C SER A 299 -6.55 25.42 10.66
N ASP A 300 -6.40 25.67 9.35
CA ASP A 300 -5.51 26.74 8.88
C ASP A 300 -5.91 28.09 9.44
N ALA A 301 -7.22 28.39 9.45
CA ALA A 301 -7.69 29.70 9.90
C ALA A 301 -7.46 29.89 11.39
N ILE A 302 -7.51 28.82 12.16
CA ILE A 302 -7.21 28.95 13.57
C ILE A 302 -5.72 29.16 13.77
N LEU A 303 -4.89 28.34 13.09
CA LEU A 303 -3.43 28.46 13.23
C LEU A 303 -2.95 29.86 12.81
N LEU A 304 -3.41 30.34 11.66
CA LEU A 304 -3.05 31.68 11.22
C LEU A 304 -3.58 32.75 12.17
N SER A 305 -4.79 32.55 12.68
CA SER A 305 -5.30 33.46 13.70
C SER A 305 -4.34 33.52 14.88
N ASP A 306 -3.88 32.36 15.35
CA ASP A 306 -2.95 32.32 16.47
C ASP A 306 -1.58 32.91 16.12
N ILE A 307 -1.20 32.92 14.84
CA ILE A 307 0.11 33.47 14.47
C ILE A 307 0.06 34.99 14.43
N LEU A 308 -0.97 35.54 13.80
CA LEU A 308 -1.23 36.97 13.81
C LEU A 308 -1.93 37.33 15.11
N ARG A 309 -1.18 37.80 16.09
CA ARG A 309 -1.79 38.29 17.32
C ARG A 309 -2.57 39.56 17.06
N VAL A 310 -3.57 39.48 16.17
CA VAL A 310 -4.15 40.67 15.55
C VAL A 310 -4.76 41.57 16.62
N ASN A 311 -4.58 42.88 16.43
CA ASN A 311 -5.11 43.89 17.34
C ASN A 311 -5.18 45.21 16.60
N THR A 312 -5.77 46.20 17.28
CA THR A 312 -6.00 47.54 16.75
C THR A 312 -4.85 48.50 17.08
N GLU A 313 -3.62 48.01 17.06
CA GLU A 313 -2.44 48.86 16.87
C GLU A 313 -1.99 48.75 15.42
N ILE A 314 -2.91 49.14 14.52
CA ILE A 314 -2.88 48.67 13.13
C ILE A 314 -1.56 49.00 12.46
N THR A 315 -1.01 47.99 11.77
CA THR A 315 0.16 48.05 10.93
C THR A 315 -0.24 47.71 9.50
N LYS A 316 0.68 47.93 8.58
CA LYS A 316 0.57 47.19 7.33
C LYS A 316 1.39 45.91 7.39
N ALA A 317 2.05 45.67 8.52
CA ALA A 317 2.91 44.51 8.71
C ALA A 317 2.44 43.64 9.86
N PRO A 318 1.21 43.13 9.79
CA PRO A 318 0.71 42.32 10.92
C PRO A 318 1.54 41.10 11.24
N LEU A 319 2.13 40.45 10.23
CA LEU A 319 2.84 39.21 10.48
C LEU A 319 4.20 39.46 11.14
N SER A 320 5.01 40.32 10.51
CA SER A 320 6.24 40.76 11.14
C SER A 320 5.97 41.31 12.53
N ALA A 321 4.91 42.11 12.67
CA ALA A 321 4.59 42.66 13.98
C ALA A 321 4.40 41.54 15.00
N SER A 322 3.66 40.50 14.61
CA SER A 322 3.38 39.40 15.51
C SER A 322 4.65 38.63 15.87
N MET A 323 5.56 38.47 14.90
CA MET A 323 6.81 37.76 15.15
C MET A 323 7.73 38.53 16.08
N ILE A 324 7.76 39.87 15.95
CA ILE A 324 8.47 40.69 16.91
C ILE A 324 7.92 40.46 18.31
N LYS A 325 6.59 40.36 18.42
CA LYS A 325 6.01 40.17 19.74
C LYS A 325 6.45 38.84 20.35
N ARG A 326 6.43 37.78 19.53
CA ARG A 326 6.96 36.47 19.93
C ARG A 326 8.45 36.54 20.30
N TYR A 327 9.26 37.25 19.51
CA TYR A 327 10.65 37.47 19.91
C TYR A 327 10.74 38.03 21.32
N ASP A 328 10.05 39.17 21.56
CA ASP A 328 10.13 39.83 22.86
C ASP A 328 9.59 38.95 24.00
N GLU A 329 8.48 38.22 23.75
CA GLU A 329 7.92 37.34 24.77
C GLU A 329 8.85 36.17 25.09
N HIS A 330 9.44 35.55 24.06
CA HIS A 330 10.52 34.58 24.25
C HIS A 330 11.58 35.16 25.19
N HIS A 331 12.01 36.39 24.91
CA HIS A 331 13.02 37.01 25.75
C HIS A 331 12.57 37.12 27.20
N GLN A 332 11.37 37.62 27.43
CA GLN A 332 10.93 37.81 28.81
C GLN A 332 10.84 36.46 29.53
N ASP A 333 10.17 35.50 28.92
CA ASP A 333 10.02 34.21 29.58
C ASP A 333 11.38 33.55 29.81
N LEU A 334 12.29 33.66 28.84
CA LEU A 334 13.64 33.11 29.02
C LEU A 334 14.36 33.74 30.23
N THR A 335 14.34 35.07 30.33
CA THR A 335 14.93 35.75 31.48
C THR A 335 14.36 35.22 32.78
N LEU A 336 13.02 35.09 32.85
CA LEU A 336 12.35 34.59 34.06
C LEU A 336 12.70 33.14 34.34
N LEU A 337 12.73 32.31 33.30
CA LEU A 337 13.10 30.92 33.49
C LEU A 337 14.48 30.80 34.11
N LYS A 338 15.47 31.55 33.58
CA LYS A 338 16.81 31.55 34.18
C LYS A 338 16.76 32.00 35.63
N ALA A 339 15.98 33.02 35.93
CA ALA A 339 15.93 33.51 37.30
C ALA A 339 15.34 32.47 38.23
N LEU A 340 14.17 31.93 37.87
CA LEU A 340 13.54 30.90 38.69
C LEU A 340 14.46 29.70 38.89
N VAL A 341 15.11 29.22 37.81
CA VAL A 341 16.07 28.12 37.95
C VAL A 341 17.20 28.51 38.90
N ARG A 342 17.83 29.66 38.63
CA ARG A 342 18.97 30.09 39.41
C ARG A 342 18.64 30.15 40.90
N GLN A 343 17.39 30.48 41.24
CA GLN A 343 16.93 30.60 42.62
C GLN A 343 16.56 29.25 43.23
N GLN A 344 15.97 28.33 42.47
CA GLN A 344 15.37 27.15 43.07
C GLN A 344 16.03 25.84 42.68
N LEU A 345 16.54 25.70 41.46
CA LEU A 345 17.28 24.51 41.03
C LEU A 345 18.60 24.90 40.36
N PRO A 346 19.51 25.55 41.10
CA PRO A 346 20.77 26.02 40.48
C PRO A 346 21.71 24.91 40.00
N GLU A 347 21.61 23.67 40.51
CA GLU A 347 22.42 22.59 39.95
C GLU A 347 21.93 22.18 38.57
N LYS A 348 20.69 22.49 38.22
CA LYS A 348 20.21 22.15 36.90
C LYS A 348 20.50 23.23 35.87
N TYR A 349 21.03 24.34 36.28
CA TYR A 349 21.29 25.41 35.35
C TYR A 349 22.20 25.00 34.22
N LYS A 350 23.30 24.35 34.51
CA LYS A 350 24.23 23.96 33.50
C LYS A 350 23.60 23.09 32.42
N GLU A 351 22.87 22.11 32.86
CA GLU A 351 22.22 21.22 31.95
C GLU A 351 21.23 21.88 31.08
N ILE A 352 20.32 22.62 31.67
CA ILE A 352 19.30 23.28 30.92
C ILE A 352 19.77 24.31 29.94
N PHE A 353 20.84 25.02 30.23
CA PHE A 353 21.27 26.09 29.37
C PHE A 353 22.58 25.94 28.63
N PHE A 354 23.40 25.01 29.04
CA PHE A 354 24.64 24.72 28.34
C PHE A 354 24.66 23.36 27.64
N ASP A 355 24.09 22.32 28.23
CA ASP A 355 24.32 20.95 27.77
C ASP A 355 23.44 20.69 26.55
N GLN A 356 23.99 20.87 25.35
CA GLN A 356 23.11 20.83 24.20
C GLN A 356 22.82 19.41 23.74
N SER A 357 23.28 18.41 24.47
CA SER A 357 22.88 17.04 24.19
C SER A 357 21.64 16.63 24.96
N LYS A 358 21.18 17.48 25.86
CA LYS A 358 19.94 17.32 26.59
C LYS A 358 18.87 18.16 25.92
N ASN A 359 17.61 17.81 26.17
CA ASN A 359 16.49 18.49 25.53
C ASN A 359 16.02 19.72 26.28
N GLY A 360 16.93 20.38 27.01
CA GLY A 360 16.63 21.65 27.64
C GLY A 360 16.83 22.77 26.66
N TYR A 361 17.06 23.97 27.21
CA TYR A 361 17.08 25.15 26.36
C TYR A 361 18.25 25.10 25.38
N ALA A 362 19.41 24.59 25.82
CA ALA A 362 20.57 24.47 24.94
C ALA A 362 20.34 23.46 23.82
N GLY A 363 19.77 22.31 24.16
CA GLY A 363 19.40 21.38 23.10
C GLY A 363 18.36 21.98 22.18
N TYR A 364 17.44 22.76 22.73
CA TYR A 364 16.37 23.37 21.94
C TYR A 364 16.92 24.37 20.92
N ILE A 365 17.84 25.25 21.34
CA ILE A 365 18.38 26.24 20.42
C ILE A 365 19.54 25.69 19.61
N ASP A 366 20.41 24.88 20.23
CA ASP A 366 21.67 24.53 19.61
C ASP A 366 21.83 23.05 19.28
N GLY A 367 20.88 22.20 19.66
CA GLY A 367 21.15 20.77 19.64
C GLY A 367 20.10 19.94 18.94
N GLY A 368 19.27 20.58 18.11
CA GLY A 368 18.35 19.84 17.29
C GLY A 368 17.05 19.43 17.94
N ALA A 369 16.86 19.75 19.22
CA ALA A 369 15.63 19.36 19.90
C ALA A 369 14.45 20.15 19.37
N SER A 370 13.34 19.45 19.15
CA SER A 370 12.12 20.10 18.72
C SER A 370 11.45 20.82 19.89
N GLN A 371 10.52 21.72 19.54
CA GLN A 371 9.70 22.39 20.54
C GLN A 371 8.99 21.39 21.44
N GLU A 372 8.36 20.39 20.82
CA GLU A 372 7.70 19.32 21.56
C GLU A 372 8.67 18.62 22.52
N GLU A 373 9.87 18.29 22.04
CA GLU A 373 10.83 17.63 22.92
C GLU A 373 11.25 18.55 24.06
N PHE A 374 11.53 19.82 23.74
CA PHE A 374 11.93 20.76 24.79
C PHE A 374 10.87 20.84 25.88
N TYR A 375 9.59 20.96 25.48
CA TYR A 375 8.51 21.07 26.45
C TYR A 375 8.45 19.86 27.35
N LYS A 376 8.63 18.67 26.78
CA LYS A 376 8.56 17.46 27.59
C LYS A 376 9.70 17.41 28.62
N PHE A 377 10.84 18.03 28.30
CA PHE A 377 11.98 18.06 29.22
C PHE A 377 11.81 19.06 30.37
N ILE A 378 11.31 20.28 30.10
CA ILE A 378 11.22 21.28 31.18
C ILE A 378 9.97 21.12 32.03
N LYS A 379 8.88 20.60 31.47
CA LYS A 379 7.63 20.55 32.22
C LYS A 379 7.78 19.96 33.61
N PRO A 380 8.41 18.80 33.81
CA PRO A 380 8.63 18.34 35.18
C PRO A 380 9.42 19.32 36.03
N ILE A 381 10.31 20.10 35.41
CA ILE A 381 11.15 21.05 36.13
C ILE A 381 10.35 22.28 36.54
N LEU A 382 9.56 22.83 35.61
CA LEU A 382 8.62 23.91 35.98
C LEU A 382 7.74 23.47 37.14
N GLU A 383 7.11 22.30 37.02
CA GLU A 383 6.23 21.79 38.07
C GLU A 383 6.92 21.67 39.41
N LYS A 384 8.26 21.68 39.45
CA LYS A 384 8.99 21.59 40.70
C LYS A 384 9.20 22.94 41.35
N MET A 385 9.02 24.03 40.61
CA MET A 385 9.38 25.35 41.12
C MET A 385 8.15 26.19 41.42
N ASP A 386 8.35 27.15 42.33
CA ASP A 386 7.35 28.16 42.60
C ASP A 386 7.46 29.28 41.56
N GLY A 387 6.38 30.06 41.43
CA GLY A 387 6.32 31.10 40.43
C GLY A 387 6.37 30.65 38.98
N THR A 388 6.03 29.39 38.67
CA THR A 388 6.04 28.90 37.30
C THR A 388 4.65 28.75 36.70
N GLU A 389 3.61 29.24 37.37
CA GLU A 389 2.25 29.00 36.90
C GLU A 389 2.01 29.59 35.51
N GLU A 390 2.41 30.84 35.31
CA GLU A 390 2.31 31.50 34.01
C GLU A 390 3.01 30.69 32.92
N LEU A 391 4.27 30.29 33.19
CA LEU A 391 5.04 29.59 32.18
C LEU A 391 4.38 28.27 31.80
N LEU A 392 3.81 27.56 32.78
CA LEU A 392 3.19 26.28 32.50
C LEU A 392 1.92 26.45 31.66
N VAL A 393 1.12 27.48 31.97
CA VAL A 393 -0.01 27.85 31.11
C VAL A 393 0.47 28.05 29.68
N LYS A 394 1.55 28.82 29.52
CA LYS A 394 2.07 29.07 28.18
C LYS A 394 2.49 27.77 27.52
N LEU A 395 3.02 26.83 28.32
CA LEU A 395 3.52 25.59 27.77
C LEU A 395 2.38 24.70 27.31
N ASN A 396 1.42 24.44 28.21
CA ASN A 396 0.27 23.62 27.86
C ASN A 396 -0.61 24.29 26.82
N ARG A 397 -0.39 25.55 26.53
CA ARG A 397 -0.97 26.22 25.38
C ARG A 397 -0.10 26.05 24.14
N GLU A 398 1.07 25.42 24.27
CA GLU A 398 2.09 25.34 23.22
C GLU A 398 2.53 26.72 22.73
N ASP A 399 2.82 27.61 23.68
CA ASP A 399 3.21 28.98 23.32
C ASP A 399 4.32 29.51 24.22
N LEU A 400 5.26 28.64 24.60
CA LEU A 400 6.38 29.01 25.46
C LEU A 400 7.67 29.04 24.65
N LEU A 401 8.40 30.16 24.70
CA LEU A 401 9.73 30.23 24.08
C LEU A 401 9.70 29.78 22.62
N ARG A 402 8.69 30.21 21.88
CA ARG A 402 8.60 29.78 20.50
C ARG A 402 9.63 30.48 19.61
N LYS A 403 10.03 29.80 18.54
CA LYS A 403 10.83 30.41 17.49
C LYS A 403 9.91 31.03 16.43
N GLN A 404 10.49 31.81 15.53
CA GLN A 404 9.67 32.43 14.50
C GLN A 404 9.59 31.56 13.25
N ARG A 405 10.67 30.90 12.89
CA ARG A 405 10.65 29.91 11.82
C ARG A 405 10.26 28.57 12.44
N THR A 406 9.10 28.05 12.07
CA THR A 406 8.50 26.95 12.81
C THR A 406 7.31 26.35 12.02
N PHE A 407 6.83 25.19 12.49
CA PHE A 407 5.99 24.28 11.70
C PHE A 407 4.59 24.81 11.40
N ASP A 408 4.06 25.73 12.24
CA ASP A 408 2.78 26.41 12.00
C ASP A 408 2.76 27.16 10.67
N ASN A 409 3.92 27.58 10.16
CA ASN A 409 3.94 28.68 9.21
C ASN A 409 3.37 28.29 7.86
N GLY A 410 3.20 26.99 7.60
CA GLY A 410 2.57 26.59 6.36
C GLY A 410 1.15 27.07 6.22
N SER A 411 0.53 27.53 7.31
CA SER A 411 -0.80 28.11 7.26
C SER A 411 -0.78 29.64 7.09
N ILE A 412 0.32 30.20 6.61
CA ILE A 412 0.42 31.63 6.31
C ILE A 412 0.19 31.79 4.80
N PRO A 413 -0.88 32.43 4.37
CA PRO A 413 -1.11 32.59 2.92
C PRO A 413 -0.09 33.54 2.32
N HIS A 414 0.25 33.29 1.04
CA HIS A 414 1.14 34.20 0.33
C HIS A 414 0.60 35.63 0.31
N GLN A 415 -0.72 35.79 0.27
CA GLN A 415 -1.32 37.11 0.30
C GLN A 415 -0.83 37.95 1.48
N ILE A 416 -0.40 37.31 2.56
CA ILE A 416 0.14 38.09 3.68
C ILE A 416 1.53 38.63 3.35
N HIS A 417 2.44 37.77 2.86
CA HIS A 417 3.74 38.27 2.43
C HIS A 417 3.60 39.30 1.32
N LEU A 418 2.64 39.11 0.42
CA LEU A 418 2.38 40.12 -0.60
C LEU A 418 1.99 41.46 0.02
N GLY A 419 1.26 41.43 1.12
CA GLY A 419 0.88 42.65 1.79
C GLY A 419 2.10 43.46 2.17
N GLU A 420 3.01 42.83 2.92
CA GLU A 420 4.17 43.56 3.42
C GLU A 420 5.10 43.95 2.28
N LEU A 421 5.34 43.02 1.34
CA LEU A 421 6.10 43.30 0.12
C LEU A 421 5.61 44.56 -0.59
N HIS A 422 4.29 44.73 -0.69
CA HIS A 422 3.75 45.82 -1.46
C HIS A 422 3.89 47.15 -0.71
N ALA A 423 3.55 47.15 0.58
CA ALA A 423 3.78 48.31 1.44
C ALA A 423 5.21 48.83 1.33
N ILE A 424 6.20 47.94 1.47
CA ILE A 424 7.60 48.36 1.43
C ILE A 424 7.90 49.11 0.13
N LEU A 425 7.55 48.51 -1.01
CA LEU A 425 7.79 49.16 -2.29
C LEU A 425 7.14 50.54 -2.38
N ARG A 426 5.94 50.69 -1.82
CA ARG A 426 5.29 52.00 -1.90
C ARG A 426 6.02 53.02 -1.04
N ARG A 427 6.60 52.58 0.07
CA ARG A 427 7.43 53.48 0.87
C ARG A 427 8.61 53.99 0.06
N GLN A 428 9.37 53.09 -0.53
CA GLN A 428 10.67 53.42 -1.09
C GLN A 428 10.63 53.78 -2.58
N GLU A 429 9.48 53.65 -3.26
CA GLU A 429 9.51 53.81 -4.71
C GLU A 429 9.76 55.24 -5.13
N ASP A 430 9.61 56.20 -4.22
CA ASP A 430 9.93 57.58 -4.56
C ASP A 430 11.38 57.92 -4.27
N PHE A 431 12.02 57.24 -3.33
CA PHE A 431 13.44 57.41 -3.16
C PHE A 431 14.26 56.61 -4.18
N TYR A 432 13.64 55.70 -4.94
CA TYR A 432 14.36 54.84 -5.88
C TYR A 432 13.47 54.59 -7.08
N PRO A 433 13.54 55.42 -8.11
CA PRO A 433 12.61 55.29 -9.25
C PRO A 433 12.50 53.88 -9.85
N PHE A 434 13.58 53.09 -9.88
CA PHE A 434 13.49 51.78 -10.52
C PHE A 434 12.59 50.82 -9.74
N LEU A 435 12.43 51.04 -8.44
CA LEU A 435 11.44 50.28 -7.67
C LEU A 435 10.02 50.65 -8.10
N LYS A 436 9.78 51.94 -8.36
CA LYS A 436 8.47 52.32 -8.87
C LYS A 436 8.25 51.69 -10.24
N ASP A 437 9.29 51.66 -11.06
CA ASP A 437 9.15 51.16 -12.41
C ASP A 437 9.08 49.63 -12.49
N ASN A 438 9.49 48.92 -11.45
CA ASN A 438 9.38 47.47 -11.40
C ASN A 438 8.43 46.98 -10.31
N ARG A 439 7.60 47.86 -9.72
CA ARG A 439 6.82 47.43 -8.57
C ARG A 439 5.94 46.24 -8.93
N GLU A 440 5.24 46.31 -10.05
CA GLU A 440 4.35 45.23 -10.44
C GLU A 440 5.14 44.03 -10.97
N LYS A 441 6.34 44.26 -11.50
CA LYS A 441 7.23 43.15 -11.83
C LYS A 441 7.63 42.37 -10.59
N ILE A 442 7.91 43.08 -9.49
CA ILE A 442 8.44 42.44 -8.28
C ILE A 442 7.35 41.70 -7.52
N GLU A 443 6.15 42.28 -7.46
CA GLU A 443 5.03 41.58 -6.85
C GLU A 443 4.62 40.37 -7.68
N LYS A 444 4.78 40.44 -9.00
CA LYS A 444 4.47 39.29 -9.86
C LYS A 444 5.38 38.12 -9.53
N ILE A 445 6.66 38.37 -9.31
CA ILE A 445 7.60 37.33 -8.90
C ILE A 445 7.07 36.55 -7.70
N LEU A 446 6.43 37.24 -6.75
CA LEU A 446 5.95 36.55 -5.56
C LEU A 446 4.63 35.81 -5.83
N THR A 447 3.73 36.41 -6.60
CA THR A 447 2.38 35.89 -6.75
C THR A 447 2.23 34.86 -7.86
N PHE A 448 3.01 34.97 -8.93
CA PHE A 448 2.84 34.06 -10.05
C PHE A 448 3.08 32.62 -9.65
N ARG A 449 2.36 31.71 -10.31
CA ARG A 449 2.40 30.29 -9.98
C ARG A 449 2.08 29.51 -11.25
N ILE A 450 2.96 28.60 -11.64
CA ILE A 450 2.67 27.81 -12.85
C ILE A 450 1.42 26.98 -12.60
N PRO A 451 0.41 27.05 -13.48
CA PRO A 451 -0.82 26.27 -13.24
C PRO A 451 -0.56 24.78 -13.42
N TYR A 452 -1.32 23.97 -12.68
CA TYR A 452 -1.28 22.52 -12.85
C TYR A 452 -1.31 22.15 -14.32
N TYR A 453 -2.30 22.69 -15.04
CA TYR A 453 -2.56 22.25 -16.40
C TYR A 453 -1.49 22.70 -17.39
N VAL A 454 -0.50 23.48 -16.99
CA VAL A 454 0.58 23.85 -17.90
C VAL A 454 1.75 22.87 -17.81
N GLY A 455 2.18 22.56 -16.58
CA GLY A 455 3.25 21.62 -16.35
C GLY A 455 4.61 22.25 -16.52
N PRO A 456 5.66 21.43 -16.58
CA PRO A 456 7.01 21.98 -16.76
C PRO A 456 7.11 22.76 -18.06
N LEU A 457 7.83 23.88 -17.99
CA LEU A 457 7.95 24.81 -19.12
C LEU A 457 9.10 24.38 -20.02
N ALA A 458 8.91 23.22 -20.65
CA ALA A 458 9.98 22.56 -21.36
C ALA A 458 10.11 23.09 -22.78
N ARG A 459 11.12 22.60 -23.49
CA ARG A 459 11.33 22.95 -24.88
C ARG A 459 11.87 21.73 -25.63
N GLY A 460 11.21 20.59 -25.49
CA GLY A 460 11.52 19.41 -26.26
C GLY A 460 12.13 18.25 -25.47
N ASN A 461 12.77 18.53 -24.34
CA ASN A 461 13.62 17.52 -23.72
C ASN A 461 13.12 17.09 -22.36
N SER A 462 11.80 16.95 -22.21
CA SER A 462 11.19 16.47 -20.97
C SER A 462 10.07 15.50 -21.29
N ARG A 463 10.22 14.24 -20.84
CA ARG A 463 9.18 13.23 -21.03
C ARG A 463 7.92 13.50 -20.21
N PHE A 464 7.96 14.48 -19.30
CA PHE A 464 6.78 14.76 -18.50
C PHE A 464 5.98 15.96 -18.99
N ALA A 465 6.45 16.66 -20.02
CA ALA A 465 5.91 17.94 -20.39
C ALA A 465 4.97 17.85 -21.60
N TRP A 466 4.07 18.83 -21.69
CA TRP A 466 3.07 18.88 -22.75
C TRP A 466 2.77 20.32 -23.13
N MET A 467 3.27 21.23 -22.30
CA MET A 467 3.05 22.66 -22.50
C MET A 467 3.42 23.08 -23.90
N THR A 468 2.74 24.13 -24.39
CA THR A 468 2.82 24.59 -25.77
C THR A 468 3.12 26.09 -25.81
N ARG A 469 4.12 26.47 -26.59
CA ARG A 469 4.47 27.88 -26.74
C ARG A 469 3.69 28.51 -27.89
N LYS A 470 3.50 29.82 -27.80
CA LYS A 470 3.12 30.63 -28.95
C LYS A 470 4.14 31.74 -29.19
N SER A 471 5.35 31.58 -28.65
CA SER A 471 6.49 32.45 -28.93
C SER A 471 7.75 31.80 -28.41
N GLU A 472 8.76 31.66 -29.26
CA GLU A 472 10.00 31.01 -28.85
C GLU A 472 10.87 32.06 -28.15
N GLU A 473 10.66 32.19 -26.84
CA GLU A 473 11.46 33.07 -25.99
C GLU A 473 11.24 32.66 -24.55
N THR A 474 12.20 33.02 -23.70
CA THR A 474 12.19 32.52 -22.33
C THR A 474 10.94 32.98 -21.59
N ILE A 475 10.24 32.02 -21.03
CA ILE A 475 9.05 32.29 -20.25
C ILE A 475 9.49 32.78 -18.87
N THR A 476 8.90 33.88 -18.44
CA THR A 476 9.12 34.49 -17.13
C THR A 476 7.80 34.72 -16.44
N PRO A 477 7.83 35.07 -15.14
CA PRO A 477 6.57 35.46 -14.47
C PRO A 477 5.86 36.60 -15.16
N TRP A 478 6.56 37.45 -15.91
CA TRP A 478 5.95 38.64 -16.48
C TRP A 478 5.44 38.46 -17.90
N ASN A 479 6.01 37.55 -18.69
CA ASN A 479 5.53 37.36 -20.06
C ASN A 479 4.70 36.08 -20.22
N PHE A 480 4.38 35.41 -19.12
CA PHE A 480 3.78 34.08 -19.19
C PHE A 480 2.48 34.06 -20.01
N GLU A 481 1.54 34.94 -19.66
CA GLU A 481 0.22 34.86 -20.29
C GLU A 481 0.26 35.14 -21.78
N GLU A 482 1.27 35.88 -22.25
CA GLU A 482 1.40 36.22 -23.65
C GLU A 482 2.49 35.42 -24.36
N VAL A 483 3.12 34.46 -23.67
CA VAL A 483 4.07 33.56 -24.31
C VAL A 483 3.55 32.13 -24.34
N VAL A 484 2.90 31.69 -23.26
CA VAL A 484 2.34 30.35 -23.20
C VAL A 484 1.04 30.31 -23.98
N ASP A 485 0.87 29.28 -24.79
CA ASP A 485 -0.43 28.99 -25.40
C ASP A 485 -1.25 28.26 -24.36
N LYS A 486 -2.00 29.02 -23.56
CA LYS A 486 -2.78 28.42 -22.47
C LYS A 486 -3.82 27.46 -23.00
N GLY A 487 -4.51 27.83 -24.09
CA GLY A 487 -5.57 26.99 -24.61
C GLY A 487 -5.10 25.62 -25.07
N ALA A 488 -4.01 25.59 -25.84
CA ALA A 488 -3.54 24.34 -26.40
C ALA A 488 -2.88 23.47 -25.33
N SER A 489 -2.17 24.11 -24.40
CA SER A 489 -1.59 23.36 -23.29
C SER A 489 -2.69 22.70 -22.46
N ALA A 490 -3.79 23.42 -22.21
CA ALA A 490 -4.89 22.84 -21.45
C ALA A 490 -5.51 21.67 -22.20
N GLN A 491 -5.65 21.79 -23.52
CA GLN A 491 -6.16 20.69 -24.32
C GLN A 491 -5.32 19.43 -24.14
N SER A 492 -4.00 19.55 -24.33
CA SER A 492 -3.09 18.43 -24.10
C SER A 492 -3.19 17.91 -22.67
N PHE A 493 -3.43 18.79 -21.70
CA PHE A 493 -3.61 18.38 -20.31
C PHE A 493 -4.79 17.43 -20.19
N ILE A 494 -5.92 17.75 -20.84
CA ILE A 494 -7.11 16.93 -20.69
C ILE A 494 -6.88 15.55 -21.30
N GLU A 495 -6.25 15.50 -22.48
CA GLU A 495 -5.97 14.22 -23.12
C GLU A 495 -5.14 13.34 -22.18
N ARG A 496 -4.02 13.87 -21.69
CA ARG A 496 -3.11 13.06 -20.88
C ARG A 496 -3.75 12.61 -19.57
N MET A 497 -4.71 13.38 -19.03
CA MET A 497 -5.23 13.13 -17.69
C MET A 497 -6.49 12.28 -17.69
N THR A 498 -6.96 11.86 -18.86
CA THR A 498 -8.14 11.02 -18.95
C THR A 498 -7.75 9.56 -18.81
N ASN A 499 -8.51 8.83 -18.02
CA ASN A 499 -8.43 7.38 -17.96
C ASN A 499 -9.49 6.77 -18.84
N PHE A 500 -9.17 5.64 -19.45
CA PHE A 500 -10.11 4.98 -20.34
C PHE A 500 -10.80 3.82 -19.65
N ASP A 501 -12.00 3.50 -20.14
CA ASP A 501 -12.81 2.44 -19.54
C ASP A 501 -12.16 1.09 -19.79
N LYS A 502 -11.77 0.41 -18.69
CA LYS A 502 -11.38 -0.99 -18.78
C LYS A 502 -12.38 -1.78 -19.61
N ASN A 503 -13.64 -1.77 -19.18
CA ASN A 503 -14.68 -2.59 -19.82
C ASN A 503 -14.78 -2.32 -21.30
N LEU A 504 -14.44 -1.13 -21.73
CA LEU A 504 -14.67 -0.77 -23.12
C LEU A 504 -13.70 0.36 -23.47
N PRO A 505 -12.44 0.01 -23.82
CA PRO A 505 -11.45 1.05 -24.11
C PRO A 505 -11.90 1.93 -25.26
N ASN A 506 -11.09 2.94 -25.54
CA ASN A 506 -11.41 4.05 -26.44
C ASN A 506 -12.48 4.96 -25.88
N GLU A 507 -13.03 4.67 -24.71
CA GLU A 507 -14.00 5.52 -24.05
C GLU A 507 -13.40 6.06 -22.77
N LYS A 508 -13.40 7.38 -22.61
CA LYS A 508 -12.97 8.00 -21.38
C LYS A 508 -13.91 7.61 -20.25
N VAL A 509 -13.39 7.66 -19.04
CA VAL A 509 -14.23 7.44 -17.88
C VAL A 509 -14.84 8.77 -17.47
N LEU A 510 -15.95 8.69 -16.74
CA LEU A 510 -16.61 9.88 -16.27
C LEU A 510 -15.96 10.39 -15.00
N PRO A 511 -16.13 11.67 -14.69
CA PRO A 511 -15.82 12.14 -13.33
C PRO A 511 -16.58 11.33 -12.30
N LYS A 512 -15.97 11.19 -11.11
CA LYS A 512 -16.66 10.49 -10.04
C LYS A 512 -17.93 11.23 -9.60
N HIS A 513 -18.06 12.51 -9.94
CA HIS A 513 -19.23 13.29 -9.56
C HIS A 513 -20.14 13.57 -10.75
N SER A 514 -20.00 12.76 -11.80
CA SER A 514 -20.89 12.82 -12.95
C SER A 514 -22.33 12.58 -12.54
N LEU A 515 -23.24 13.45 -12.98
CA LEU A 515 -24.67 13.28 -12.71
C LEU A 515 -25.16 11.94 -13.24
N LEU A 516 -24.64 11.50 -14.39
CA LEU A 516 -24.99 10.19 -14.93
C LEU A 516 -24.48 9.08 -14.03
N TYR A 517 -23.20 9.13 -13.66
CA TYR A 517 -22.63 8.16 -12.73
C TYR A 517 -23.46 8.06 -11.47
N GLU A 518 -23.97 9.20 -10.98
CA GLU A 518 -24.69 9.23 -9.72
C GLU A 518 -26.15 8.79 -9.87
N TYR A 519 -26.82 9.14 -10.98
CA TYR A 519 -28.08 8.50 -11.32
C TYR A 519 -27.89 6.99 -11.47
N PHE A 520 -26.88 6.60 -12.24
CA PHE A 520 -26.58 5.18 -12.45
C PHE A 520 -26.38 4.47 -11.12
N THR A 521 -25.71 5.13 -10.19
CA THR A 521 -25.35 4.48 -8.94
C THR A 521 -26.55 4.41 -8.00
N VAL A 522 -27.47 5.37 -8.07
CA VAL A 522 -28.69 5.27 -7.27
C VAL A 522 -29.60 4.19 -7.83
N TYR A 523 -29.78 4.14 -9.16
CA TYR A 523 -30.64 3.12 -9.76
C TYR A 523 -30.05 1.73 -9.61
N ASN A 524 -28.74 1.60 -9.50
CA ASN A 524 -28.18 0.27 -9.32
C ASN A 524 -28.36 -0.22 -7.89
N GLU A 525 -28.37 0.70 -6.93
CA GLU A 525 -28.68 0.31 -5.56
C GLU A 525 -30.18 0.08 -5.38
N LEU A 526 -31.01 0.87 -6.07
CA LEU A 526 -32.46 0.85 -5.94
C LEU A 526 -33.09 -0.41 -6.50
N THR A 527 -32.37 -1.19 -7.29
CA THR A 527 -33.01 -2.28 -8.00
C THR A 527 -32.99 -3.60 -7.24
N LYS A 528 -32.26 -3.67 -6.12
CA LYS A 528 -32.21 -4.89 -5.31
C LYS A 528 -33.04 -4.77 -4.04
N VAL A 529 -33.92 -3.77 -3.97
CA VAL A 529 -34.67 -3.47 -2.76
C VAL A 529 -36.06 -4.08 -2.91
N LYS A 530 -36.47 -4.85 -1.89
CA LYS A 530 -37.74 -5.59 -1.83
C LYS A 530 -38.65 -5.00 -0.76
N TYR A 531 -39.91 -5.42 -0.77
CA TYR A 531 -40.85 -4.93 0.25
C TYR A 531 -42.02 -5.91 0.41
N VAL A 532 -42.69 -5.71 1.54
CA VAL A 532 -43.89 -6.48 1.89
C VAL A 532 -44.85 -5.58 2.65
N THR A 533 -46.14 -5.71 2.35
CA THR A 533 -47.17 -5.02 3.11
C THR A 533 -48.38 -5.92 3.26
N GLU A 534 -49.33 -5.46 4.07
CA GLU A 534 -50.48 -6.29 4.48
C GLU A 534 -51.33 -6.72 3.30
N GLY A 535 -51.24 -7.99 2.93
CA GLY A 535 -52.00 -8.53 1.83
C GLY A 535 -51.12 -8.86 0.65
N MET A 536 -50.00 -9.53 0.91
CA MET A 536 -48.99 -9.82 -0.10
C MET A 536 -48.46 -11.24 0.07
N ARG A 537 -48.32 -11.96 -1.03
CA ARG A 537 -47.73 -13.30 -1.02
C ARG A 537 -46.24 -13.23 -0.69
N LYS A 538 -45.42 -12.79 -1.65
CA LYS A 538 -43.97 -12.85 -1.54
C LYS A 538 -43.35 -11.45 -1.40
N PRO A 539 -42.06 -11.37 -0.95
CA PRO A 539 -41.35 -10.08 -1.00
C PRO A 539 -41.13 -9.62 -2.43
N ALA A 540 -41.87 -8.59 -2.84
CA ALA A 540 -41.80 -8.10 -4.20
C ALA A 540 -40.63 -7.12 -4.39
N PHE A 541 -40.18 -7.00 -5.69
CA PHE A 541 -39.20 -5.99 -6.06
C PHE A 541 -39.89 -4.66 -6.34
N LEU A 542 -39.08 -3.62 -6.55
CA LEU A 542 -39.62 -2.31 -6.88
C LEU A 542 -39.93 -2.24 -8.36
N SER A 543 -41.17 -1.88 -8.67
CA SER A 543 -41.52 -1.58 -10.05
C SER A 543 -40.69 -0.40 -10.54
N GLY A 544 -40.30 -0.46 -11.81
CA GLY A 544 -39.58 0.65 -12.40
C GLY A 544 -40.32 1.95 -12.27
N GLU A 545 -41.66 1.89 -12.35
CA GLU A 545 -42.51 3.07 -12.12
C GLU A 545 -42.41 3.55 -10.68
N GLN A 546 -42.14 2.64 -9.74
CA GLN A 546 -41.89 3.02 -8.35
C GLN A 546 -40.46 3.55 -8.16
N LYS A 547 -39.46 2.89 -8.74
CA LYS A 547 -38.11 3.46 -8.69
C LYS A 547 -38.10 4.88 -9.23
N LYS A 548 -38.79 5.12 -10.34
CA LYS A 548 -38.77 6.44 -10.96
C LYS A 548 -39.46 7.47 -10.08
N ALA A 549 -40.50 7.08 -9.35
CA ALA A 549 -41.19 8.02 -8.48
C ALA A 549 -40.37 8.31 -7.23
N ILE A 550 -39.62 7.32 -6.75
CA ILE A 550 -38.79 7.51 -5.57
C ILE A 550 -37.66 8.49 -5.85
N VAL A 551 -36.90 8.26 -6.93
CA VAL A 551 -35.82 9.17 -7.28
C VAL A 551 -36.33 10.58 -7.52
N ASP A 552 -37.63 10.76 -7.76
CA ASP A 552 -38.16 12.09 -8.04
C ASP A 552 -38.69 12.79 -6.79
N LEU A 553 -39.22 12.06 -5.82
CA LEU A 553 -39.74 12.67 -4.60
C LEU A 553 -38.85 12.52 -3.38
N LEU A 554 -37.95 11.54 -3.36
CA LEU A 554 -37.02 11.35 -2.25
C LEU A 554 -35.60 11.75 -2.57
N PHE A 555 -35.03 11.19 -3.64
CA PHE A 555 -33.64 11.43 -3.97
C PHE A 555 -33.40 12.78 -4.61
N LYS A 556 -34.38 13.29 -5.37
CA LYS A 556 -34.25 14.62 -5.96
C LYS A 556 -34.74 15.71 -5.02
N THR A 557 -35.17 15.36 -3.80
CA THR A 557 -35.56 16.32 -2.78
C THR A 557 -34.64 16.32 -1.57
N ASN A 558 -33.97 15.21 -1.28
CA ASN A 558 -33.03 15.10 -0.18
C ASN A 558 -31.67 14.62 -0.69
N ARG A 559 -30.67 14.75 0.18
CA ARG A 559 -29.36 14.17 -0.10
C ARG A 559 -29.30 12.71 0.35
N LYS A 560 -29.64 12.46 1.61
CA LYS A 560 -29.74 11.11 2.14
C LYS A 560 -31.22 10.73 2.19
N VAL A 561 -31.56 9.59 1.61
CA VAL A 561 -32.88 9.00 1.77
C VAL A 561 -32.71 7.78 2.68
N THR A 562 -33.61 7.64 3.66
CA THR A 562 -33.52 6.60 4.66
C THR A 562 -34.74 5.69 4.60
N VAL A 563 -34.57 4.48 5.15
CA VAL A 563 -35.67 3.51 5.18
C VAL A 563 -36.93 4.11 5.78
N LYS A 564 -36.76 5.11 6.67
CA LYS A 564 -37.91 5.77 7.29
C LYS A 564 -38.71 6.58 6.27
N GLN A 565 -38.09 7.57 5.64
CA GLN A 565 -38.82 8.36 4.65
C GLN A 565 -39.27 7.50 3.48
N LEU A 566 -38.53 6.43 3.17
CA LEU A 566 -39.02 5.45 2.20
C LEU A 566 -40.30 4.79 2.70
N LYS A 567 -40.23 4.13 3.85
CA LYS A 567 -41.38 3.42 4.39
C LYS A 567 -42.51 4.37 4.78
N GLU A 568 -42.19 5.64 5.10
CA GLU A 568 -43.21 6.56 5.57
C GLU A 568 -43.56 7.63 4.53
N ASP A 569 -42.57 8.40 4.05
CA ASP A 569 -42.86 9.51 3.15
C ASP A 569 -43.39 9.04 1.79
N TYR A 570 -42.96 7.86 1.33
CA TYR A 570 -43.37 7.34 0.03
C TYR A 570 -44.43 6.25 0.11
N PHE A 571 -44.16 5.15 0.84
CA PHE A 571 -45.11 4.04 0.87
C PHE A 571 -46.41 4.45 1.56
N LYS A 572 -46.33 4.99 2.77
CA LYS A 572 -47.50 5.31 3.57
C LYS A 572 -48.08 6.68 3.25
N LYS A 573 -47.51 7.42 2.29
CA LYS A 573 -48.03 8.72 1.92
C LYS A 573 -48.32 8.87 0.43
N ILE A 574 -47.85 7.95 -0.42
CA ILE A 574 -48.17 7.95 -1.84
C ILE A 574 -48.95 6.71 -2.25
N GLU A 575 -48.62 5.57 -1.67
CA GLU A 575 -49.20 4.29 -2.04
C GLU A 575 -50.24 3.79 -1.04
N CYS A 576 -50.69 4.65 -0.12
CA CYS A 576 -51.77 4.37 0.83
C CYS A 576 -51.53 3.08 1.64
N PHE A 577 -50.28 2.83 2.00
CA PHE A 577 -49.95 1.70 2.87
C PHE A 577 -50.03 2.11 4.33
N ASP A 578 -49.99 1.11 5.21
CA ASP A 578 -49.99 1.31 6.66
C ASP A 578 -48.65 0.96 7.29
N SER A 579 -48.02 -0.14 6.87
CA SER A 579 -46.73 -0.53 7.40
C SER A 579 -46.09 -1.46 6.38
N VAL A 580 -44.93 -1.07 5.87
CA VAL A 580 -44.27 -1.77 4.76
C VAL A 580 -42.92 -2.25 5.24
N GLU A 581 -42.76 -3.56 5.09
CA GLU A 581 -41.45 -4.10 5.42
C GLU A 581 -40.47 -3.87 4.29
N ILE A 582 -39.35 -3.23 4.59
CA ILE A 582 -38.28 -2.99 3.61
C ILE A 582 -37.25 -4.07 3.85
N SER A 583 -36.75 -4.68 2.79
CA SER A 583 -35.86 -5.84 2.92
C SER A 583 -34.81 -5.87 1.82
N GLY A 584 -34.14 -4.74 1.61
CA GLY A 584 -32.99 -4.70 0.73
C GLY A 584 -32.00 -3.62 1.11
N VAL A 585 -32.38 -2.78 2.07
CA VAL A 585 -31.62 -1.57 2.39
C VAL A 585 -31.71 -1.32 3.90
N GLU A 586 -30.54 -1.08 4.51
CA GLU A 586 -30.35 -1.22 5.96
C GLU A 586 -30.87 -0.02 6.73
N ASP A 587 -29.98 0.99 6.87
CA ASP A 587 -30.49 2.16 7.58
C ASP A 587 -30.92 3.27 6.62
N ARG A 588 -30.09 3.57 5.63
CA ARG A 588 -30.43 4.54 4.60
C ARG A 588 -29.81 4.05 3.30
N PHE A 589 -29.87 4.89 2.29
CA PHE A 589 -29.22 4.57 1.03
C PHE A 589 -27.81 5.15 1.03
N ASN A 590 -26.85 4.34 0.56
CA ASN A 590 -25.47 4.82 0.50
C ASN A 590 -25.28 5.81 -0.63
N ALA A 591 -25.81 5.49 -1.81
CA ALA A 591 -25.64 6.37 -2.96
C ALA A 591 -26.51 7.62 -2.83
N SER A 592 -26.16 8.63 -3.61
CA SER A 592 -26.87 9.90 -3.51
C SER A 592 -26.72 10.64 -4.82
N LEU A 593 -27.69 11.50 -5.10
CA LEU A 593 -27.58 12.49 -6.16
C LEU A 593 -26.90 13.75 -5.65
N GLY A 594 -25.73 13.59 -5.03
CA GLY A 594 -25.03 14.72 -4.45
C GLY A 594 -24.86 15.87 -5.40
N THR A 595 -24.45 15.57 -6.64
CA THR A 595 -24.19 16.62 -7.62
C THR A 595 -25.48 17.36 -7.99
N TYR A 596 -26.58 16.63 -8.16
CA TYR A 596 -27.86 17.28 -8.40
C TYR A 596 -28.12 18.37 -7.36
N HIS A 597 -27.90 18.05 -6.08
CA HIS A 597 -28.23 19.01 -5.04
C HIS A 597 -27.22 20.13 -4.94
N ASP A 598 -25.94 19.85 -5.22
CA ASP A 598 -24.97 20.93 -5.35
C ASP A 598 -25.42 21.92 -6.43
N LEU A 599 -25.85 21.39 -7.58
CA LEU A 599 -26.26 22.26 -8.67
C LEU A 599 -27.62 22.90 -8.40
N LEU A 600 -28.52 22.18 -7.72
CA LEU A 600 -29.79 22.78 -7.33
C LEU A 600 -29.56 23.95 -6.39
N LYS A 601 -28.68 23.77 -5.41
CA LYS A 601 -28.43 24.84 -4.44
C LYS A 601 -27.77 26.03 -5.12
N ILE A 602 -26.85 25.81 -6.05
CA ILE A 602 -26.11 26.90 -6.66
C ILE A 602 -26.94 27.59 -7.74
N ILE A 603 -27.64 26.79 -8.55
CA ILE A 603 -28.33 27.28 -9.73
C ILE A 603 -29.78 27.68 -9.45
N LYS A 604 -30.39 27.12 -8.39
CA LYS A 604 -31.71 27.55 -7.91
C LYS A 604 -32.76 27.51 -9.02
N ASP A 605 -32.77 26.40 -9.80
CA ASP A 605 -33.61 26.28 -11.00
C ASP A 605 -33.94 24.79 -11.21
N LYS A 606 -34.92 24.30 -10.43
CA LYS A 606 -35.26 22.87 -10.40
C LYS A 606 -35.68 22.36 -11.77
N ASP A 607 -36.41 23.17 -12.53
CA ASP A 607 -36.85 22.76 -13.87
C ASP A 607 -35.65 22.56 -14.80
N PHE A 608 -34.69 23.50 -14.77
CA PHE A 608 -33.49 23.39 -15.59
C PHE A 608 -32.76 22.08 -15.33
N LEU A 609 -32.61 21.70 -14.15
CA LEU A 609 -31.88 20.53 -13.80
C LEU A 609 -32.59 19.27 -14.15
N ASP A 610 -33.91 19.28 -14.13
CA ASP A 610 -34.67 18.08 -14.41
C ASP A 610 -34.94 17.88 -15.88
N ASN A 611 -34.85 18.96 -16.67
CA ASN A 611 -34.93 18.91 -18.12
C ASN A 611 -33.79 18.09 -18.69
N GLU A 612 -34.04 16.81 -18.98
CA GLU A 612 -32.97 15.94 -19.45
C GLU A 612 -32.58 16.22 -20.90
N GLU A 613 -32.63 17.49 -21.15
CA GLU A 613 -32.22 18.11 -22.38
C GLU A 613 -30.92 18.85 -22.07
N ASN A 614 -30.79 19.40 -20.87
CA ASN A 614 -29.65 20.11 -20.41
C ASN A 614 -28.54 19.21 -19.89
N GLU A 615 -28.72 17.79 -19.91
CA GLU A 615 -27.83 16.88 -19.20
C GLU A 615 -26.40 16.95 -19.75
N ASP A 616 -26.22 17.33 -21.03
CA ASP A 616 -24.88 17.53 -21.56
C ASP A 616 -24.22 18.78 -20.99
N ILE A 617 -24.97 19.88 -20.92
CA ILE A 617 -24.44 21.10 -20.31
C ILE A 617 -23.93 20.80 -18.90
N LEU A 618 -24.73 20.10 -18.09
CA LEU A 618 -24.33 19.91 -16.70
C LEU A 618 -23.14 18.98 -16.58
N GLU A 619 -23.12 17.91 -17.38
CA GLU A 619 -22.01 16.97 -17.33
C GLU A 619 -20.71 17.63 -17.78
N ASP A 620 -20.79 18.49 -18.80
CA ASP A 620 -19.59 19.23 -19.20
C ASP A 620 -19.14 20.19 -18.11
N ILE A 621 -20.08 20.77 -17.36
CA ILE A 621 -19.71 21.62 -16.24
C ILE A 621 -18.97 20.82 -15.18
N VAL A 622 -19.54 19.69 -14.76
CA VAL A 622 -18.87 18.82 -13.80
C VAL A 622 -17.52 18.36 -14.34
N LEU A 623 -17.47 18.04 -15.63
CA LEU A 623 -16.20 17.67 -16.25
C LEU A 623 -15.15 18.77 -16.06
N THR A 624 -15.54 20.03 -16.28
CA THR A 624 -14.57 21.11 -16.18
C THR A 624 -14.11 21.30 -14.73
N LEU A 625 -15.02 21.21 -13.79
CA LEU A 625 -14.64 21.36 -12.38
C LEU A 625 -13.91 20.14 -11.84
N THR A 626 -13.84 19.05 -12.59
CA THR A 626 -12.98 17.94 -12.20
C THR A 626 -11.57 18.11 -12.74
N LEU A 627 -11.46 18.47 -14.03
CA LEU A 627 -10.15 18.61 -14.65
C LEU A 627 -9.35 19.76 -14.06
N PHE A 628 -10.01 20.81 -13.54
CA PHE A 628 -9.33 22.08 -13.35
C PHE A 628 -9.54 22.66 -11.94
N GLU A 629 -8.57 23.50 -11.55
CA GLU A 629 -8.66 24.36 -10.37
C GLU A 629 -8.27 25.81 -10.65
N ASP A 630 -7.47 26.06 -11.69
CA ASP A 630 -7.15 27.39 -12.17
C ASP A 630 -8.43 28.14 -12.50
N ARG A 631 -8.85 29.05 -11.61
CA ARG A 631 -10.08 29.80 -11.83
C ARG A 631 -10.06 30.58 -13.14
N GLU A 632 -8.88 30.98 -13.61
CA GLU A 632 -8.82 31.68 -14.89
C GLU A 632 -9.19 30.74 -16.03
N MET A 633 -8.78 29.47 -15.95
CA MET A 633 -9.15 28.51 -17.00
C MET A 633 -10.59 28.04 -16.86
N ILE A 634 -11.13 28.06 -15.63
CA ILE A 634 -12.53 27.71 -15.44
C ILE A 634 -13.41 28.80 -16.01
N GLU A 635 -13.03 30.07 -15.81
CA GLU A 635 -13.76 31.18 -16.39
C GLU A 635 -13.85 31.07 -17.89
N GLU A 636 -12.73 30.73 -18.55
CA GLU A 636 -12.75 30.63 -19.99
C GLU A 636 -13.61 29.45 -20.45
N ARG A 637 -13.59 28.36 -19.71
CA ARG A 637 -14.29 27.16 -20.12
C ARG A 637 -15.76 27.16 -19.74
N LEU A 638 -16.23 28.19 -19.04
CA LEU A 638 -17.64 28.38 -18.75
C LEU A 638 -18.22 29.59 -19.47
N LYS A 639 -17.40 30.31 -20.24
CA LYS A 639 -17.86 31.52 -20.91
C LYS A 639 -19.10 31.28 -21.77
N THR A 640 -19.22 30.08 -22.37
CA THR A 640 -20.34 29.82 -23.29
C THR A 640 -21.70 29.86 -22.60
N TYR A 641 -21.76 29.45 -21.33
CA TYR A 641 -23.01 29.42 -20.58
C TYR A 641 -23.25 30.69 -19.79
N ALA A 642 -22.65 31.81 -20.18
CA ALA A 642 -22.98 33.08 -19.54
C ALA A 642 -24.41 33.50 -19.84
N HIS A 643 -24.95 33.12 -20.99
CA HIS A 643 -26.35 33.41 -21.28
C HIS A 643 -27.28 32.61 -20.38
N LEU A 644 -26.88 31.40 -19.98
CA LEU A 644 -27.76 30.51 -19.26
C LEU A 644 -27.89 30.83 -17.78
N PHE A 645 -26.90 31.51 -17.18
CA PHE A 645 -26.85 31.68 -15.74
C PHE A 645 -26.50 33.11 -15.37
N ASP A 646 -26.95 33.51 -14.19
CA ASP A 646 -26.73 34.84 -13.64
C ASP A 646 -25.31 34.97 -13.09
N ASP A 647 -24.78 36.19 -13.12
CA ASP A 647 -23.45 36.45 -12.56
C ASP A 647 -23.35 36.03 -11.10
N LYS A 648 -24.48 35.92 -10.40
CA LYS A 648 -24.46 35.45 -9.01
C LYS A 648 -24.27 33.93 -8.94
N VAL A 649 -24.97 33.17 -9.79
CA VAL A 649 -24.79 31.72 -9.81
C VAL A 649 -23.55 31.34 -10.63
N MET A 650 -23.20 32.16 -11.62
CA MET A 650 -21.98 31.96 -12.37
C MET A 650 -20.75 32.01 -11.47
N LYS A 651 -20.70 33.02 -10.59
CA LYS A 651 -19.61 33.14 -9.64
C LYS A 651 -19.54 31.93 -8.72
N GLN A 652 -20.68 31.53 -8.16
CA GLN A 652 -20.72 30.45 -7.18
C GLN A 652 -20.32 29.11 -7.81
N LEU A 653 -20.56 28.93 -9.11
CA LEU A 653 -20.20 27.69 -9.78
C LEU A 653 -18.69 27.47 -9.75
N LYS A 654 -17.94 28.43 -10.30
CA LYS A 654 -16.48 28.33 -10.34
C LYS A 654 -15.89 27.99 -8.98
N ARG A 655 -16.40 28.59 -7.92
CA ARG A 655 -15.88 28.33 -6.58
C ARG A 655 -16.20 26.93 -6.06
N ARG A 656 -16.97 26.16 -6.80
CA ARG A 656 -17.30 24.79 -6.43
C ARG A 656 -16.31 23.85 -7.13
N ARG A 657 -15.71 22.95 -6.36
CA ARG A 657 -14.70 22.08 -6.93
C ARG A 657 -15.15 20.63 -6.84
N TYR A 658 -14.59 19.82 -7.72
CA TYR A 658 -14.85 18.39 -7.76
C TYR A 658 -13.54 17.69 -8.10
N THR A 659 -13.29 16.57 -7.43
CA THR A 659 -12.15 15.73 -7.73
C THR A 659 -12.58 14.27 -7.76
N GLY A 660 -11.95 13.50 -8.66
CA GLY A 660 -12.15 12.07 -8.71
C GLY A 660 -12.67 11.56 -10.04
N TRP A 661 -12.20 10.39 -10.47
CA TRP A 661 -12.80 9.69 -11.59
C TRP A 661 -13.51 8.44 -11.11
N GLY A 662 -14.49 8.00 -11.91
CA GLY A 662 -15.13 6.71 -11.71
C GLY A 662 -14.51 5.67 -12.62
N ARG A 663 -15.06 4.45 -12.55
CA ARG A 663 -14.53 3.30 -13.27
C ARG A 663 -15.11 3.14 -14.69
N LEU A 664 -16.26 3.74 -14.97
CA LEU A 664 -17.06 3.44 -16.15
C LEU A 664 -17.18 4.65 -17.06
N SER A 665 -17.47 4.38 -18.33
CA SER A 665 -17.70 5.40 -19.34
C SER A 665 -19.20 5.60 -19.58
N ARG A 666 -19.55 6.79 -20.07
CA ARG A 666 -20.94 7.08 -20.40
C ARG A 666 -21.48 6.08 -21.41
N LYS A 667 -20.65 5.66 -22.37
CA LYS A 667 -21.13 4.74 -23.39
C LYS A 667 -21.48 3.40 -22.78
N LEU A 668 -20.75 2.98 -21.75
CA LEU A 668 -21.06 1.72 -21.11
C LEU A 668 -22.39 1.80 -20.36
N ILE A 669 -22.58 2.83 -19.57
CA ILE A 669 -23.78 2.99 -18.81
C ILE A 669 -25.02 3.28 -19.63
N ASN A 670 -24.91 4.15 -20.62
CA ASN A 670 -26.04 4.53 -21.42
C ASN A 670 -25.66 4.60 -22.89
N GLY A 671 -24.86 3.66 -23.35
CA GLY A 671 -24.43 3.60 -24.73
C GLY A 671 -24.82 2.31 -25.42
N ILE A 672 -24.00 1.28 -25.24
CA ILE A 672 -24.26 -0.02 -25.84
C ILE A 672 -25.65 -0.53 -25.47
N ARG A 673 -26.37 -1.05 -26.46
CA ARG A 673 -27.71 -1.56 -26.23
C ARG A 673 -27.75 -3.06 -26.47
N ASP A 674 -28.49 -3.72 -25.62
CA ASP A 674 -28.91 -5.09 -25.92
C ASP A 674 -29.54 -5.16 -27.30
N LYS A 675 -29.07 -6.10 -28.11
CA LYS A 675 -29.58 -6.25 -29.48
C LYS A 675 -31.11 -6.38 -29.49
N GLN A 676 -31.64 -7.44 -28.85
CA GLN A 676 -33.07 -7.76 -28.97
C GLN A 676 -33.96 -6.66 -28.38
N SER A 677 -33.57 -6.11 -27.23
CA SER A 677 -34.41 -5.15 -26.52
C SER A 677 -34.16 -3.71 -26.89
N GLY A 678 -32.96 -3.38 -27.39
CA GLY A 678 -32.61 -1.99 -27.57
C GLY A 678 -32.47 -1.23 -26.26
N LYS A 679 -32.19 -1.94 -25.17
CA LYS A 679 -32.03 -1.35 -23.85
C LYS A 679 -30.55 -1.15 -23.56
N THR A 680 -30.20 0.06 -23.12
CA THR A 680 -28.89 0.30 -22.56
C THR A 680 -28.82 -0.29 -21.14
N ILE A 681 -27.63 -0.29 -20.56
CA ILE A 681 -27.47 -0.82 -19.21
C ILE A 681 -28.33 -0.03 -18.23
N LEU A 682 -28.13 1.28 -18.19
CA LEU A 682 -28.95 2.11 -17.31
C LEU A 682 -30.43 1.94 -17.62
N ASP A 683 -30.77 1.65 -18.89
CA ASP A 683 -32.16 1.35 -19.22
C ASP A 683 -32.66 0.14 -18.45
N PHE A 684 -31.80 -0.87 -18.26
CA PHE A 684 -32.22 -2.06 -17.52
C PHE A 684 -32.37 -1.77 -16.03
N LEU A 685 -31.40 -1.07 -15.43
CA LEU A 685 -31.47 -0.77 -14.01
C LEU A 685 -32.78 -0.07 -13.64
N LYS A 686 -33.45 0.57 -14.60
CA LYS A 686 -34.70 1.25 -14.29
C LYS A 686 -35.89 0.29 -14.34
N SER A 687 -35.99 -0.50 -15.41
CA SER A 687 -37.10 -1.44 -15.61
C SER A 687 -36.58 -2.81 -15.99
N ASP A 688 -37.17 -3.85 -15.41
CA ASP A 688 -36.70 -5.21 -15.70
C ASP A 688 -37.72 -6.29 -15.35
N GLY A 689 -38.89 -5.90 -14.84
CA GLY A 689 -39.94 -6.88 -14.58
C GLY A 689 -39.70 -7.68 -13.33
N PHE A 690 -40.06 -8.97 -13.37
CA PHE A 690 -39.88 -9.84 -12.21
C PHE A 690 -38.42 -9.86 -11.76
N ALA A 691 -37.51 -10.27 -12.64
CA ALA A 691 -36.09 -10.29 -12.33
C ALA A 691 -35.52 -8.89 -12.42
N ASN A 692 -34.97 -8.38 -11.32
CA ASN A 692 -34.46 -7.00 -11.20
C ASN A 692 -32.94 -7.04 -11.09
N ARG A 693 -32.27 -7.08 -12.24
CA ARG A 693 -30.81 -7.24 -12.27
C ARG A 693 -30.11 -5.92 -12.02
N ASN A 694 -28.88 -5.99 -11.48
CA ASN A 694 -28.06 -4.80 -11.24
C ASN A 694 -27.01 -4.63 -12.34
N PHE A 695 -25.84 -4.09 -12.00
CA PHE A 695 -24.79 -3.90 -12.98
C PHE A 695 -23.93 -5.15 -13.13
N MET A 696 -23.33 -5.62 -12.03
CA MET A 696 -22.44 -6.78 -12.09
C MET A 696 -23.14 -8.01 -12.63
N GLN A 697 -24.45 -8.08 -12.46
CA GLN A 697 -25.24 -9.11 -13.14
C GLN A 697 -25.35 -8.83 -14.63
N LEU A 698 -25.77 -7.61 -15.00
CA LEU A 698 -25.99 -7.29 -16.41
C LEU A 698 -24.75 -7.51 -17.27
N ILE A 699 -23.55 -7.26 -16.71
CA ILE A 699 -22.32 -7.56 -17.46
C ILE A 699 -22.08 -9.06 -17.53
N HIS A 700 -22.18 -9.68 -16.38
CA HIS A 700 -21.98 -11.09 -16.30
C HIS A 700 -23.04 -11.84 -17.08
N ASP A 701 -24.27 -11.37 -17.07
CA ASP A 701 -25.34 -12.10 -17.75
C ASP A 701 -25.10 -12.41 -19.21
N ASP A 702 -24.97 -13.70 -19.48
CA ASP A 702 -24.70 -14.20 -20.79
C ASP A 702 -25.91 -14.28 -21.72
N SER A 703 -27.10 -14.00 -21.17
CA SER A 703 -28.32 -13.86 -21.93
C SER A 703 -28.50 -12.53 -22.65
N LEU A 704 -27.56 -11.60 -22.50
CA LEU A 704 -27.69 -10.35 -23.20
C LEU A 704 -26.51 -10.05 -24.07
N THR A 705 -26.58 -8.94 -24.78
CA THR A 705 -25.53 -8.55 -25.69
C THR A 705 -24.38 -7.78 -25.06
N PHE A 706 -24.49 -7.39 -23.79
CA PHE A 706 -23.48 -6.56 -23.14
C PHE A 706 -22.14 -7.28 -23.01
N LYS A 707 -22.13 -8.44 -22.32
CA LYS A 707 -20.88 -9.16 -22.09
C LYS A 707 -20.14 -9.46 -23.38
N GLU A 708 -20.87 -9.81 -24.44
CA GLU A 708 -20.23 -10.11 -25.71
C GLU A 708 -19.52 -8.88 -26.27
N ASP A 709 -20.21 -7.74 -26.27
CA ASP A 709 -19.63 -6.51 -26.82
C ASP A 709 -18.47 -6.00 -25.95
N ILE A 710 -18.56 -6.19 -24.63
CA ILE A 710 -17.43 -5.87 -23.75
C ILE A 710 -16.19 -6.61 -24.23
N GLN A 711 -16.29 -7.94 -24.37
CA GLN A 711 -15.19 -8.73 -24.91
C GLN A 711 -14.79 -8.27 -26.30
N LYS A 712 -15.73 -8.13 -27.16
CA LYS A 712 -15.45 -7.64 -28.51
C LYS A 712 -14.72 -6.30 -28.49
N ALA A 713 -14.86 -5.64 -27.35
CA ALA A 713 -14.30 -4.33 -27.11
C ALA A 713 -12.85 -4.40 -26.76
N GLN A 714 -12.57 -5.10 -25.68
CA GLN A 714 -11.25 -5.33 -25.18
C GLN A 714 -10.54 -5.98 -26.33
N VAL A 715 -9.75 -5.22 -27.04
CA VAL A 715 -9.12 -5.72 -28.24
C VAL A 715 -7.68 -5.33 -28.33
N SER A 716 -7.27 -4.31 -27.57
CA SER A 716 -5.90 -3.83 -27.59
C SER A 716 -5.47 -3.51 -29.01
N ASP A 720 -0.25 -4.51 -29.42
CA ASP A 720 0.93 -4.25 -30.23
C ASP A 720 2.19 -4.98 -29.70
N SER A 721 3.00 -4.30 -28.88
CA SER A 721 4.24 -4.85 -28.35
C SER A 721 3.99 -5.57 -27.02
N LEU A 722 5.03 -6.17 -26.45
CA LEU A 722 4.86 -6.90 -25.19
C LEU A 722 4.84 -5.95 -23.99
N HIS A 723 5.80 -5.04 -23.92
CA HIS A 723 5.84 -4.12 -22.78
C HIS A 723 4.66 -3.17 -22.81
N GLU A 724 4.07 -2.94 -23.97
CA GLU A 724 2.77 -2.29 -24.04
C GLU A 724 1.73 -3.07 -23.23
N HIS A 725 1.46 -4.30 -23.67
CA HIS A 725 0.46 -5.14 -23.00
C HIS A 725 0.68 -5.19 -21.49
N ILE A 726 1.92 -5.11 -21.04
CA ILE A 726 2.20 -5.25 -19.61
C ILE A 726 2.04 -3.92 -18.88
N ALA A 727 2.38 -2.81 -19.53
CA ALA A 727 2.12 -1.50 -18.94
C ALA A 727 0.63 -1.28 -18.76
N ASN A 728 -0.19 -1.68 -19.77
CA ASN A 728 -1.66 -1.54 -19.84
C ASN A 728 -2.42 -2.41 -18.82
N LEU A 729 -1.77 -3.11 -17.89
CA LEU A 729 -2.49 -3.93 -16.93
C LEU A 729 -2.85 -3.13 -15.70
N ALA A 730 -4.08 -3.33 -15.23
CA ALA A 730 -4.45 -2.91 -13.89
C ALA A 730 -3.66 -3.76 -12.91
N GLY A 731 -2.50 -3.29 -12.51
CA GLY A 731 -1.71 -4.06 -11.57
C GLY A 731 -0.62 -3.24 -10.93
N SER A 732 -0.23 -3.68 -9.73
CA SER A 732 0.92 -3.13 -9.05
C SER A 732 2.17 -3.29 -9.91
N PRO A 733 3.17 -2.41 -9.75
CA PRO A 733 4.42 -2.60 -10.50
C PRO A 733 5.20 -3.83 -10.08
N ALA A 734 4.97 -4.35 -8.86
CA ALA A 734 5.59 -5.60 -8.45
C ALA A 734 5.07 -6.76 -9.29
N ILE A 735 3.73 -6.79 -9.41
CA ILE A 735 3.16 -7.92 -10.14
C ILE A 735 3.55 -7.85 -11.62
N LYS A 736 3.57 -6.65 -12.21
CA LYS A 736 3.98 -6.52 -13.61
C LYS A 736 5.40 -7.05 -13.83
N LYS A 737 6.32 -6.77 -12.91
CA LYS A 737 7.64 -7.35 -12.98
C LYS A 737 7.55 -8.88 -13.00
N GLY A 738 6.83 -9.45 -12.03
CA GLY A 738 6.71 -10.89 -11.95
C GLY A 738 6.06 -11.48 -13.20
N ILE A 739 5.10 -10.76 -13.78
CA ILE A 739 4.47 -11.22 -15.01
C ILE A 739 5.50 -11.26 -16.14
N LEU A 740 6.32 -10.22 -16.26
CA LEU A 740 7.30 -10.17 -17.34
C LEU A 740 8.34 -11.26 -17.20
N GLN A 741 8.76 -11.55 -15.97
CA GLN A 741 9.66 -12.69 -15.75
C GLN A 741 8.97 -14.00 -16.14
N THR A 742 7.68 -14.11 -15.82
CA THR A 742 6.94 -15.30 -16.15
C THR A 742 6.94 -15.56 -17.66
N VAL A 743 6.71 -14.52 -18.45
CA VAL A 743 6.76 -14.66 -19.90
C VAL A 743 8.12 -15.18 -20.34
N LYS A 744 9.19 -14.68 -19.71
CA LYS A 744 10.55 -15.05 -20.15
C LYS A 744 10.84 -16.51 -19.81
N VAL A 745 10.32 -16.98 -18.68
CA VAL A 745 10.45 -18.39 -18.33
C VAL A 745 9.77 -19.28 -19.37
N VAL A 746 8.55 -18.92 -19.77
CA VAL A 746 7.83 -19.75 -20.73
C VAL A 746 8.60 -19.86 -22.04
N ASP A 747 9.15 -18.73 -22.52
CA ASP A 747 9.95 -18.74 -23.74
C ASP A 747 11.17 -19.63 -23.60
N GLU A 748 11.89 -19.52 -22.48
CA GLU A 748 13.08 -20.34 -22.32
C GLU A 748 12.73 -21.82 -22.27
N LEU A 749 11.62 -22.17 -21.59
CA LEU A 749 11.22 -23.57 -21.50
C LEU A 749 10.83 -24.11 -22.87
N VAL A 750 10.24 -23.28 -23.71
CA VAL A 750 9.91 -23.71 -25.06
C VAL A 750 11.19 -24.09 -25.80
N LYS A 751 12.23 -23.25 -25.71
CA LYS A 751 13.53 -23.55 -26.28
C LYS A 751 14.06 -24.89 -25.76
N VAL A 752 14.07 -25.06 -24.44
CA VAL A 752 14.57 -26.29 -23.84
C VAL A 752 13.90 -27.51 -24.44
N MET A 753 12.59 -27.42 -24.65
CA MET A 753 11.78 -28.52 -25.19
C MET A 753 11.73 -28.51 -26.70
N GLY A 754 12.85 -28.19 -27.35
CA GLY A 754 12.94 -28.34 -28.78
C GLY A 754 12.17 -27.33 -29.58
N ARG A 755 11.88 -26.17 -29.01
CA ARG A 755 11.00 -25.15 -29.60
C ARG A 755 9.59 -25.70 -29.90
N HIS A 756 9.22 -26.84 -29.33
CA HIS A 756 7.87 -27.35 -29.39
C HIS A 756 7.04 -26.67 -28.30
N LYS A 757 5.83 -26.22 -28.65
CA LYS A 757 5.02 -25.54 -27.64
C LYS A 757 4.37 -26.57 -26.72
N PRO A 758 3.99 -26.15 -25.51
CA PRO A 758 3.35 -27.09 -24.59
C PRO A 758 1.91 -27.38 -25.00
N GLU A 759 1.38 -28.47 -24.44
CA GLU A 759 -0.05 -28.72 -24.60
C GLU A 759 -0.86 -27.74 -23.76
N ASN A 760 -0.47 -27.56 -22.50
CA ASN A 760 -1.13 -26.63 -21.60
C ASN A 760 -0.10 -25.79 -20.87
N ILE A 761 -0.50 -24.57 -20.57
CA ILE A 761 0.15 -23.74 -19.58
C ILE A 761 -0.86 -23.53 -18.47
N VAL A 762 -0.55 -23.99 -17.26
CA VAL A 762 -1.40 -23.81 -16.09
C VAL A 762 -0.83 -22.68 -15.23
N ILE A 763 -1.66 -21.68 -14.94
CA ILE A 763 -1.25 -20.47 -14.22
C ILE A 763 -2.00 -20.37 -12.92
N GLU A 764 -1.29 -20.02 -11.86
CA GLU A 764 -1.89 -19.56 -10.62
C GLU A 764 -1.07 -18.36 -10.16
N MET A 765 -1.76 -17.37 -9.58
CA MET A 765 -1.20 -16.09 -9.21
C MET A 765 -1.43 -15.84 -7.75
N ALA A 766 -0.38 -15.41 -7.05
CA ALA A 766 -0.54 -15.10 -5.64
C ALA A 766 -1.44 -13.88 -5.44
N ARG A 767 -2.01 -13.81 -4.25
CA ARG A 767 -2.74 -12.63 -3.81
C ARG A 767 -1.74 -11.68 -3.18
N GLU A 768 -1.87 -10.40 -3.50
CA GLU A 768 -0.95 -9.38 -3.00
C GLU A 768 -1.41 -8.82 -1.65
N ASN A 769 -0.49 -8.10 -1.00
CA ASN A 769 -0.83 -7.23 0.14
C ASN A 769 -1.43 -8.02 1.30
N GLN A 770 -0.98 -9.25 1.47
CA GLN A 770 -1.29 -10.03 2.67
C GLN A 770 -0.26 -9.75 3.77
N THR A 771 -0.20 -8.46 4.16
CA THR A 771 0.91 -7.91 4.95
C THR A 771 0.73 -8.06 6.46
N THR A 772 -0.52 -7.94 6.97
CA THR A 772 -0.70 -7.80 8.41
C THR A 772 -0.49 -9.12 9.15
N GLN A 773 -0.98 -10.23 8.58
CA GLN A 773 -0.84 -11.57 9.15
C GLN A 773 -1.56 -11.75 10.49
N LYS A 774 -1.57 -13.00 10.97
CA LYS A 774 -2.31 -13.40 12.17
C LYS A 774 -3.81 -13.06 12.06
N GLN A 776 -5.62 -10.85 14.26
CA GLN A 776 -5.76 -9.66 15.10
C GLN A 776 -6.73 -8.65 14.48
N LYS A 777 -6.54 -8.36 13.19
CA LYS A 777 -7.46 -7.46 12.47
C LYS A 777 -8.85 -8.08 12.35
N ASN A 778 -8.92 -9.32 11.84
CA ASN A 778 -10.20 -10.03 11.73
C ASN A 778 -10.75 -10.44 13.09
N SER A 779 -9.90 -10.58 14.11
CA SER A 779 -10.38 -10.96 15.42
C SER A 779 -11.05 -9.81 16.16
N ARG A 780 -10.80 -8.56 15.77
CA ARG A 780 -11.61 -7.45 16.30
C ARG A 780 -12.94 -7.35 15.56
N GLU A 781 -12.93 -7.63 14.25
CA GLU A 781 -14.17 -7.82 13.51
C GLU A 781 -15.04 -8.88 14.18
N ARG A 782 -14.42 -10.01 14.55
CA ARG A 782 -15.18 -11.06 15.21
C ARG A 782 -15.82 -10.54 16.48
N MET A 783 -15.09 -9.74 17.25
CA MET A 783 -15.69 -9.17 18.46
C MET A 783 -16.74 -8.14 18.12
N LYS A 784 -16.48 -7.31 17.11
CA LYS A 784 -17.47 -6.32 16.68
C LYS A 784 -18.80 -6.99 16.31
N ARG A 785 -18.72 -8.10 15.58
CA ARG A 785 -19.94 -8.76 15.12
C ARG A 785 -20.73 -9.31 16.30
N ILE A 786 -20.03 -9.88 17.29
CA ILE A 786 -20.71 -10.45 18.45
C ILE A 786 -21.36 -9.35 19.30
N GLU A 787 -20.63 -8.25 19.56
CA GLU A 787 -21.14 -7.20 20.43
C GLU A 787 -22.41 -6.58 19.84
N GLU A 788 -22.40 -6.25 18.54
CA GLU A 788 -23.63 -5.78 17.88
C GLU A 788 -24.72 -6.85 17.91
N GLY A 789 -24.35 -8.11 17.61
CA GLY A 789 -25.36 -9.15 17.48
C GLY A 789 -25.96 -9.56 18.81
N ILE A 790 -25.10 -9.79 19.82
CA ILE A 790 -25.60 -10.16 21.14
C ILE A 790 -26.50 -9.05 21.69
N LYS A 791 -26.11 -7.79 21.47
CA LYS A 791 -26.98 -6.69 21.88
C LYS A 791 -28.26 -6.70 21.06
N GLU A 792 -28.14 -6.90 19.75
CA GLU A 792 -29.32 -6.96 18.90
C GLU A 792 -30.30 -8.02 19.39
N LEU A 793 -29.80 -9.13 19.92
CA LEU A 793 -30.70 -10.13 20.50
C LEU A 793 -31.21 -9.72 21.88
N GLY A 794 -30.62 -8.69 22.49
CA GLY A 794 -30.90 -8.44 23.88
C GLY A 794 -30.41 -9.53 24.80
N SER A 795 -29.38 -10.26 24.39
CA SER A 795 -28.92 -11.41 25.14
C SER A 795 -28.03 -10.98 26.29
N GLN A 796 -28.06 -11.76 27.37
CA GLN A 796 -27.15 -11.51 28.49
C GLN A 796 -25.90 -12.38 28.42
N ILE A 797 -25.56 -12.90 27.24
CA ILE A 797 -24.50 -13.89 27.12
C ILE A 797 -23.10 -13.29 27.33
N LEU A 798 -22.91 -12.00 27.08
CA LEU A 798 -21.58 -11.40 27.27
C LEU A 798 -21.35 -10.96 28.72
N LYS A 799 -22.40 -10.65 29.49
CA LYS A 799 -22.21 -10.41 30.92
C LYS A 799 -22.00 -11.73 31.66
N GLU A 800 -22.75 -12.76 31.27
CA GLU A 800 -22.58 -14.08 31.87
C GLU A 800 -21.23 -14.69 31.50
N HIS A 801 -20.62 -14.28 30.40
CA HIS A 801 -19.43 -14.94 29.87
C HIS A 801 -18.52 -13.92 29.23
N PRO A 802 -17.53 -13.44 29.98
CA PRO A 802 -16.69 -12.30 29.55
C PRO A 802 -16.12 -12.39 28.13
N VAL A 803 -15.97 -11.20 27.55
CA VAL A 803 -15.62 -10.96 26.16
C VAL A 803 -14.11 -10.73 26.08
N GLU A 804 -13.42 -11.44 25.18
CA GLU A 804 -12.01 -11.15 24.92
C GLU A 804 -11.66 -11.62 23.52
N ASN A 805 -11.33 -10.66 22.64
CA ASN A 805 -11.33 -10.91 21.21
C ASN A 805 -10.22 -11.85 20.78
N THR A 806 -9.29 -12.17 21.66
CA THR A 806 -8.17 -13.00 21.25
C THR A 806 -8.48 -14.49 21.36
N GLN A 807 -9.37 -14.91 22.27
CA GLN A 807 -9.83 -16.29 22.16
C GLN A 807 -10.98 -16.43 21.18
N LEU A 808 -11.43 -15.34 20.57
CA LEU A 808 -12.36 -15.47 19.46
C LEU A 808 -11.74 -16.13 18.23
N GLN A 809 -10.42 -16.31 18.20
CA GLN A 809 -9.81 -17.04 17.10
C GLN A 809 -10.02 -18.54 17.20
N ASN A 810 -10.33 -19.05 18.40
CA ASN A 810 -10.82 -20.41 18.55
C ASN A 810 -12.18 -20.49 17.85
N GLU A 811 -12.27 -21.26 16.76
CA GLU A 811 -13.49 -21.22 15.95
C GLU A 811 -14.69 -21.79 16.72
N LYS A 812 -14.48 -22.86 17.50
CA LYS A 812 -15.57 -23.35 18.35
C LYS A 812 -16.11 -22.27 19.28
N LEU A 813 -15.23 -21.45 19.86
CA LEU A 813 -15.71 -20.45 20.81
C LEU A 813 -16.41 -19.30 20.09
N TYR A 814 -15.94 -18.96 18.89
CA TYR A 814 -16.61 -17.96 18.07
C TYR A 814 -18.03 -18.40 17.74
N LEU A 815 -18.18 -19.62 17.25
CA LEU A 815 -19.50 -20.13 16.92
C LEU A 815 -20.39 -20.20 18.15
N TYR A 816 -19.82 -20.55 19.31
CA TYR A 816 -20.60 -20.58 20.53
C TYR A 816 -21.29 -19.24 20.77
N TYR A 817 -20.53 -18.15 20.66
CA TYR A 817 -21.10 -16.83 20.89
C TYR A 817 -22.03 -16.43 19.75
N LEU A 818 -21.63 -16.74 18.51
CA LEU A 818 -22.47 -16.43 17.37
C LEU A 818 -23.84 -17.09 17.48
N GLN A 819 -23.92 -18.24 18.14
CA GLN A 819 -25.17 -18.97 18.29
C GLN A 819 -25.82 -18.70 19.64
N ASN A 820 -25.44 -17.59 20.29
CA ASN A 820 -26.00 -17.20 21.58
C ASN A 820 -25.86 -18.33 22.60
N GLY A 821 -24.81 -19.13 22.46
CA GLY A 821 -24.58 -20.22 23.38
C GLY A 821 -25.58 -21.35 23.29
N ARG A 822 -26.14 -21.59 22.11
CA ARG A 822 -27.11 -22.68 21.94
C ARG A 822 -26.74 -23.54 20.74
N ASP A 823 -27.14 -24.81 20.84
CA ASP A 823 -27.05 -25.73 19.71
C ASP A 823 -27.76 -25.17 18.49
N MET A 824 -27.04 -25.15 17.37
CA MET A 824 -27.61 -24.66 16.13
C MET A 824 -28.71 -25.58 15.56
N TYR A 825 -28.79 -26.83 16.04
CA TYR A 825 -29.68 -27.84 15.48
C TYR A 825 -30.79 -28.30 16.41
N VAL A 826 -30.69 -28.02 17.70
CA VAL A 826 -31.70 -28.37 18.69
C VAL A 826 -31.86 -27.19 19.63
N ASP A 827 -33.09 -26.91 20.04
CA ASP A 827 -33.36 -25.83 20.99
C ASP A 827 -32.89 -26.28 22.38
N GLN A 828 -31.58 -26.16 22.59
CA GLN A 828 -30.92 -26.53 23.84
C GLN A 828 -29.72 -25.63 24.02
N GLU A 829 -29.14 -25.65 25.21
CA GLU A 829 -27.95 -24.86 25.47
C GLU A 829 -26.68 -25.72 25.39
N LEU A 830 -25.59 -25.09 25.00
CA LEU A 830 -24.28 -25.71 25.07
C LEU A 830 -23.58 -25.24 26.34
N ASP A 831 -22.59 -26.02 26.76
CA ASP A 831 -21.73 -25.65 27.89
C ASP A 831 -20.47 -24.99 27.34
N ILE A 832 -20.24 -23.73 27.71
CA ILE A 832 -19.05 -23.06 27.18
C ILE A 832 -17.77 -23.72 27.69
N ASN A 833 -17.85 -24.43 28.81
CA ASN A 833 -16.69 -25.12 29.38
C ASN A 833 -16.49 -26.51 28.82
N ARG A 834 -17.33 -26.96 27.90
CA ARG A 834 -17.21 -28.32 27.39
C ARG A 834 -17.28 -28.32 25.87
N LEU A 835 -16.78 -27.24 25.26
CA LEU A 835 -16.74 -27.17 23.80
C LEU A 835 -15.98 -28.33 23.17
N SER A 836 -15.09 -28.98 23.92
CA SER A 836 -14.33 -30.07 23.34
C SER A 836 -15.22 -31.28 23.02
N ASP A 837 -16.35 -31.41 23.71
CA ASP A 837 -17.29 -32.50 23.46
C ASP A 837 -18.12 -32.32 22.20
N TYR A 838 -18.11 -31.13 21.61
CA TYR A 838 -19.05 -30.78 20.57
C TYR A 838 -18.39 -30.83 19.20
N ASP A 839 -19.21 -30.85 18.16
CA ASP A 839 -18.79 -31.00 16.77
C ASP A 839 -19.04 -29.70 16.03
N VAL A 840 -18.08 -29.31 15.20
CA VAL A 840 -18.33 -28.32 14.17
C VAL A 840 -18.77 -29.06 12.92
N ASP A 841 -19.84 -28.60 12.30
CA ASP A 841 -20.48 -29.34 11.22
C ASP A 841 -20.66 -28.44 9.99
N ALA A 842 -20.52 -29.02 8.81
CA ALA A 842 -20.73 -28.32 7.55
C ALA A 842 -22.22 -28.35 7.20
N ILE A 843 -22.77 -27.18 6.89
CA ILE A 843 -24.15 -27.12 6.44
C ILE A 843 -24.27 -27.78 5.07
N VAL A 844 -23.49 -27.30 4.10
CA VAL A 844 -23.31 -27.97 2.82
C VAL A 844 -22.11 -28.91 2.95
N PRO A 845 -22.30 -30.21 2.80
CA PRO A 845 -21.19 -31.14 3.09
C PRO A 845 -20.04 -31.00 2.11
N GLN A 846 -18.88 -31.49 2.57
CA GLN A 846 -17.63 -31.50 1.79
C GLN A 846 -17.78 -32.14 0.39
N SER A 847 -18.74 -33.07 0.22
CA SER A 847 -18.83 -33.78 -1.04
C SER A 847 -19.35 -32.90 -2.18
N PHE A 848 -20.00 -31.78 -1.87
CA PHE A 848 -20.53 -30.88 -2.90
C PHE A 848 -19.63 -29.69 -3.15
N LEU A 849 -18.79 -29.36 -2.20
CA LEU A 849 -18.07 -28.11 -2.15
C LEU A 849 -17.17 -28.19 -0.94
N LYS A 850 -15.99 -27.59 -1.01
CA LYS A 850 -15.08 -27.53 0.12
C LYS A 850 -15.10 -26.07 0.59
N ASP A 851 -16.05 -25.77 1.49
CA ASP A 851 -16.22 -24.45 2.07
C ASP A 851 -16.07 -24.59 3.58
N ASP A 852 -14.92 -24.17 4.08
CA ASP A 852 -14.57 -24.33 5.47
C ASP A 852 -14.70 -23.03 6.26
N SER A 853 -15.20 -21.97 5.64
CA SER A 853 -15.42 -20.72 6.35
C SER A 853 -16.58 -20.86 7.34
N ILE A 854 -16.62 -19.91 8.28
CA ILE A 854 -17.68 -19.83 9.28
C ILE A 854 -19.05 -19.72 8.63
N ASP A 855 -19.11 -19.12 7.43
CA ASP A 855 -20.33 -19.05 6.63
C ASP A 855 -20.98 -20.42 6.47
N ASN A 856 -20.20 -21.50 6.58
CA ASN A 856 -20.70 -22.85 6.34
C ASN A 856 -20.51 -23.78 7.54
N LYS A 857 -20.22 -23.24 8.71
CA LYS A 857 -19.98 -24.06 9.89
C LYS A 857 -20.97 -23.71 10.99
N VAL A 858 -21.26 -24.70 11.82
CA VAL A 858 -22.14 -24.55 12.97
C VAL A 858 -21.58 -25.42 14.08
N LEU A 859 -21.92 -25.05 15.32
CA LEU A 859 -21.52 -25.80 16.49
C LEU A 859 -22.75 -26.51 17.01
N THR A 860 -22.69 -27.84 17.04
CA THR A 860 -23.75 -28.68 17.62
C THR A 860 -23.11 -29.70 18.54
N ARG A 861 -23.80 -29.98 19.65
CA ARG A 861 -23.40 -31.02 20.59
C ARG A 861 -23.02 -32.32 19.88
N SER A 862 -23.62 -32.59 18.72
CA SER A 862 -23.31 -33.79 17.96
C SER A 862 -23.72 -33.57 16.52
N ASP A 863 -22.83 -33.86 15.58
CA ASP A 863 -23.19 -33.61 14.19
C ASP A 863 -24.34 -34.50 13.73
N LYS A 864 -24.67 -35.53 14.50
CA LYS A 864 -25.83 -36.37 14.18
C LYS A 864 -27.15 -35.64 14.44
N ASN A 865 -27.10 -34.47 15.07
CA ASN A 865 -28.26 -33.60 15.18
C ASN A 865 -28.64 -32.94 13.86
N ARG A 866 -27.76 -32.99 12.86
CA ARG A 866 -28.15 -32.42 11.58
C ARG A 866 -29.19 -33.28 10.87
N GLY A 867 -29.32 -34.54 11.24
CA GLY A 867 -30.14 -35.45 10.50
C GLY A 867 -29.32 -36.46 9.72
N LYS A 868 -30.03 -37.36 9.05
CA LYS A 868 -29.44 -38.53 8.41
C LYS A 868 -29.22 -38.36 6.90
N SER A 869 -29.28 -37.14 6.39
CA SER A 869 -29.14 -36.92 4.95
C SER A 869 -27.67 -36.82 4.53
N ASP A 870 -27.47 -36.88 3.21
CA ASP A 870 -26.20 -36.54 2.57
C ASP A 870 -26.19 -35.11 2.10
N ASN A 871 -27.14 -34.32 2.57
CA ASN A 871 -27.51 -33.05 1.99
C ASN A 871 -27.28 -31.94 3.01
N VAL A 872 -27.97 -30.82 2.84
CA VAL A 872 -28.19 -29.84 3.89
C VAL A 872 -28.99 -30.51 5.01
N PRO A 873 -29.03 -29.94 6.23
CA PRO A 873 -29.74 -30.61 7.33
C PRO A 873 -31.22 -30.82 7.02
N SER A 874 -31.86 -31.61 7.87
CA SER A 874 -33.13 -32.22 7.52
C SER A 874 -34.28 -31.23 7.58
N GLU A 875 -35.35 -31.57 6.86
CA GLU A 875 -36.63 -30.87 6.96
C GLU A 875 -37.08 -30.74 8.41
N GLU A 876 -36.92 -31.80 9.19
CA GLU A 876 -37.28 -31.77 10.61
C GLU A 876 -36.50 -30.71 11.35
N VAL A 877 -35.18 -30.71 11.21
CA VAL A 877 -34.38 -29.66 11.82
C VAL A 877 -34.86 -28.29 11.34
N VAL A 878 -35.12 -28.16 10.05
CA VAL A 878 -35.50 -26.87 9.50
C VAL A 878 -36.84 -26.39 10.09
N LYS A 879 -37.81 -27.28 10.26
CA LYS A 879 -39.06 -26.80 10.83
C LYS A 879 -38.86 -26.44 12.31
N LYS A 880 -38.01 -27.18 13.03
CA LYS A 880 -37.86 -26.93 14.46
C LYS A 880 -37.03 -25.69 14.76
N MET A 881 -36.08 -25.33 13.89
CA MET A 881 -35.09 -24.30 14.21
C MET A 881 -35.21 -23.04 13.37
N LYS A 882 -36.03 -23.02 12.34
CA LYS A 882 -36.10 -21.86 11.46
C LYS A 882 -36.26 -20.54 12.23
N ASN A 883 -37.15 -20.53 13.23
CA ASN A 883 -37.44 -19.27 13.91
C ASN A 883 -36.27 -18.79 14.75
N TYR A 884 -35.50 -19.71 15.34
CA TYR A 884 -34.26 -19.34 16.00
C TYR A 884 -33.22 -18.86 14.97
N TRP A 885 -33.17 -19.49 13.80
CA TRP A 885 -32.20 -19.02 12.80
C TRP A 885 -32.56 -17.62 12.32
N ARG A 886 -33.86 -17.32 12.22
CA ARG A 886 -34.25 -15.98 11.79
C ARG A 886 -33.73 -14.92 12.75
N GLN A 887 -33.96 -15.13 14.06
CA GLN A 887 -33.43 -14.19 15.05
C GLN A 887 -31.94 -13.99 14.85
N LEU A 888 -31.19 -15.09 14.68
CA LEU A 888 -29.76 -14.96 14.47
C LEU A 888 -29.46 -14.18 13.18
N LEU A 889 -30.33 -14.28 12.18
CA LEU A 889 -30.14 -13.55 10.92
C LEU A 889 -30.43 -12.06 11.08
N ASN A 890 -31.57 -11.72 11.70
CA ASN A 890 -31.87 -10.30 11.93
C ASN A 890 -30.78 -9.63 12.75
N ALA A 891 -30.14 -10.38 13.63
CA ALA A 891 -29.09 -9.87 14.50
C ALA A 891 -27.70 -9.94 13.86
N LYS A 892 -27.61 -10.33 12.58
CA LYS A 892 -26.37 -10.42 11.82
C LYS A 892 -25.36 -11.43 12.40
N LEU A 893 -25.82 -12.39 13.19
CA LEU A 893 -24.95 -13.47 13.68
C LEU A 893 -24.85 -14.63 12.69
N ILE A 894 -25.68 -14.67 11.66
CA ILE A 894 -25.43 -15.49 10.49
C ILE A 894 -25.68 -14.62 9.25
N THR A 895 -24.90 -14.85 8.21
CA THR A 895 -25.13 -14.20 6.93
C THR A 895 -26.41 -14.72 6.29
N GLN A 896 -26.96 -13.94 5.36
CA GLN A 896 -28.13 -14.37 4.62
C GLN A 896 -27.88 -15.70 3.93
N ARG A 897 -26.76 -15.77 3.20
CA ARG A 897 -26.36 -17.00 2.53
C ARG A 897 -26.46 -18.20 3.47
N LYS A 898 -25.83 -18.09 4.66
CA LYS A 898 -25.87 -19.18 5.63
C LYS A 898 -27.30 -19.51 6.08
N PHE A 899 -28.18 -18.52 6.12
CA PHE A 899 -29.57 -18.81 6.46
C PHE A 899 -30.24 -19.64 5.37
N ASP A 900 -29.98 -19.29 4.10
CA ASP A 900 -30.55 -20.05 2.97
C ASP A 900 -30.04 -21.48 2.93
N ASN A 901 -28.79 -21.71 3.32
CA ASN A 901 -28.27 -23.07 3.26
C ASN A 901 -28.89 -23.93 4.35
N LEU A 902 -28.96 -23.39 5.57
CA LEU A 902 -29.61 -24.10 6.67
C LEU A 902 -31.04 -24.52 6.33
N THR A 903 -31.78 -23.65 5.65
CA THR A 903 -33.20 -23.87 5.41
C THR A 903 -33.46 -24.52 4.05
N LYS A 904 -32.41 -25.02 3.39
CA LYS A 904 -32.56 -25.49 2.02
C LYS A 904 -33.47 -26.72 1.92
N ALA A 905 -33.49 -27.57 2.96
CA ALA A 905 -34.35 -28.76 2.91
C ALA A 905 -35.83 -28.41 2.81
N GLU A 906 -36.20 -27.17 3.15
CA GLU A 906 -37.56 -26.67 2.94
C GLU A 906 -37.88 -26.52 1.47
N ARG A 907 -36.87 -26.32 0.63
CA ARG A 907 -37.05 -26.10 -0.79
C ARG A 907 -36.60 -27.30 -1.63
N GLY A 908 -36.68 -28.51 -1.06
CA GLY A 908 -36.23 -29.72 -1.73
C GLY A 908 -34.77 -30.08 -1.49
N GLY A 909 -33.94 -29.16 -1.06
CA GLY A 909 -32.56 -29.52 -0.83
C GLY A 909 -31.61 -28.88 -1.82
N LEU A 910 -30.60 -29.61 -2.24
CA LEU A 910 -29.61 -29.11 -3.20
C LEU A 910 -30.08 -29.43 -4.60
N SER A 911 -30.41 -28.38 -5.36
CA SER A 911 -30.83 -28.53 -6.74
C SER A 911 -29.63 -28.62 -7.67
N GLU A 912 -29.91 -29.09 -8.89
CA GLU A 912 -28.89 -29.02 -9.95
C GLU A 912 -28.37 -27.60 -10.11
N LEU A 913 -29.24 -26.61 -9.99
CA LEU A 913 -28.82 -25.21 -10.05
C LEU A 913 -27.83 -24.90 -8.94
N ASP A 914 -28.04 -25.48 -7.75
CA ASP A 914 -27.10 -25.28 -6.65
C ASP A 914 -25.77 -25.92 -6.97
N LYS A 915 -25.80 -27.18 -7.42
CA LYS A 915 -24.57 -27.89 -7.73
C LYS A 915 -23.81 -27.22 -8.86
N ALA A 916 -24.52 -26.78 -9.91
CA ALA A 916 -23.86 -26.08 -11.00
C ALA A 916 -23.12 -24.84 -10.52
N GLY A 917 -23.63 -24.18 -9.49
CA GLY A 917 -22.96 -23.03 -8.93
C GLY A 917 -21.74 -23.38 -8.11
N PHE A 918 -21.82 -24.48 -7.34
CA PHE A 918 -20.64 -24.97 -6.64
C PHE A 918 -19.52 -25.25 -7.62
N ILE A 919 -19.86 -25.85 -8.75
CA ILE A 919 -18.85 -26.16 -9.75
C ILE A 919 -18.21 -24.89 -10.28
N LYS A 920 -19.03 -23.89 -10.62
CA LYS A 920 -18.46 -22.61 -11.04
C LYS A 920 -17.58 -22.04 -9.95
N ARG A 921 -17.99 -22.19 -8.70
CA ARG A 921 -17.26 -21.59 -7.60
C ARG A 921 -15.88 -22.20 -7.46
N GLN A 922 -15.77 -23.48 -7.80
CA GLN A 922 -14.51 -24.20 -7.66
C GLN A 922 -13.52 -23.85 -8.77
N LEU A 923 -14.00 -23.73 -10.02
CA LEU A 923 -13.11 -23.56 -11.17
C LEU A 923 -12.81 -22.11 -11.48
N VAL A 924 -13.80 -21.23 -11.38
CA VAL A 924 -13.71 -19.91 -12.00
C VAL A 924 -12.85 -18.98 -11.14
N GLU A 925 -11.75 -18.51 -11.70
CA GLU A 925 -10.91 -17.52 -11.05
C GLU A 925 -11.52 -16.15 -11.31
N THR A 926 -11.93 -15.48 -10.23
CA THR A 926 -12.68 -14.23 -10.34
C THR A 926 -11.82 -13.02 -10.70
N ARG A 927 -10.49 -13.07 -10.50
CA ARG A 927 -9.63 -11.89 -10.60
C ARG A 927 -9.32 -11.48 -12.02
N GLN A 928 -9.45 -10.18 -12.30
CA GLN A 928 -9.17 -9.69 -13.63
C GLN A 928 -7.70 -9.83 -14.03
N ILE A 929 -6.78 -9.71 -13.07
CA ILE A 929 -5.36 -9.69 -13.43
C ILE A 929 -4.94 -11.05 -13.99
N THR A 930 -5.48 -12.13 -13.42
CA THR A 930 -5.17 -13.45 -13.95
C THR A 930 -5.75 -13.67 -15.35
N LYS A 931 -6.87 -13.01 -15.67
CA LYS A 931 -7.38 -13.14 -17.03
C LYS A 931 -6.49 -12.41 -18.03
N HIS A 932 -5.87 -11.31 -17.62
CA HIS A 932 -5.01 -10.60 -18.57
C HIS A 932 -3.66 -11.27 -18.72
N VAL A 933 -3.16 -11.92 -17.66
CA VAL A 933 -1.98 -12.77 -17.81
C VAL A 933 -2.27 -13.90 -18.79
N ALA A 934 -3.41 -14.56 -18.62
CA ALA A 934 -3.76 -15.65 -19.53
C ALA A 934 -3.84 -15.16 -20.97
N GLN A 935 -4.37 -13.96 -21.20
CA GLN A 935 -4.47 -13.46 -22.56
C GLN A 935 -3.11 -13.13 -23.15
N ILE A 936 -2.17 -12.65 -22.34
CA ILE A 936 -0.84 -12.38 -22.87
C ILE A 936 -0.18 -13.68 -23.30
N LEU A 937 -0.17 -14.67 -22.41
CA LEU A 937 0.39 -15.97 -22.76
C LEU A 937 -0.33 -16.55 -23.96
N ASP A 938 -1.66 -16.47 -23.97
CA ASP A 938 -2.39 -17.06 -25.08
C ASP A 938 -2.08 -16.35 -26.38
N SER A 939 -1.97 -15.02 -26.35
CA SER A 939 -1.68 -14.31 -27.59
C SER A 939 -0.27 -14.61 -28.07
N ARG A 940 0.62 -14.95 -27.15
CA ARG A 940 1.99 -15.28 -27.52
C ARG A 940 2.13 -16.68 -28.12
N MET A 941 1.36 -17.67 -27.63
CA MET A 941 1.50 -19.06 -28.06
C MET A 941 0.70 -19.39 -29.33
N ASN A 942 -0.49 -18.81 -29.48
CA ASN A 942 -1.45 -19.18 -30.54
C ASN A 942 -1.50 -18.06 -31.57
N THR A 943 -0.70 -18.19 -32.61
CA THR A 943 -0.49 -17.10 -33.56
C THR A 943 -1.08 -17.38 -34.94
N LYS A 944 -1.44 -18.63 -35.22
CA LYS A 944 -1.81 -19.07 -36.55
C LYS A 944 -3.33 -19.23 -36.66
N TYR A 945 -3.83 -19.10 -37.90
CA TYR A 945 -5.25 -19.21 -38.20
C TYR A 945 -5.48 -20.25 -39.29
N ASP A 946 -6.67 -20.87 -39.27
CA ASP A 946 -6.97 -22.01 -40.12
C ASP A 946 -7.65 -21.57 -41.40
N GLU A 947 -8.05 -22.56 -42.20
CA GLU A 947 -8.65 -22.34 -43.51
C GLU A 947 -9.96 -21.53 -43.45
N ASN A 948 -10.50 -21.27 -42.26
CA ASN A 948 -11.74 -20.51 -42.09
C ASN A 948 -11.53 -19.25 -41.26
N ASP A 949 -10.28 -18.83 -41.07
CA ASP A 949 -9.91 -17.60 -40.33
C ASP A 949 -10.32 -17.67 -38.87
N LYS A 950 -10.42 -18.87 -38.32
CA LYS A 950 -10.58 -19.05 -36.88
C LYS A 950 -9.20 -19.34 -36.29
N LEU A 951 -8.91 -18.71 -35.15
CA LEU A 951 -7.59 -18.88 -34.54
C LEU A 951 -7.34 -20.34 -34.21
N ILE A 952 -6.13 -20.80 -34.47
CA ILE A 952 -5.73 -22.15 -34.12
C ILE A 952 -5.13 -22.10 -32.73
N ARG A 953 -5.86 -22.61 -31.75
CA ARG A 953 -5.36 -22.60 -30.37
C ARG A 953 -4.58 -23.88 -30.16
N GLU A 954 -3.26 -23.81 -30.42
CA GLU A 954 -2.38 -24.95 -30.19
C GLU A 954 -2.21 -25.21 -28.70
N VAL A 955 -2.03 -24.15 -27.92
CA VAL A 955 -1.76 -24.25 -26.50
C VAL A 955 -2.95 -23.76 -25.71
N LYS A 956 -3.42 -24.58 -24.77
CA LYS A 956 -4.47 -24.19 -23.83
C LYS A 956 -3.84 -23.59 -22.59
N VAL A 957 -4.17 -22.33 -22.29
CA VAL A 957 -3.67 -21.70 -21.07
C VAL A 957 -4.83 -21.65 -20.09
N ILE A 958 -4.58 -22.21 -18.90
CA ILE A 958 -5.55 -22.61 -17.91
C ILE A 958 -5.26 -21.85 -16.62
N THR A 959 -6.29 -21.26 -16.00
CA THR A 959 -6.14 -20.53 -14.74
C THR A 959 -6.80 -21.31 -13.61
N LEU A 960 -6.03 -21.63 -12.58
CA LEU A 960 -6.51 -22.39 -11.44
C LEU A 960 -6.64 -21.49 -10.20
N LYS A 961 -7.74 -21.65 -9.48
CA LYS A 961 -7.82 -21.07 -8.16
C LYS A 961 -6.82 -21.78 -7.27
N SER A 962 -6.03 -21.02 -6.52
CA SER A 962 -5.05 -21.63 -5.62
C SER A 962 -5.69 -22.63 -4.67
N LYS A 963 -6.99 -22.45 -4.40
CA LYS A 963 -7.63 -23.27 -3.38
C LYS A 963 -7.58 -24.74 -3.75
N LEU A 964 -7.72 -25.03 -5.05
CA LEU A 964 -7.66 -26.41 -5.53
C LEU A 964 -6.38 -27.09 -5.08
N VAL A 965 -5.22 -26.43 -5.31
CA VAL A 965 -3.93 -27.06 -4.99
C VAL A 965 -3.66 -26.99 -3.48
N SER A 966 -4.03 -25.91 -2.83
CA SER A 966 -3.91 -25.87 -1.39
C SER A 966 -4.71 -26.98 -0.74
N ASP A 967 -5.94 -27.20 -1.22
CA ASP A 967 -6.75 -28.31 -0.70
C ASP A 967 -6.13 -29.66 -1.03
N PHE A 968 -5.62 -29.81 -2.26
CA PHE A 968 -4.93 -31.03 -2.69
C PHE A 968 -3.81 -31.40 -1.72
N ARG A 969 -3.02 -30.38 -1.35
CA ARG A 969 -1.91 -30.57 -0.42
C ARG A 969 -2.38 -31.13 0.91
N LYS A 970 -3.46 -30.57 1.46
CA LYS A 970 -3.87 -30.98 2.79
C LYS A 970 -4.59 -32.32 2.74
N ASP A 971 -5.26 -32.61 1.62
CA ASP A 971 -5.97 -33.87 1.50
C ASP A 971 -5.00 -35.05 1.43
N PHE A 972 -3.97 -34.94 0.58
CA PHE A 972 -3.09 -36.06 0.33
C PHE A 972 -1.76 -35.93 1.04
N GLN A 973 -1.67 -35.01 2.02
CA GLN A 973 -0.51 -34.86 2.91
C GLN A 973 0.79 -34.58 2.14
N PHE A 974 0.71 -33.71 1.13
CA PHE A 974 1.89 -33.14 0.49
C PHE A 974 2.16 -31.77 1.10
N TYR A 975 2.47 -31.81 2.39
CA TYR A 975 2.53 -30.60 3.19
C TYR A 975 3.65 -29.68 2.69
N LYS A 976 3.48 -28.39 2.96
CA LYS A 976 4.45 -27.39 2.59
C LYS A 976 4.86 -26.63 3.84
N VAL A 977 6.17 -26.42 3.97
CA VAL A 977 6.73 -25.65 5.07
C VAL A 977 7.71 -24.65 4.45
N ARG A 978 7.25 -23.41 4.28
CA ARG A 978 8.00 -22.41 3.55
C ARG A 978 9.35 -22.07 4.18
N GLU A 979 9.48 -22.25 5.50
CA GLU A 979 10.68 -21.85 6.20
C GLU A 979 11.89 -22.72 5.85
N ILE A 980 11.67 -23.95 5.36
CA ILE A 980 12.77 -24.87 5.17
C ILE A 980 13.69 -24.42 4.05
N ASN A 981 13.11 -24.00 2.93
CA ASN A 981 13.86 -23.61 1.74
C ASN A 981 12.85 -23.03 0.75
N ASN A 982 13.34 -22.66 -0.43
CA ASN A 982 12.50 -22.03 -1.43
C ASN A 982 11.81 -23.04 -2.38
N TYR A 983 11.96 -24.34 -2.16
CA TYR A 983 11.45 -25.32 -3.13
C TYR A 983 9.95 -25.20 -3.35
N HIS A 984 9.19 -24.88 -2.28
CA HIS A 984 7.73 -24.85 -2.34
C HIS A 984 7.20 -23.99 -3.48
N HIS A 985 7.92 -22.94 -3.88
CA HIS A 985 7.51 -22.17 -5.07
C HIS A 985 7.49 -23.06 -6.31
N ALA A 986 8.54 -23.85 -6.49
CA ALA A 986 8.62 -24.78 -7.61
C ALA A 986 7.58 -25.88 -7.46
N HIS A 987 7.43 -26.41 -6.25
CA HIS A 987 6.49 -27.50 -6.05
C HIS A 987 5.08 -27.05 -6.38
N ASP A 988 4.73 -25.81 -6.00
CA ASP A 988 3.40 -25.28 -6.33
C ASP A 988 3.16 -25.27 -7.83
N ALA A 989 4.14 -24.80 -8.62
CA ALA A 989 3.96 -24.83 -10.06
C ALA A 989 3.76 -26.24 -10.58
N TYR A 990 4.50 -27.21 -10.03
CA TYR A 990 4.32 -28.59 -10.45
C TYR A 990 2.89 -29.06 -10.14
N LEU A 991 2.44 -28.77 -8.92
CA LEU A 991 1.13 -29.19 -8.50
C LEU A 991 0.02 -28.52 -9.31
N ASN A 992 0.21 -27.27 -9.73
CA ASN A 992 -0.77 -26.67 -10.64
C ASN A 992 -0.81 -27.43 -11.95
N ALA A 993 0.35 -27.76 -12.49
CA ALA A 993 0.39 -28.53 -13.72
C ALA A 993 -0.37 -29.84 -13.56
N VAL A 994 -0.16 -30.52 -12.43
CA VAL A 994 -0.83 -31.80 -12.20
C VAL A 994 -2.33 -31.62 -12.22
N VAL A 995 -2.81 -30.70 -11.39
CA VAL A 995 -4.24 -30.57 -11.14
C VAL A 995 -4.93 -29.96 -12.36
N GLY A 996 -4.37 -28.88 -12.89
CA GLY A 996 -4.95 -28.27 -14.07
C GLY A 996 -5.07 -29.23 -15.25
N THR A 997 -4.00 -30.00 -15.54
CA THR A 997 -4.05 -30.95 -16.66
C THR A 997 -4.95 -32.15 -16.34
N ALA A 998 -4.96 -32.63 -15.10
CA ALA A 998 -5.91 -33.68 -14.74
C ALA A 998 -7.34 -33.20 -14.93
N LEU A 999 -7.63 -31.98 -14.42
CA LEU A 999 -8.95 -31.39 -14.56
C LEU A 999 -9.37 -31.31 -16.02
N ILE A 1000 -8.48 -30.83 -16.89
CA ILE A 1000 -8.85 -30.64 -18.29
C ILE A 1000 -9.04 -31.98 -18.99
N LYS A 1001 -8.52 -33.06 -18.42
CA LYS A 1001 -8.79 -34.38 -18.96
C LYS A 1001 -10.16 -34.88 -18.53
N LYS A 1002 -10.45 -34.78 -17.22
CA LYS A 1002 -11.72 -35.30 -16.71
C LYS A 1002 -12.92 -34.50 -17.20
N TYR A 1003 -12.77 -33.17 -17.33
CA TYR A 1003 -13.89 -32.26 -17.53
C TYR A 1003 -13.70 -31.40 -18.77
N PRO A 1004 -13.44 -32.00 -19.95
CA PRO A 1004 -13.30 -31.16 -21.15
C PRO A 1004 -14.46 -30.21 -21.38
N LYS A 1005 -15.71 -30.67 -21.15
CA LYS A 1005 -16.87 -29.84 -21.43
C LYS A 1005 -16.91 -28.59 -20.55
N LEU A 1006 -16.14 -28.58 -19.47
CA LEU A 1006 -16.04 -27.45 -18.55
C LEU A 1006 -14.99 -26.44 -18.99
N GLU A 1007 -14.45 -26.57 -20.21
CA GLU A 1007 -13.32 -25.75 -20.66
C GLU A 1007 -13.57 -24.27 -20.49
N SER A 1008 -14.74 -23.78 -20.95
CA SER A 1008 -14.94 -22.33 -21.02
C SER A 1008 -14.78 -21.67 -19.65
N GLU A 1009 -15.01 -22.43 -18.56
CA GLU A 1009 -14.91 -21.91 -17.20
C GLU A 1009 -13.49 -21.64 -16.74
N PHE A 1010 -12.47 -22.10 -17.46
CA PHE A 1010 -11.12 -22.01 -16.88
C PHE A 1010 -10.00 -22.20 -17.90
N VAL A 1011 -10.30 -22.11 -19.18
CA VAL A 1011 -9.31 -22.10 -20.24
C VAL A 1011 -9.53 -20.83 -21.04
N TYR A 1012 -8.46 -20.09 -21.32
CA TYR A 1012 -8.64 -18.83 -22.05
C TYR A 1012 -9.14 -19.10 -23.47
N GLY A 1013 -10.11 -18.29 -23.92
CA GLY A 1013 -10.61 -18.30 -25.28
C GLY A 1013 -12.11 -18.42 -25.34
N ASP A 1014 -12.62 -18.65 -26.57
CA ASP A 1014 -14.05 -18.80 -26.84
C ASP A 1014 -14.35 -20.27 -27.07
N TYR A 1015 -15.06 -20.88 -26.14
CA TYR A 1015 -15.44 -22.28 -26.26
C TYR A 1015 -16.94 -22.41 -26.17
N LYS A 1016 -17.45 -23.59 -26.57
CA LYS A 1016 -18.86 -23.90 -26.34
C LYS A 1016 -19.15 -23.80 -24.84
N VAL A 1017 -20.19 -23.05 -24.51
CA VAL A 1017 -20.58 -22.83 -23.13
C VAL A 1017 -21.73 -23.80 -22.84
N TYR A 1018 -21.46 -24.84 -22.06
CA TYR A 1018 -22.44 -25.87 -21.76
C TYR A 1018 -23.27 -25.49 -20.55
N ASP A 1019 -24.58 -25.72 -20.64
CA ASP A 1019 -25.44 -25.63 -19.47
C ASP A 1019 -25.01 -26.70 -18.48
N VAL A 1020 -24.28 -26.29 -17.43
CA VAL A 1020 -23.71 -27.26 -16.50
C VAL A 1020 -24.78 -28.11 -15.83
N ARG A 1021 -25.98 -27.55 -15.65
CA ARG A 1021 -27.10 -28.32 -15.09
C ARG A 1021 -27.30 -29.65 -15.84
N LYS A 1022 -27.07 -29.66 -17.15
CA LYS A 1022 -27.27 -30.89 -17.91
C LYS A 1022 -26.23 -31.95 -17.58
N MET A 1023 -25.12 -31.59 -16.95
CA MET A 1023 -24.12 -32.56 -16.55
C MET A 1023 -24.36 -33.15 -15.18
N ILE A 1024 -25.38 -32.68 -14.46
CA ILE A 1024 -25.58 -33.07 -13.08
C ILE A 1024 -26.63 -34.17 -13.05
N ALA A 1025 -26.22 -35.33 -12.54
CA ALA A 1025 -27.13 -36.46 -12.37
C ALA A 1025 -28.24 -36.08 -11.40
N LYS A 1026 -29.46 -36.55 -11.70
CA LYS A 1026 -30.60 -36.30 -10.83
C LYS A 1026 -30.57 -37.20 -9.59
N SER A 1027 -29.83 -38.29 -9.63
CA SER A 1027 -29.71 -39.20 -8.50
C SER A 1027 -28.39 -39.95 -8.58
N GLU A 1028 -27.96 -40.50 -7.44
CA GLU A 1028 -26.73 -41.28 -7.41
C GLU A 1028 -26.81 -42.50 -8.33
N GLN A 1029 -28.01 -43.07 -8.48
CA GLN A 1029 -28.20 -44.22 -9.37
C GLN A 1029 -27.96 -43.84 -10.83
N GLU A 1030 -28.18 -42.57 -11.17
CA GLU A 1030 -27.94 -42.06 -12.53
C GLU A 1030 -26.46 -41.87 -12.82
N ILE A 1031 -25.61 -41.79 -11.79
CA ILE A 1031 -24.16 -41.80 -11.92
C ILE A 1031 -23.65 -40.76 -12.93
N THR A 1035 -24.11 -43.33 -18.42
CA THR A 1035 -24.50 -42.12 -19.13
C THR A 1035 -23.57 -40.91 -18.96
N ALA A 1036 -23.76 -39.93 -19.82
CA ALA A 1036 -22.93 -38.74 -19.86
C ALA A 1036 -23.32 -37.60 -18.94
N LYS A 1037 -23.30 -37.87 -17.64
CA LYS A 1037 -23.63 -36.86 -16.65
C LYS A 1037 -22.62 -36.95 -15.54
N TYR A 1038 -21.61 -36.10 -15.61
CA TYR A 1038 -20.51 -36.02 -14.63
C TYR A 1038 -20.73 -36.13 -13.11
N PHE A 1039 -21.54 -35.26 -12.55
CA PHE A 1039 -21.54 -35.04 -11.11
C PHE A 1039 -22.84 -35.41 -10.45
N PHE A 1040 -22.75 -36.15 -9.36
CA PHE A 1040 -23.78 -36.04 -8.33
C PHE A 1040 -23.22 -35.29 -7.14
N TYR A 1041 -22.13 -35.77 -6.58
CA TYR A 1041 -21.45 -35.01 -5.55
C TYR A 1041 -20.58 -33.96 -6.22
N SER A 1042 -21.00 -32.70 -6.02
CA SER A 1042 -20.57 -31.51 -6.73
C SER A 1042 -19.07 -31.15 -6.53
N ASN A 1043 -18.35 -31.77 -5.60
CA ASN A 1043 -16.96 -31.43 -5.37
C ASN A 1043 -16.09 -32.00 -6.49
N ILE A 1044 -15.50 -31.12 -7.31
CA ILE A 1044 -14.84 -31.56 -8.54
C ILE A 1044 -13.52 -32.26 -8.31
N MET A 1045 -12.96 -32.19 -7.11
CA MET A 1045 -11.72 -32.89 -6.80
C MET A 1045 -11.96 -34.28 -6.21
N ASN A 1046 -13.19 -34.77 -6.27
CA ASN A 1046 -13.52 -36.07 -5.67
C ASN A 1046 -12.82 -37.22 -6.37
N PHE A 1047 -12.54 -37.09 -7.67
CA PHE A 1047 -12.00 -38.24 -8.40
C PHE A 1047 -10.58 -38.56 -7.97
N PHE A 1048 -9.90 -37.65 -7.28
CA PHE A 1048 -8.60 -38.01 -6.74
C PHE A 1048 -8.73 -38.99 -5.57
N LYS A 1049 -9.76 -38.82 -4.75
CA LYS A 1049 -9.90 -39.66 -3.56
C LYS A 1049 -10.30 -41.08 -3.95
N THR A 1050 -10.01 -42.03 -3.05
CA THR A 1050 -10.44 -43.41 -3.25
C THR A 1050 -11.77 -43.69 -2.56
N GLU A 1051 -11.94 -43.21 -1.32
CA GLU A 1051 -13.22 -43.15 -0.66
C GLU A 1051 -13.60 -41.70 -0.40
N ILE A 1052 -14.88 -41.40 -0.43
CA ILE A 1052 -15.37 -40.16 0.16
C ILE A 1052 -16.41 -40.52 1.21
N THR A 1053 -16.37 -39.80 2.32
CA THR A 1053 -17.32 -40.00 3.41
C THR A 1053 -18.39 -38.93 3.27
N LEU A 1054 -19.65 -39.35 3.25
CA LEU A 1054 -20.77 -38.43 3.14
C LEU A 1054 -21.12 -37.84 4.51
N ALA A 1055 -21.98 -36.80 4.50
CA ALA A 1055 -22.32 -36.08 5.72
C ALA A 1055 -23.00 -36.95 6.76
N ASN A 1056 -23.39 -38.17 6.42
CA ASN A 1056 -23.98 -39.14 7.34
C ASN A 1056 -23.09 -40.35 7.56
N GLY A 1057 -21.77 -40.16 7.44
CA GLY A 1057 -20.82 -41.22 7.69
C GLY A 1057 -20.81 -42.37 6.71
N GLU A 1058 -21.71 -42.40 5.73
CA GLU A 1058 -21.61 -43.38 4.67
C GLU A 1058 -20.37 -43.10 3.82
N ILE A 1059 -19.76 -44.17 3.30
CA ILE A 1059 -18.53 -44.07 2.53
C ILE A 1059 -18.79 -44.54 1.11
N ARG A 1060 -18.47 -43.70 0.13
CA ARG A 1060 -18.59 -44.03 -1.29
C ARG A 1060 -17.20 -44.30 -1.85
N LYS A 1061 -17.01 -45.49 -2.39
CA LYS A 1061 -15.75 -45.90 -3.00
C LYS A 1061 -15.72 -45.52 -4.47
N ARG A 1062 -14.53 -45.17 -4.94
CA ARG A 1062 -14.24 -44.85 -6.33
C ARG A 1062 -13.20 -45.82 -6.87
N PRO A 1063 -13.10 -45.97 -8.18
CA PRO A 1063 -12.08 -46.87 -8.75
C PRO A 1063 -10.68 -46.36 -8.46
N LEU A 1064 -9.70 -47.27 -8.55
CA LEU A 1064 -8.31 -46.81 -8.45
C LEU A 1064 -7.89 -46.02 -9.68
N ILE A 1065 -8.37 -46.40 -10.85
CA ILE A 1065 -8.01 -45.73 -12.09
C ILE A 1065 -9.24 -44.97 -12.60
N GLU A 1066 -9.16 -43.66 -12.53
CA GLU A 1066 -10.22 -42.78 -12.99
C GLU A 1066 -10.05 -42.48 -14.48
N THR A 1067 -11.14 -42.60 -15.23
CA THR A 1067 -11.14 -42.33 -16.66
C THR A 1067 -12.24 -41.35 -17.00
N ASN A 1068 -12.02 -40.58 -18.06
CA ASN A 1068 -13.09 -39.85 -18.74
C ASN A 1068 -13.92 -40.86 -19.53
N GLY A 1069 -15.19 -41.04 -19.16
CA GLY A 1069 -16.04 -41.98 -19.86
C GLY A 1069 -16.33 -41.58 -21.29
N GLU A 1070 -16.50 -40.29 -21.54
CA GLU A 1070 -16.84 -39.86 -22.90
C GLU A 1070 -15.66 -40.03 -23.86
N THR A 1071 -14.41 -39.81 -23.39
CA THR A 1071 -13.23 -39.83 -24.26
C THR A 1071 -12.28 -41.00 -24.04
N GLY A 1072 -12.49 -41.84 -23.04
CA GLY A 1072 -11.64 -43.00 -22.83
C GLY A 1072 -10.30 -42.71 -22.18
N GLU A 1073 -9.86 -41.46 -22.14
CA GLU A 1073 -8.54 -41.16 -21.61
C GLU A 1073 -8.46 -41.39 -20.10
N ILE A 1074 -7.37 -42.01 -19.67
CA ILE A 1074 -7.09 -42.12 -18.24
C ILE A 1074 -6.68 -40.76 -17.70
N VAL A 1075 -7.27 -40.36 -16.57
CA VAL A 1075 -6.90 -39.11 -15.95
C VAL A 1075 -6.15 -39.30 -14.64
N TRP A 1076 -6.40 -40.38 -13.90
CA TRP A 1076 -5.66 -40.55 -12.66
C TRP A 1076 -5.62 -42.02 -12.23
N ASP A 1077 -4.41 -42.50 -11.99
CA ASP A 1077 -4.14 -43.83 -11.43
C ASP A 1077 -3.67 -43.63 -10.00
N LYS A 1078 -4.53 -43.95 -9.04
CA LYS A 1078 -4.24 -43.65 -7.64
C LYS A 1078 -3.05 -44.45 -7.10
N GLY A 1079 -2.70 -45.58 -7.70
CA GLY A 1079 -1.42 -46.18 -7.38
C GLY A 1079 -0.30 -45.33 -7.94
N ARG A 1080 -0.08 -45.48 -9.25
CA ARG A 1080 1.03 -44.81 -9.92
C ARG A 1080 1.13 -43.33 -9.56
N ASP A 1081 0.06 -42.58 -9.78
CA ASP A 1081 0.20 -41.13 -9.98
C ASP A 1081 0.52 -40.39 -8.68
N PHE A 1082 0.02 -40.85 -7.54
CA PHE A 1082 0.41 -40.22 -6.28
C PHE A 1082 1.90 -40.47 -6.01
N ALA A 1083 2.39 -41.68 -6.35
CA ALA A 1083 3.80 -41.98 -6.15
C ALA A 1083 4.66 -41.10 -7.05
N THR A 1084 4.22 -40.88 -8.29
CA THR A 1084 4.86 -39.90 -9.15
C THR A 1084 4.96 -38.56 -8.47
N VAL A 1085 3.85 -38.08 -7.88
CA VAL A 1085 3.87 -36.75 -7.28
C VAL A 1085 4.81 -36.75 -6.09
N ARG A 1086 4.71 -37.76 -5.23
CA ARG A 1086 5.59 -37.82 -4.08
C ARG A 1086 7.06 -37.85 -4.51
N LYS A 1087 7.36 -38.64 -5.54
CA LYS A 1087 8.74 -38.75 -6.02
C LYS A 1087 9.26 -37.40 -6.52
N VAL A 1088 8.42 -36.62 -7.21
CA VAL A 1088 8.84 -35.30 -7.68
C VAL A 1088 9.14 -34.39 -6.49
N LEU A 1089 8.20 -34.29 -5.57
CA LEU A 1089 8.38 -33.38 -4.44
C LEU A 1089 9.59 -33.72 -3.60
N SER A 1090 10.12 -34.93 -3.70
CA SER A 1090 11.26 -35.34 -2.91
C SER A 1090 12.58 -35.20 -3.67
N MET A 1091 12.57 -34.70 -4.88
CA MET A 1091 13.80 -34.56 -5.64
C MET A 1091 14.63 -33.43 -5.06
N PRO A 1092 15.92 -33.67 -4.74
CA PRO A 1092 16.75 -32.59 -4.18
C PRO A 1092 17.26 -31.60 -5.22
N GLN A 1093 17.33 -31.97 -6.51
CA GLN A 1093 17.85 -31.04 -7.52
C GLN A 1093 16.72 -30.21 -8.11
N VAL A 1094 16.49 -29.01 -7.55
CA VAL A 1094 15.52 -28.04 -8.07
C VAL A 1094 16.25 -26.75 -8.40
N ASN A 1095 16.05 -26.24 -9.62
CA ASN A 1095 16.73 -25.04 -10.07
C ASN A 1095 16.16 -23.78 -9.40
N ILE A 1096 16.78 -23.35 -8.33
CA ILE A 1096 16.42 -22.10 -7.67
C ILE A 1096 17.41 -21.01 -8.10
N VAL A 1097 16.92 -19.96 -8.75
CA VAL A 1097 17.75 -18.89 -9.28
C VAL A 1097 17.30 -17.56 -8.66
N LYS A 1098 18.26 -16.77 -8.17
CA LYS A 1098 17.96 -15.42 -7.71
C LYS A 1098 18.47 -14.43 -8.75
N LYS A 1099 17.53 -13.72 -9.39
CA LYS A 1099 17.84 -12.79 -10.47
C LYS A 1099 18.84 -11.73 -10.01
N THR A 1100 19.93 -11.58 -10.78
CA THR A 1100 20.97 -10.60 -10.47
C THR A 1100 20.62 -9.25 -11.06
N GLU A 1101 20.82 -8.18 -10.28
CA GLU A 1101 20.46 -6.84 -10.74
C GLU A 1101 21.45 -5.77 -10.28
N VAL A 1102 21.71 -4.83 -11.18
CA VAL A 1102 22.39 -3.58 -10.85
C VAL A 1102 21.52 -2.79 -9.88
N GLN A 1103 22.14 -2.15 -8.90
CA GLN A 1103 21.38 -1.33 -7.95
C GLN A 1103 21.23 0.10 -8.47
N THR A 1104 20.01 0.64 -8.37
CA THR A 1104 19.69 1.98 -8.84
C THR A 1104 19.19 2.85 -7.68
N GLY A 1105 18.97 4.12 -7.98
CA GLY A 1105 18.40 5.02 -6.99
C GLY A 1105 19.38 6.01 -6.38
N GLY A 1106 19.17 6.32 -5.10
CA GLY A 1106 19.92 7.39 -4.47
C GLY A 1106 21.40 7.05 -4.29
N PHE A 1107 22.23 8.05 -4.51
CA PHE A 1107 23.67 7.94 -4.35
C PHE A 1107 24.07 7.40 -2.98
N SER A 1108 23.36 7.79 -1.93
CA SER A 1108 23.82 7.42 -0.60
C SER A 1108 22.74 7.75 0.42
N LYS A 1109 23.03 7.43 1.68
CA LYS A 1109 22.26 7.95 2.79
C LYS A 1109 22.11 9.47 2.67
N GLU A 1110 21.04 10.00 3.24
CA GLU A 1110 20.69 11.38 2.97
C GLU A 1110 21.13 12.39 4.02
N SER A 1111 21.46 11.98 5.25
CA SER A 1111 21.87 12.96 6.26
C SER A 1111 23.06 13.77 5.76
N ILE A 1112 22.93 15.09 5.89
CA ILE A 1112 23.99 16.04 5.62
C ILE A 1112 24.78 16.15 6.92
N LEU A 1113 25.91 15.42 7.00
CA LEU A 1113 26.66 15.24 8.23
C LEU A 1113 27.61 16.40 8.49
N PRO A 1114 27.92 16.67 9.76
CA PRO A 1114 28.90 17.72 10.08
C PRO A 1114 30.27 17.30 9.59
N LYS A 1115 31.18 18.27 9.56
CA LYS A 1115 32.51 18.02 9.07
C LYS A 1115 33.27 17.06 9.98
N ARG A 1116 34.08 16.22 9.36
CA ARG A 1116 35.07 15.35 9.97
C ARG A 1116 36.27 15.44 9.06
N ASN A 1117 37.47 15.16 9.59
CA ASN A 1117 38.58 14.91 8.67
C ASN A 1117 38.66 13.44 8.29
N SER A 1118 37.54 12.73 8.30
CA SER A 1118 37.41 11.41 7.70
C SER A 1118 37.20 11.56 6.20
N ASP A 1119 38.12 11.03 5.43
CA ASP A 1119 38.01 11.11 3.97
C ASP A 1119 36.88 10.30 3.43
N LYS A 1120 36.02 9.72 4.27
CA LYS A 1120 34.93 8.86 3.84
C LYS A 1120 33.69 9.64 3.40
N LEU A 1121 33.68 10.94 3.61
CA LEU A 1121 32.51 11.77 3.33
C LEU A 1121 32.55 12.28 1.89
N ILE A 1122 31.37 12.44 1.30
CA ILE A 1122 31.20 12.78 -0.10
C ILE A 1122 30.76 14.23 -0.16
N ALA A 1123 31.47 15.04 -0.94
CA ALA A 1123 31.19 16.46 -0.96
C ALA A 1123 29.85 16.74 -1.65
N ARG A 1124 29.12 17.72 -1.10
CA ARG A 1124 27.81 18.09 -1.63
C ARG A 1124 27.90 18.98 -2.87
N LYS A 1125 29.01 19.69 -3.07
CA LYS A 1125 29.29 20.38 -4.33
C LYS A 1125 30.75 20.17 -4.67
N LYS A 1126 31.10 20.43 -5.94
CA LYS A 1126 32.41 20.07 -6.46
C LYS A 1126 33.55 20.59 -5.57
N ASP A 1127 33.43 21.80 -5.05
CA ASP A 1127 34.56 22.44 -4.35
C ASP A 1127 34.37 22.54 -2.85
N TRP A 1128 33.40 21.85 -2.27
CA TRP A 1128 33.16 21.88 -0.83
C TRP A 1128 33.81 20.67 -0.18
N ASP A 1129 35.08 20.81 0.21
CA ASP A 1129 35.79 19.79 0.98
C ASP A 1129 34.99 19.42 2.23
N PRO A 1130 34.55 18.17 2.38
CA PRO A 1130 33.79 17.79 3.59
C PRO A 1130 34.57 17.98 4.87
N LYS A 1131 35.90 18.10 4.80
CA LYS A 1131 36.67 18.39 6.01
C LYS A 1131 36.40 19.79 6.51
N LYS A 1132 35.93 20.68 5.63
CA LYS A 1132 35.45 22.00 5.99
C LYS A 1132 33.93 22.12 6.06
N TYR A 1133 33.19 21.33 5.28
CA TYR A 1133 31.77 21.58 5.09
C TYR A 1133 30.82 20.45 5.45
N GLY A 1134 31.31 19.25 5.75
CA GLY A 1134 30.40 18.11 5.89
C GLY A 1134 30.02 17.52 4.54
N GLY A 1135 29.09 16.58 4.57
CA GLY A 1135 28.66 15.92 3.35
C GLY A 1135 27.97 14.59 3.65
N PHE A 1136 28.00 13.69 2.66
CA PHE A 1136 27.26 12.43 2.74
C PHE A 1136 28.17 11.24 3.00
N ASP A 1137 27.58 10.21 3.62
CA ASP A 1137 28.19 8.96 4.02
C ASP A 1137 27.45 7.82 3.33
N SER A 1138 28.09 6.66 3.29
CA SER A 1138 27.47 5.40 2.88
C SER A 1138 26.87 5.45 1.48
N PRO A 1139 27.70 5.54 0.44
CA PRO A 1139 27.18 5.49 -0.93
C PRO A 1139 26.69 4.08 -1.28
N THR A 1140 25.99 3.98 -2.40
CA THR A 1140 25.39 2.72 -2.80
C THR A 1140 26.11 2.15 -4.02
N VAL A 1141 26.43 0.86 -3.95
CA VAL A 1141 27.21 0.21 -5.01
C VAL A 1141 26.26 -0.22 -6.11
N ALA A 1142 26.47 0.32 -7.31
CA ALA A 1142 25.68 -0.11 -8.46
C ALA A 1142 25.96 -1.56 -8.80
N TYR A 1143 27.25 -1.90 -8.93
CA TYR A 1143 27.70 -3.27 -9.13
C TYR A 1143 29.17 -3.34 -8.76
N SER A 1144 29.65 -4.54 -8.55
CA SER A 1144 31.07 -4.78 -8.35
C SER A 1144 31.71 -5.20 -9.65
N VAL A 1145 33.02 -4.99 -9.71
CA VAL A 1145 33.83 -5.20 -10.89
C VAL A 1145 35.05 -5.99 -10.47
N LEU A 1146 35.33 -7.08 -11.18
CA LEU A 1146 36.57 -7.78 -10.96
C LEU A 1146 37.68 -7.09 -11.75
N VAL A 1147 38.74 -6.73 -11.05
CA VAL A 1147 39.86 -6.01 -11.64
C VAL A 1147 41.13 -6.83 -11.44
N VAL A 1148 41.79 -7.19 -12.55
CA VAL A 1148 43.15 -7.73 -12.51
C VAL A 1148 44.09 -6.72 -13.15
N ALA A 1149 45.12 -6.34 -12.40
CA ALA A 1149 46.00 -5.22 -12.74
C ALA A 1149 47.20 -5.30 -11.80
N LYS A 1150 48.09 -4.31 -11.90
CA LYS A 1150 49.23 -4.18 -11.01
C LYS A 1150 49.09 -2.92 -10.16
N VAL A 1151 49.70 -2.96 -8.96
CA VAL A 1151 49.81 -1.80 -8.09
C VAL A 1151 51.26 -1.63 -7.67
N GLU A 1152 51.53 -0.51 -7.00
CA GLU A 1152 52.84 -0.25 -6.42
C GLU A 1152 52.83 -0.63 -4.95
N LYS A 1153 53.88 -1.32 -4.52
CA LYS A 1153 53.98 -1.81 -3.15
C LYS A 1153 54.96 -1.02 -2.30
N GLY A 1154 55.69 -0.07 -2.88
CA GLY A 1154 56.60 0.69 -2.05
C GLY A 1154 57.12 1.92 -2.76
N LYS A 1155 58.21 2.44 -2.18
CA LYS A 1155 58.88 3.61 -2.74
C LYS A 1155 59.53 3.29 -4.09
N SER A 1156 59.93 2.03 -4.31
CA SER A 1156 60.53 1.60 -5.56
C SER A 1156 59.57 1.71 -6.75
N LYS A 1157 58.27 1.88 -6.49
CA LYS A 1157 57.23 1.83 -7.52
C LYS A 1157 57.26 0.49 -8.27
N LYS A 1158 57.69 -0.57 -7.58
CA LYS A 1158 57.69 -1.90 -8.17
C LYS A 1158 56.28 -2.46 -8.18
N LEU A 1159 55.97 -3.20 -9.24
CA LEU A 1159 54.59 -3.56 -9.55
C LEU A 1159 54.26 -4.95 -8.98
N LYS A 1160 53.44 -4.98 -7.92
CA LYS A 1160 52.80 -6.19 -7.46
C LYS A 1160 51.56 -6.45 -8.31
N SER A 1161 51.36 -7.70 -8.69
CA SER A 1161 50.11 -8.08 -9.36
C SER A 1161 48.99 -8.22 -8.34
N VAL A 1162 47.78 -7.84 -8.74
CA VAL A 1162 46.61 -7.91 -7.88
C VAL A 1162 45.41 -8.40 -8.66
N LYS A 1163 44.49 -9.03 -7.94
CA LYS A 1163 43.19 -9.44 -8.46
C LYS A 1163 42.17 -9.05 -7.40
N GLU A 1164 41.48 -7.92 -7.61
CA GLU A 1164 40.60 -7.37 -6.58
C GLU A 1164 39.16 -7.25 -7.05
N LEU A 1165 38.30 -6.95 -6.07
CA LEU A 1165 36.87 -6.73 -6.29
C LEU A 1165 36.60 -5.28 -5.93
N LEU A 1166 36.11 -4.50 -6.90
CA LEU A 1166 35.90 -3.07 -6.72
C LEU A 1166 34.43 -2.74 -6.87
N GLY A 1167 33.85 -2.11 -5.84
CA GLY A 1167 32.47 -1.65 -5.91
C GLY A 1167 32.43 -0.34 -6.65
N ILE A 1168 31.58 -0.27 -7.67
CA ILE A 1168 31.33 0.97 -8.40
C ILE A 1168 30.08 1.59 -7.81
N THR A 1169 30.21 2.79 -7.25
CA THR A 1169 29.07 3.46 -6.66
C THR A 1169 28.12 3.93 -7.75
N ILE A 1170 26.83 4.04 -7.40
CA ILE A 1170 25.86 4.58 -8.34
C ILE A 1170 26.35 5.91 -8.87
N MET A 1171 26.94 6.74 -8.01
CA MET A 1171 27.41 8.03 -8.46
C MET A 1171 28.56 7.89 -9.45
N GLU A 1172 29.45 6.92 -9.23
CA GLU A 1172 30.61 6.77 -10.10
C GLU A 1172 30.30 6.07 -11.41
N ARG A 1173 29.07 5.60 -11.60
CA ARG A 1173 28.83 4.59 -12.64
C ARG A 1173 29.06 5.16 -14.03
N SER A 1174 28.45 6.31 -14.34
CA SER A 1174 28.61 6.87 -15.68
C SER A 1174 30.09 7.08 -15.98
N SER A 1175 30.82 7.67 -15.03
CA SER A 1175 32.24 7.91 -15.17
C SER A 1175 33.00 6.63 -15.55
N PHE A 1176 32.72 5.54 -14.83
CA PHE A 1176 33.43 4.29 -15.06
C PHE A 1176 33.03 3.66 -16.39
N GLU A 1177 31.73 3.71 -16.73
CA GLU A 1177 31.29 3.12 -17.98
C GLU A 1177 31.75 3.92 -19.20
N LYS A 1178 32.17 5.16 -19.03
CA LYS A 1178 32.65 5.90 -20.19
C LYS A 1178 34.10 5.60 -20.50
N ASN A 1179 34.96 5.52 -19.48
CA ASN A 1179 36.38 5.26 -19.66
C ASN A 1179 36.87 4.33 -18.56
N PRO A 1180 36.48 3.06 -18.61
CA PRO A 1180 36.78 2.15 -17.49
C PRO A 1180 38.24 2.06 -17.11
N ILE A 1181 39.16 2.10 -18.08
CA ILE A 1181 40.57 2.03 -17.71
C ILE A 1181 41.06 3.37 -17.19
N ASP A 1182 40.53 4.47 -17.73
CA ASP A 1182 40.84 5.78 -17.16
C ASP A 1182 40.31 5.89 -15.73
N PHE A 1183 39.11 5.36 -15.48
CA PHE A 1183 38.55 5.32 -14.14
C PHE A 1183 39.39 4.45 -13.22
N LEU A 1184 39.71 3.25 -13.67
CA LEU A 1184 40.50 2.34 -12.84
C LEU A 1184 41.91 2.86 -12.63
N GLU A 1185 42.51 3.45 -13.68
CA GLU A 1185 43.85 3.99 -13.51
C GLU A 1185 43.85 5.15 -12.52
N ALA A 1186 42.83 6.00 -12.56
CA ALA A 1186 42.78 7.07 -11.58
C ALA A 1186 42.52 6.58 -10.16
N LYS A 1187 42.20 5.31 -9.98
CA LYS A 1187 41.98 4.78 -8.64
C LYS A 1187 43.19 4.04 -8.10
N GLY A 1188 44.30 4.04 -8.84
CA GLY A 1188 45.46 3.30 -8.40
C GLY A 1188 45.96 2.31 -9.44
N TYR A 1189 45.09 1.44 -9.94
CA TYR A 1189 45.51 0.32 -10.75
C TYR A 1189 46.31 0.76 -11.98
N LYS A 1190 47.25 -0.09 -12.38
CA LYS A 1190 48.01 0.11 -13.60
C LYS A 1190 48.11 -1.23 -14.32
N GLU A 1191 48.34 -1.17 -15.63
CA GLU A 1191 48.42 -2.37 -16.47
C GLU A 1191 47.12 -3.19 -16.38
N VAL A 1192 45.99 -2.50 -16.42
CA VAL A 1192 44.71 -3.16 -16.24
C VAL A 1192 44.40 -4.02 -17.45
N LYS A 1193 43.86 -5.22 -17.21
CA LYS A 1193 43.55 -6.19 -18.26
C LYS A 1193 42.08 -6.08 -18.65
N LYS A 1194 41.81 -5.12 -19.55
CA LYS A 1194 40.44 -4.72 -19.89
C LYS A 1194 39.55 -5.91 -20.21
N ASP A 1195 40.09 -6.96 -20.80
CA ASP A 1195 39.28 -8.10 -21.24
C ASP A 1195 38.83 -8.99 -20.11
N LEU A 1196 39.37 -8.81 -18.90
CA LEU A 1196 38.96 -9.54 -17.72
C LEU A 1196 38.17 -8.67 -16.74
N ILE A 1197 37.61 -7.56 -17.21
CA ILE A 1197 36.83 -6.72 -16.33
C ILE A 1197 35.42 -7.31 -16.29
N ILE A 1198 35.09 -8.03 -15.22
CA ILE A 1198 33.79 -8.67 -15.12
C ILE A 1198 32.87 -7.84 -14.23
N LYS A 1199 31.77 -7.37 -14.82
CA LYS A 1199 30.71 -6.75 -14.05
C LYS A 1199 30.03 -7.81 -13.19
N LEU A 1200 30.01 -7.59 -11.88
CA LEU A 1200 29.40 -8.51 -10.91
C LEU A 1200 28.25 -7.83 -10.18
N PRO A 1201 27.02 -7.93 -10.71
CA PRO A 1201 25.89 -7.29 -10.03
C PRO A 1201 25.52 -8.03 -8.76
N LYS A 1202 24.65 -7.42 -7.97
CA LYS A 1202 24.21 -8.01 -6.72
C LYS A 1202 23.60 -9.38 -6.98
N TYR A 1203 23.96 -10.35 -6.15
CA TYR A 1203 23.49 -11.75 -6.11
C TYR A 1203 24.25 -12.63 -7.10
N SER A 1204 25.32 -12.13 -7.73
CA SER A 1204 26.20 -12.97 -8.52
C SER A 1204 26.64 -14.18 -7.72
N LEU A 1205 26.57 -15.36 -8.35
CA LEU A 1205 26.68 -16.63 -7.65
C LEU A 1205 28.07 -17.21 -7.83
N PHE A 1206 28.63 -17.76 -6.73
CA PHE A 1206 29.93 -18.42 -6.75
C PHE A 1206 29.83 -19.76 -6.04
N GLU A 1207 30.63 -20.71 -6.49
CA GLU A 1207 30.70 -22.01 -5.86
C GLU A 1207 32.14 -22.28 -5.47
N LEU A 1208 32.33 -22.77 -4.25
CA LEU A 1208 33.65 -22.98 -3.67
C LEU A 1208 33.88 -24.50 -3.52
N GLU A 1209 34.31 -24.98 -2.37
CA GLU A 1209 34.57 -26.40 -2.17
C GLU A 1209 33.31 -27.07 -1.63
N ASN A 1210 33.07 -28.30 -2.07
CA ASN A 1210 31.99 -29.12 -1.51
C ASN A 1210 30.61 -28.54 -1.79
N GLY A 1211 30.41 -28.04 -3.00
CA GLY A 1211 29.12 -27.48 -3.35
C GLY A 1211 28.74 -26.25 -2.55
N ARG A 1212 29.65 -25.78 -1.71
CA ARG A 1212 29.40 -24.56 -0.96
C ARG A 1212 29.32 -23.39 -1.92
N LYS A 1213 28.27 -22.58 -1.78
CA LYS A 1213 28.01 -21.43 -2.64
C LYS A 1213 27.83 -20.15 -1.83
N ARG A 1214 28.21 -19.03 -2.45
CA ARG A 1214 28.01 -17.70 -1.89
C ARG A 1214 27.42 -16.80 -2.97
N MET A 1215 26.64 -15.82 -2.52
CA MET A 1215 26.13 -14.77 -3.38
C MET A 1215 26.76 -13.46 -2.97
N LEU A 1216 26.94 -12.57 -3.94
CA LEU A 1216 27.59 -11.28 -3.72
C LEU A 1216 26.55 -10.23 -3.33
N ALA A 1217 26.60 -9.77 -2.06
CA ALA A 1217 25.72 -8.67 -1.64
C ALA A 1217 26.31 -7.29 -1.98
N SER A 1218 27.63 -7.18 -1.94
CA SER A 1218 28.33 -5.99 -2.37
C SER A 1218 29.78 -6.39 -2.62
N ALA A 1219 30.64 -5.40 -2.81
CA ALA A 1219 32.05 -5.71 -2.95
C ALA A 1219 32.69 -6.16 -1.65
N GLY A 1220 32.01 -5.99 -0.51
CA GLY A 1220 32.61 -6.38 0.75
C GLY A 1220 31.71 -7.18 1.68
N GLU A 1221 30.74 -7.91 1.14
CA GLU A 1221 29.91 -8.79 1.95
C GLU A 1221 29.28 -9.87 1.08
N LEU A 1222 29.13 -11.07 1.63
CA LEU A 1222 28.55 -12.19 0.92
C LEU A 1222 27.31 -12.69 1.63
N GLN A 1223 26.42 -13.32 0.84
CA GLN A 1223 25.23 -14.01 1.32
C GLN A 1223 25.31 -15.51 1.07
N LYS A 1224 24.51 -16.26 1.82
CA LYS A 1224 24.47 -17.71 1.67
C LYS A 1224 23.91 -18.09 0.30
N GLY A 1225 24.54 -19.07 -0.35
CA GLY A 1225 24.25 -19.41 -1.73
C GLY A 1225 23.51 -20.74 -1.93
N ASN A 1226 23.42 -21.54 -0.88
CA ASN A 1226 22.90 -22.91 -0.96
C ASN A 1226 21.46 -23.03 -0.50
N GLU A 1227 20.79 -24.07 -0.99
CA GLU A 1227 19.48 -24.47 -0.50
C GLU A 1227 19.58 -25.84 0.18
N LEU A 1228 18.99 -25.96 1.37
CA LEU A 1228 19.00 -27.21 2.13
C LEU A 1228 17.77 -28.02 1.72
N ALA A 1229 17.97 -29.05 0.91
CA ALA A 1229 16.89 -29.91 0.45
C ALA A 1229 16.62 -30.95 1.53
N LEU A 1230 15.77 -30.61 2.47
CA LEU A 1230 15.37 -31.57 3.48
C LEU A 1230 14.50 -32.65 2.84
N PRO A 1231 14.75 -33.93 3.15
CA PRO A 1231 13.93 -35.00 2.57
C PRO A 1231 12.44 -34.83 2.86
N SER A 1232 11.63 -35.29 1.92
CA SER A 1232 10.19 -35.05 1.98
C SER A 1232 9.56 -35.60 3.27
N LYS A 1233 10.12 -36.68 3.83
CA LYS A 1233 9.53 -37.31 5.02
C LYS A 1233 9.64 -36.40 6.25
N TYR A 1234 10.75 -35.67 6.38
CA TYR A 1234 10.92 -34.76 7.50
C TYR A 1234 10.05 -33.52 7.37
N VAL A 1235 9.69 -33.15 6.14
CA VAL A 1235 8.85 -31.97 5.93
C VAL A 1235 7.48 -32.19 6.56
N ASN A 1236 6.85 -33.32 6.25
CA ASN A 1236 5.50 -33.56 6.74
C ASN A 1236 5.49 -33.86 8.22
N PHE A 1237 6.57 -34.42 8.75
CA PHE A 1237 6.71 -34.55 10.19
C PHE A 1237 6.68 -33.17 10.85
N LEU A 1238 7.53 -32.26 10.36
CA LEU A 1238 7.57 -30.92 10.93
C LEU A 1238 6.19 -30.26 10.88
N TYR A 1239 5.48 -30.39 9.76
CA TYR A 1239 4.14 -29.80 9.65
C TYR A 1239 3.18 -30.41 10.66
N LEU A 1240 3.14 -31.74 10.71
CA LEU A 1240 2.21 -32.41 11.63
C LEU A 1240 2.59 -32.12 13.08
N ALA A 1241 3.87 -32.27 13.42
CA ALA A 1241 4.27 -32.09 14.80
C ALA A 1241 3.96 -30.68 15.30
N SER A 1242 4.28 -29.66 14.50
CA SER A 1242 4.09 -28.29 14.94
C SER A 1242 2.66 -27.79 14.75
N HIS A 1243 1.79 -28.58 14.11
CA HIS A 1243 0.34 -28.34 14.11
C HIS A 1243 -0.39 -29.41 14.89
N TYR A 1244 0.32 -30.16 15.74
CA TYR A 1244 -0.26 -31.28 16.49
C TYR A 1244 -1.59 -30.89 17.14
N GLU A 1245 -1.66 -29.70 17.73
CA GLU A 1245 -2.91 -29.21 18.29
C GLU A 1245 -3.87 -28.80 17.17
N LYS A 1246 -3.55 -27.71 16.46
CA LYS A 1246 -4.43 -27.13 15.44
C LYS A 1246 -4.41 -27.97 14.17
N LEU A 1247 -5.21 -29.04 14.16
CA LEU A 1247 -5.07 -30.10 13.16
C LEU A 1247 -6.09 -30.05 12.03
N LYS A 1248 -7.35 -29.71 12.30
CA LYS A 1248 -8.36 -29.53 11.26
C LYS A 1248 -8.61 -30.80 10.42
N GLY A 1249 -9.51 -31.67 10.89
CA GLY A 1249 -9.84 -32.86 10.12
C GLY A 1249 -10.74 -33.80 10.90
N SER A 1250 -10.91 -34.99 10.33
CA SER A 1250 -11.68 -36.03 10.99
C SER A 1250 -10.91 -36.56 12.20
N PRO A 1251 -11.54 -36.68 13.37
CA PRO A 1251 -10.88 -37.33 14.51
C PRO A 1251 -10.29 -38.68 14.18
N GLU A 1252 -10.91 -39.43 13.26
CA GLU A 1252 -10.40 -40.76 12.91
C GLU A 1252 -8.97 -40.70 12.38
N ASP A 1253 -8.65 -39.69 11.58
CA ASP A 1253 -7.27 -39.54 11.11
C ASP A 1253 -6.48 -38.48 11.87
N ASN A 1254 -7.13 -37.43 12.37
CA ASN A 1254 -6.43 -36.47 13.21
C ASN A 1254 -5.86 -37.15 14.46
N GLU A 1255 -6.47 -38.27 14.87
CA GLU A 1255 -5.81 -39.13 15.85
C GLU A 1255 -4.73 -39.96 15.19
N GLN A 1256 -4.97 -40.45 13.96
CA GLN A 1256 -3.96 -41.25 13.27
C GLN A 1256 -2.70 -40.42 13.00
N LYS A 1257 -2.88 -39.15 12.64
CA LYS A 1257 -1.73 -38.25 12.44
C LYS A 1257 -0.94 -38.08 13.74
N GLN A 1258 -1.63 -37.91 14.87
CA GLN A 1258 -0.92 -37.66 16.12
C GLN A 1258 -0.07 -38.85 16.57
N LEU A 1259 -0.55 -40.06 16.29
CA LEU A 1259 0.27 -41.24 16.57
C LEU A 1259 1.47 -41.30 15.64
N PHE A 1260 1.34 -40.75 14.44
CA PHE A 1260 2.48 -40.69 13.52
C PHE A 1260 3.59 -39.81 14.09
N VAL A 1261 3.25 -38.68 14.71
CA VAL A 1261 4.33 -37.87 15.26
C VAL A 1261 4.86 -38.51 16.53
N GLU A 1262 4.03 -39.23 17.28
CA GLU A 1262 4.52 -39.91 18.47
C GLU A 1262 5.54 -40.97 18.11
N GLN A 1263 5.24 -41.77 17.08
CA GLN A 1263 6.09 -42.89 16.69
C GLN A 1263 7.26 -42.48 15.82
N HIS A 1264 7.44 -41.19 15.57
CA HIS A 1264 8.56 -40.70 14.79
C HIS A 1264 9.27 -39.57 15.53
N LYS A 1265 9.21 -39.60 16.87
CA LYS A 1265 9.97 -38.65 17.68
C LYS A 1265 11.46 -38.71 17.38
N HIS A 1266 11.94 -39.83 16.85
CA HIS A 1266 13.35 -39.94 16.50
C HIS A 1266 13.72 -39.12 15.27
N TYR A 1267 12.75 -38.76 14.42
CA TYR A 1267 13.02 -37.80 13.35
C TYR A 1267 13.60 -36.49 13.88
N LEU A 1268 13.27 -36.11 15.12
CA LEU A 1268 13.86 -34.92 15.70
C LEU A 1268 15.38 -34.97 15.61
N ASP A 1269 15.97 -36.04 16.12
CA ASP A 1269 17.43 -36.18 16.06
C ASP A 1269 17.91 -36.30 14.62
N GLU A 1270 17.15 -36.93 13.75
CA GLU A 1270 17.60 -37.06 12.36
C GLU A 1270 17.59 -35.71 11.66
N ILE A 1271 16.56 -34.90 11.88
CA ILE A 1271 16.50 -33.59 11.24
C ILE A 1271 17.67 -32.72 11.71
N ILE A 1272 18.02 -32.81 12.99
CA ILE A 1272 19.13 -32.01 13.51
C ILE A 1272 20.44 -32.45 12.86
N GLU A 1273 20.60 -33.75 12.61
CA GLU A 1273 21.81 -34.18 11.91
C GLU A 1273 21.82 -33.67 10.48
N GLN A 1274 20.66 -33.61 9.84
CA GLN A 1274 20.59 -32.99 8.52
C GLN A 1274 21.07 -31.55 8.58
N ILE A 1275 20.48 -30.74 9.47
CA ILE A 1275 20.90 -29.35 9.63
C ILE A 1275 22.41 -29.28 9.88
N SER A 1276 22.94 -30.18 10.71
CA SER A 1276 24.32 -30.03 11.16
C SER A 1276 25.30 -30.37 10.05
N GLU A 1277 24.99 -31.39 9.23
CA GLU A 1277 25.90 -31.76 8.14
C GLU A 1277 25.89 -30.74 7.02
N PHE A 1278 24.72 -30.15 6.75
CA PHE A 1278 24.65 -29.04 5.80
C PHE A 1278 25.44 -27.83 6.30
N SER A 1279 25.32 -27.51 7.59
CA SER A 1279 25.98 -26.30 8.12
C SER A 1279 27.49 -26.45 8.12
N LYS A 1280 27.99 -27.60 8.61
CA LYS A 1280 29.44 -27.81 8.61
C LYS A 1280 30.01 -27.68 7.21
N ARG A 1281 29.21 -28.00 6.18
CA ARG A 1281 29.70 -28.02 4.81
C ARG A 1281 29.66 -26.65 4.16
N VAL A 1282 28.56 -25.90 4.33
CA VAL A 1282 28.36 -24.70 3.53
C VAL A 1282 28.04 -23.48 4.35
N ILE A 1283 27.63 -23.60 5.61
CA ILE A 1283 27.36 -22.40 6.39
C ILE A 1283 28.63 -21.86 7.01
N LEU A 1284 29.41 -22.74 7.65
CA LEU A 1284 30.71 -22.38 8.23
C LEU A 1284 30.54 -21.31 9.31
N ALA A 1285 29.53 -21.51 10.15
CA ALA A 1285 29.25 -20.72 11.33
C ALA A 1285 29.39 -21.64 12.55
N ASP A 1286 30.63 -22.04 12.83
CA ASP A 1286 30.89 -23.11 13.80
C ASP A 1286 30.32 -22.78 15.17
N ALA A 1287 30.79 -21.71 15.79
CA ALA A 1287 30.31 -21.34 17.12
C ALA A 1287 28.78 -21.34 17.17
N ASN A 1288 28.13 -20.83 16.12
CA ASN A 1288 26.67 -20.81 16.09
C ASN A 1288 26.09 -22.21 16.13
N LEU A 1289 26.62 -23.12 15.32
CA LEU A 1289 26.10 -24.49 15.29
C LEU A 1289 26.34 -25.21 16.61
N ASP A 1290 27.48 -24.96 17.26
CA ASP A 1290 27.72 -25.47 18.61
C ASP A 1290 26.65 -24.98 19.57
N LYS A 1291 26.24 -23.72 19.41
CA LYS A 1291 25.25 -23.17 20.32
C LYS A 1291 23.89 -23.80 20.07
N VAL A 1292 23.53 -24.02 18.79
CA VAL A 1292 22.23 -24.62 18.56
C VAL A 1292 22.24 -26.09 18.95
N LEU A 1293 23.38 -26.78 18.78
CA LEU A 1293 23.43 -28.21 19.09
C LEU A 1293 23.26 -28.45 20.59
N SER A 1294 23.86 -27.62 21.43
CA SER A 1294 23.62 -27.75 22.87
C SER A 1294 22.19 -27.32 23.23
N ALA A 1295 21.68 -26.28 22.58
CA ALA A 1295 20.32 -25.83 22.87
C ALA A 1295 19.29 -26.88 22.50
N TYR A 1296 19.56 -27.69 21.47
CA TYR A 1296 18.68 -28.80 21.18
C TYR A 1296 18.74 -29.85 22.28
N ASN A 1297 19.88 -29.95 22.97
CA ASN A 1297 20.00 -30.89 24.08
C ASN A 1297 19.28 -30.40 25.33
N LYS A 1298 19.43 -29.11 25.66
CA LYS A 1298 18.77 -28.53 26.83
C LYS A 1298 17.25 -28.70 26.82
N HIS A 1299 16.68 -29.13 25.68
CA HIS A 1299 15.23 -29.20 25.54
C HIS A 1299 14.76 -30.52 24.94
N ARG A 1300 15.59 -31.57 24.99
CA ARG A 1300 15.20 -32.83 24.37
C ARG A 1300 13.94 -33.42 24.99
N ASP A 1301 13.54 -32.98 26.17
CA ASP A 1301 12.40 -33.56 26.86
C ASP A 1301 11.20 -32.64 26.90
N LYS A 1302 11.31 -31.41 26.36
CA LYS A 1302 10.14 -30.60 26.12
C LYS A 1302 9.19 -31.35 25.16
N PRO A 1303 7.93 -30.93 25.03
CA PRO A 1303 7.00 -31.68 24.17
C PRO A 1303 7.42 -31.65 22.71
N ILE A 1304 7.00 -32.69 21.98
CA ILE A 1304 7.37 -32.82 20.57
C ILE A 1304 6.91 -31.60 19.78
N ARG A 1305 5.64 -31.20 19.94
CA ARG A 1305 5.13 -30.01 19.26
C ARG A 1305 6.06 -28.84 19.46
N GLU A 1306 6.54 -28.66 20.70
CA GLU A 1306 7.37 -27.51 21.02
C GLU A 1306 8.78 -27.63 20.44
N GLN A 1307 9.36 -28.83 20.44
CA GLN A 1307 10.66 -28.98 19.80
C GLN A 1307 10.56 -28.82 18.29
N ALA A 1308 9.47 -29.27 17.69
CA ALA A 1308 9.33 -29.11 16.25
C ALA A 1308 9.17 -27.64 15.88
N GLU A 1309 8.35 -26.91 16.63
CA GLU A 1309 8.16 -25.48 16.32
C GLU A 1309 9.49 -24.74 16.32
N ASN A 1310 10.38 -25.09 17.26
CA ASN A 1310 11.64 -24.38 17.36
C ASN A 1310 12.65 -24.86 16.34
N ILE A 1311 12.60 -26.15 15.96
CA ILE A 1311 13.48 -26.64 14.91
C ILE A 1311 13.23 -25.89 13.60
N ILE A 1312 12.00 -25.42 13.39
CA ILE A 1312 11.71 -24.62 12.20
C ILE A 1312 12.46 -23.29 12.25
N HIS A 1313 12.58 -22.69 13.43
CA HIS A 1313 13.39 -21.48 13.55
C HIS A 1313 14.83 -21.74 13.11
N LEU A 1314 15.32 -22.95 13.34
CA LEU A 1314 16.71 -23.28 13.06
C LEU A 1314 17.06 -23.11 11.59
N PHE A 1315 16.05 -23.12 10.72
CA PHE A 1315 16.35 -23.03 9.30
C PHE A 1315 16.77 -21.64 8.87
N THR A 1316 16.74 -20.64 9.74
CA THR A 1316 17.29 -19.37 9.28
C THR A 1316 18.81 -19.40 9.35
N LEU A 1317 19.39 -20.27 10.18
CA LEU A 1317 20.82 -20.56 10.06
C LEU A 1317 21.19 -21.06 8.67
N THR A 1318 20.31 -21.83 8.03
CA THR A 1318 20.63 -22.49 6.76
C THR A 1318 20.01 -21.83 5.52
N ASN A 1319 19.05 -20.91 5.68
CA ASN A 1319 18.35 -20.31 4.56
C ASN A 1319 19.29 -19.71 3.52
N LEU A 1320 18.82 -19.68 2.27
CA LEU A 1320 19.42 -18.84 1.24
C LEU A 1320 19.46 -17.39 1.69
N GLY A 1321 20.45 -16.65 1.19
CA GLY A 1321 20.47 -15.21 1.40
C GLY A 1321 21.24 -14.67 2.58
N ALA A 1322 20.80 -13.52 3.08
CA ALA A 1322 21.52 -12.78 4.11
C ALA A 1322 21.35 -13.45 5.48
N PRO A 1323 22.43 -13.56 6.25
CA PRO A 1323 22.33 -14.26 7.54
C PRO A 1323 21.58 -13.44 8.57
N ALA A 1324 20.71 -14.12 9.31
CA ALA A 1324 19.75 -13.46 10.16
C ALA A 1324 19.74 -14.07 11.56
N ALA A 1325 19.47 -13.21 12.54
CA ALA A 1325 19.31 -13.65 13.92
C ALA A 1325 18.10 -14.57 14.05
N PHE A 1326 18.20 -15.52 14.98
CA PHE A 1326 17.05 -16.36 15.30
C PHE A 1326 17.18 -16.88 16.73
N LYS A 1327 16.11 -17.55 17.17
CA LYS A 1327 15.97 -18.09 18.51
C LYS A 1327 15.67 -19.58 18.45
N TYR A 1328 16.11 -20.32 19.46
CA TYR A 1328 15.68 -21.70 19.70
C TYR A 1328 15.25 -21.76 21.16
N PHE A 1329 13.94 -21.62 21.41
CA PHE A 1329 13.38 -21.40 22.73
C PHE A 1329 13.86 -20.05 23.29
N ASP A 1330 14.72 -20.05 24.31
CA ASP A 1330 15.28 -18.83 24.85
C ASP A 1330 16.65 -18.49 24.27
N THR A 1331 17.43 -19.51 23.91
CA THR A 1331 18.72 -19.29 23.29
C THR A 1331 18.57 -18.39 22.06
N THR A 1332 19.43 -17.40 21.98
CA THR A 1332 19.47 -16.47 20.85
C THR A 1332 20.76 -16.70 20.08
N ILE A 1333 20.64 -16.77 18.77
CA ILE A 1333 21.80 -16.97 17.89
C ILE A 1333 21.99 -15.68 17.11
N ASP A 1334 23.15 -15.06 17.26
CA ASP A 1334 23.48 -13.85 16.52
C ASP A 1334 23.98 -14.23 15.14
N ARG A 1335 23.57 -13.47 14.13
CA ARG A 1335 23.95 -13.80 12.76
C ARG A 1335 25.46 -13.74 12.59
N LYS A 1336 26.01 -14.79 11.96
CA LYS A 1336 27.40 -14.81 11.52
C LYS A 1336 27.44 -14.22 10.11
N ARG A 1337 28.03 -13.05 9.98
CA ARG A 1337 28.17 -12.38 8.70
C ARG A 1337 29.39 -12.88 7.92
N TYR A 1338 29.32 -12.72 6.60
CA TYR A 1338 30.40 -13.06 5.67
C TYR A 1338 30.93 -11.72 5.17
N THR A 1339 31.87 -11.16 5.94
CA THR A 1339 32.33 -9.80 5.73
C THR A 1339 33.58 -9.75 4.88
N SER A 1340 34.01 -10.90 4.37
CA SER A 1340 35.17 -11.04 3.50
C SER A 1340 34.73 -11.61 2.16
N THR A 1341 35.08 -10.93 1.08
CA THR A 1341 34.81 -11.47 -0.24
C THR A 1341 36.03 -12.06 -0.90
N LYS A 1342 37.18 -12.04 -0.22
CA LYS A 1342 38.43 -12.43 -0.86
C LYS A 1342 38.30 -13.80 -1.53
N GLU A 1343 37.75 -14.79 -0.80
CA GLU A 1343 37.69 -16.16 -1.30
C GLU A 1343 36.94 -16.27 -2.61
N VAL A 1344 36.02 -15.36 -2.88
CA VAL A 1344 35.24 -15.42 -4.11
C VAL A 1344 36.12 -15.26 -5.35
N LEU A 1345 37.28 -14.62 -5.23
CA LEU A 1345 38.09 -14.29 -6.41
C LEU A 1345 38.83 -15.50 -6.99
N ASP A 1346 38.81 -16.66 -6.34
CA ASP A 1346 39.37 -17.86 -6.93
C ASP A 1346 38.33 -18.96 -7.09
N ALA A 1347 37.05 -18.61 -6.99
CA ALA A 1347 35.96 -19.57 -7.07
C ALA A 1347 35.44 -19.68 -8.50
N THR A 1348 34.31 -20.38 -8.68
CA THR A 1348 33.64 -20.46 -9.97
C THR A 1348 32.43 -19.56 -9.95
N LEU A 1349 32.46 -18.56 -10.81
CA LEU A 1349 31.31 -17.70 -11.04
C LEU A 1349 30.35 -18.43 -11.98
N ILE A 1350 29.08 -18.50 -11.60
CA ILE A 1350 28.08 -19.24 -12.36
C ILE A 1350 27.11 -18.23 -12.97
N HIS A 1351 27.24 -17.93 -14.25
CA HIS A 1351 26.17 -17.24 -14.94
C HIS A 1351 24.99 -18.20 -15.20
N GLN A 1352 23.79 -17.78 -14.83
CA GLN A 1352 22.59 -18.61 -14.98
C GLN A 1352 21.57 -17.91 -15.86
N SER A 1353 20.98 -18.67 -16.78
CA SER A 1353 19.76 -18.20 -17.42
C SER A 1353 18.61 -18.17 -16.42
N ILE A 1354 17.46 -17.68 -16.88
CA ILE A 1354 16.36 -17.39 -15.97
C ILE A 1354 15.78 -18.64 -15.31
N THR A 1355 15.79 -19.77 -16.01
CA THR A 1355 15.43 -21.07 -15.46
C THR A 1355 16.61 -21.75 -14.76
N GLY A 1356 17.82 -21.22 -14.90
CA GLY A 1356 19.01 -21.86 -14.41
C GLY A 1356 19.42 -23.11 -15.17
N LEU A 1357 18.70 -23.45 -16.23
CA LEU A 1357 19.03 -24.66 -16.97
C LEU A 1357 20.29 -24.45 -17.80
N TYR A 1358 20.44 -23.27 -18.41
CA TYR A 1358 21.61 -22.93 -19.20
C TYR A 1358 22.59 -22.18 -18.32
N GLU A 1359 23.82 -22.70 -18.15
CA GLU A 1359 24.82 -21.99 -17.37
C GLU A 1359 26.15 -21.92 -18.10
N THR A 1360 26.87 -20.83 -17.81
CA THR A 1360 28.28 -20.64 -18.13
C THR A 1360 29.02 -20.53 -16.81
N ARG A 1361 29.96 -21.44 -16.59
CA ARG A 1361 30.78 -21.45 -15.38
C ARG A 1361 32.16 -20.90 -15.71
N ILE A 1362 32.60 -19.88 -14.96
CA ILE A 1362 33.90 -19.23 -15.15
C ILE A 1362 34.73 -19.48 -13.90
N ASP A 1363 35.83 -20.21 -14.04
CA ASP A 1363 36.74 -20.46 -12.92
C ASP A 1363 37.66 -19.26 -12.80
N LEU A 1364 37.39 -18.39 -11.82
CA LEU A 1364 38.16 -17.15 -11.68
C LEU A 1364 39.61 -17.39 -11.23
N SER A 1365 39.92 -18.55 -10.64
CA SER A 1365 41.31 -18.79 -10.27
C SER A 1365 42.21 -18.86 -11.49
N GLN A 1366 41.66 -18.95 -12.70
CA GLN A 1366 42.46 -18.95 -13.92
C GLN A 1366 42.80 -17.55 -14.38
N LEU A 1367 42.24 -16.54 -13.75
CA LEU A 1367 42.62 -15.16 -14.00
C LEU A 1367 43.70 -14.73 -13.03
N GLY A 1368 44.41 -13.67 -13.37
CA GLY A 1368 45.50 -13.19 -12.55
C GLY A 1368 46.85 -13.49 -13.14
N GLY A 1369 46.91 -13.64 -14.46
CA GLY A 1369 48.08 -14.16 -15.15
C GLY A 1369 47.80 -14.20 -16.64
N ASP A 1370 48.76 -14.75 -17.37
CA ASP A 1370 48.75 -14.69 -18.83
C ASP A 1370 48.51 -16.07 -19.49
N SER C 2 0.95 -0.68 20.65
CA SER C 2 2.36 -0.92 20.33
C SER C 2 2.81 0.03 19.21
N MET C 3 3.21 -0.60 18.11
CA MET C 3 3.31 0.05 16.81
C MET C 3 3.24 -1.07 15.79
N ASN C 4 2.75 -0.73 14.60
CA ASN C 4 2.55 -1.72 13.55
C ASN C 4 3.70 -1.66 12.55
N ILE C 5 3.63 -2.52 11.52
CA ILE C 5 4.74 -2.68 10.59
C ILE C 5 5.01 -1.39 9.84
N ASN C 6 3.95 -0.67 9.45
CA ASN C 6 4.21 0.56 8.71
C ASN C 6 4.77 1.65 9.60
N ASP C 7 4.40 1.66 10.88
CA ASP C 7 5.05 2.58 11.81
C ASP C 7 6.53 2.29 11.88
N LEU C 8 6.87 1.01 12.09
CA LEU C 8 8.27 0.61 12.21
C LEU C 8 9.06 0.99 10.97
N ILE C 9 8.49 0.74 9.77
CA ILE C 9 9.19 1.11 8.55
C ILE C 9 9.41 2.61 8.50
N ARG C 10 8.40 3.38 8.90
CA ARG C 10 8.53 4.84 8.93
C ARG C 10 9.63 5.28 9.88
N GLU C 11 9.69 4.67 11.05
CA GLU C 11 10.69 5.07 12.02
C GLU C 11 12.10 4.78 11.52
N ILE C 12 12.33 3.59 10.97
CA ILE C 12 13.62 3.22 10.41
C ILE C 12 14.03 4.18 9.29
N LYS C 13 13.11 4.51 8.38
CA LYS C 13 13.42 5.47 7.34
C LYS C 13 13.82 6.82 7.92
N ASN C 14 13.15 7.26 8.99
CA ASN C 14 13.52 8.53 9.61
C ASN C 14 14.93 8.51 10.17
N LYS C 15 15.48 7.33 10.47
CA LYS C 15 16.87 7.23 10.89
C LYS C 15 17.84 7.15 9.70
N ASP C 16 17.38 7.43 8.48
CA ASP C 16 18.21 7.46 7.27
C ASP C 16 18.73 6.07 6.87
N TYR C 17 17.85 5.07 6.94
CA TYR C 17 18.13 3.72 6.46
C TYR C 17 17.15 3.41 5.33
N THR C 18 17.69 2.94 4.21
CA THR C 18 16.84 2.34 3.20
C THR C 18 16.31 1.02 3.75
N VAL C 19 15.00 0.84 3.65
CA VAL C 19 14.35 -0.32 4.21
C VAL C 19 13.23 -0.71 3.26
N LYS C 20 13.05 -2.02 3.09
CA LYS C 20 12.11 -2.58 2.15
C LYS C 20 11.31 -3.66 2.87
N LEU C 21 10.00 -3.70 2.63
CA LEU C 21 9.16 -4.85 2.99
C LEU C 21 9.06 -5.75 1.77
N SER C 22 9.42 -7.03 1.94
CA SER C 22 9.42 -7.98 0.86
C SER C 22 8.59 -9.20 1.25
N GLY C 23 8.19 -9.97 0.23
CA GLY C 23 7.52 -11.23 0.48
C GLY C 23 6.07 -11.13 0.90
N THR C 24 5.37 -10.07 0.47
CA THR C 24 4.03 -9.80 0.97
C THR C 24 2.95 -10.54 0.19
N ASP C 25 3.31 -11.32 -0.83
CA ASP C 25 2.45 -12.35 -1.43
C ASP C 25 1.83 -13.23 -0.38
N SER C 26 0.73 -13.87 -0.75
CA SER C 26 0.33 -15.08 -0.07
C SER C 26 1.36 -16.20 -0.26
N ASN C 27 2.18 -16.13 -1.32
CA ASN C 27 3.15 -17.20 -1.59
C ASN C 27 4.38 -17.08 -0.70
N SER C 28 4.92 -15.89 -0.59
CA SER C 28 6.17 -15.71 0.11
C SER C 28 5.93 -15.41 1.60
N ILE C 29 6.95 -15.70 2.41
CA ILE C 29 7.03 -15.22 3.78
C ILE C 29 7.42 -13.75 3.76
N THR C 30 6.70 -12.91 4.51
CA THR C 30 7.05 -11.48 4.51
C THR C 30 8.29 -11.25 5.38
N GLN C 31 9.14 -10.35 4.90
CA GLN C 31 10.46 -10.06 5.48
C GLN C 31 10.74 -8.57 5.46
N LEU C 32 11.11 -8.02 6.62
CA LEU C 32 11.65 -6.66 6.70
C LEU C 32 13.17 -6.70 6.46
N ILE C 33 13.64 -5.94 5.48
CA ILE C 33 15.07 -5.89 5.13
C ILE C 33 15.57 -4.46 5.32
N ILE C 34 16.60 -4.31 6.15
CA ILE C 34 17.18 -3.01 6.47
C ILE C 34 18.57 -2.97 5.90
N ARG C 35 18.83 -1.99 5.02
CA ARG C 35 20.16 -1.76 4.47
C ARG C 35 20.96 -1.00 5.52
N VAL C 36 21.78 -1.72 6.28
CA VAL C 36 22.47 -1.11 7.42
C VAL C 36 23.51 -0.09 6.97
N ASN C 37 24.27 -0.41 5.91
CA ASN C 37 25.38 0.45 5.49
C ASN C 37 25.37 0.79 4.01
N ASN C 38 24.40 0.29 3.22
CA ASN C 38 24.39 0.44 1.76
C ASN C 38 25.56 -0.30 1.09
N ASP C 39 26.26 -1.17 1.80
CA ASP C 39 27.35 -1.93 1.21
C ASP C 39 27.25 -3.40 1.61
N GLY C 40 26.08 -3.98 1.43
CA GLY C 40 25.90 -5.41 1.52
C GLY C 40 25.50 -5.92 2.90
N ASN C 41 25.74 -5.15 3.96
CA ASN C 41 25.21 -5.55 5.25
C ASN C 41 23.70 -5.29 5.27
N GLU C 42 22.92 -6.33 5.53
CA GLU C 42 21.48 -6.22 5.49
C GLU C 42 20.89 -6.99 6.65
N TYR C 43 20.03 -6.33 7.42
CA TYR C 43 19.44 -6.94 8.60
C TYR C 43 18.01 -7.34 8.26
N VAL C 44 17.74 -8.64 8.31
CA VAL C 44 16.49 -9.24 7.81
C VAL C 44 15.72 -9.75 9.02
N ILE C 45 14.46 -9.38 9.12
CA ILE C 45 13.55 -9.93 10.11
C ILE C 45 12.37 -10.51 9.36
N SER C 46 12.20 -11.81 9.43
CA SER C 46 11.12 -12.44 8.71
C SER C 46 10.00 -12.78 9.68
N GLU C 47 8.79 -12.87 9.17
CA GLU C 47 7.66 -13.07 10.05
C GLU C 47 7.42 -14.57 10.30
N SER C 48 7.18 -14.93 11.55
CA SER C 48 6.83 -16.29 11.93
C SER C 48 5.33 -16.36 12.20
N GLU C 49 4.82 -17.59 12.34
CA GLU C 49 3.41 -17.76 12.64
C GLU C 49 3.11 -17.35 14.07
N ASN C 50 4.01 -17.69 14.99
CA ASN C 50 3.81 -17.37 16.41
C ASN C 50 4.18 -15.92 16.70
N GLU C 51 5.29 -15.43 16.16
CA GLU C 51 5.86 -14.13 16.51
C GLU C 51 5.93 -13.27 15.25
N SER C 52 5.65 -11.96 15.39
CA SER C 52 5.62 -11.03 14.27
C SER C 52 6.92 -10.23 14.16
N ILE C 53 7.05 -9.56 13.01
CA ILE C 53 8.25 -8.77 12.72
C ILE C 53 8.48 -7.70 13.78
N VAL C 54 7.45 -6.90 14.07
CA VAL C 54 7.60 -5.85 15.08
C VAL C 54 8.00 -6.46 16.41
N GLU C 55 7.43 -7.62 16.77
CA GLU C 55 7.81 -8.26 18.02
C GLU C 55 9.28 -8.67 17.99
N LYS C 56 9.73 -9.21 16.85
CA LYS C 56 11.12 -9.62 16.73
C LYS C 56 12.05 -8.42 16.77
N PHE C 57 11.64 -7.32 16.13
CA PHE C 57 12.46 -6.12 16.12
C PHE C 57 12.69 -5.60 17.52
N ILE C 58 11.62 -5.53 18.31
CA ILE C 58 11.72 -4.94 19.64
C ILE C 58 12.58 -5.81 20.55
N SER C 59 12.33 -7.12 20.56
CA SER C 59 13.12 -8.03 21.39
C SER C 59 14.56 -8.14 20.93
N ALA C 60 14.89 -7.65 19.74
CA ALA C 60 16.26 -7.69 19.25
C ALA C 60 17.03 -6.40 19.49
N PHE C 61 16.34 -5.27 19.59
CA PHE C 61 17.01 -3.98 19.67
C PHE C 61 16.72 -3.21 20.97
N LYS C 62 15.88 -3.73 21.87
CA LYS C 62 15.55 -3.01 23.09
C LYS C 62 16.79 -2.75 23.93
N ASN C 63 17.61 -3.77 24.16
CA ASN C 63 18.83 -3.58 24.95
C ASN C 63 19.99 -3.01 24.13
N GLY C 64 19.74 -2.32 23.02
CA GLY C 64 20.86 -1.70 22.32
C GLY C 64 21.84 -2.68 21.68
N TRP C 65 23.08 -2.22 21.53
CA TRP C 65 24.11 -2.96 20.81
C TRP C 65 24.45 -4.29 21.49
N ASN C 66 24.84 -5.29 20.69
CA ASN C 66 25.25 -6.60 21.20
C ASN C 66 26.74 -6.86 21.06
N GLN C 67 27.51 -5.83 20.65
CA GLN C 67 28.97 -5.83 20.60
C GLN C 67 29.56 -6.77 19.56
N GLU C 68 28.77 -7.23 18.59
CA GLU C 68 29.28 -8.26 17.69
C GLU C 68 30.11 -7.68 16.56
N TYR C 69 29.60 -6.64 15.90
CA TYR C 69 30.26 -6.04 14.74
C TYR C 69 30.37 -4.53 14.93
N GLU C 70 31.59 -4.02 14.92
CA GLU C 70 31.81 -2.60 15.16
C GLU C 70 31.07 -1.73 14.14
N ASP C 71 30.97 -2.19 12.90
CA ASP C 71 30.33 -1.37 11.89
C ASP C 71 28.82 -1.31 12.06
N GLU C 72 28.29 -1.90 13.15
CA GLU C 72 26.87 -1.91 13.44
C GLU C 72 26.53 -1.22 14.74
N GLU C 73 27.51 -0.68 15.46
CA GLU C 73 27.19 -0.13 16.78
C GLU C 73 26.20 1.02 16.64
N GLU C 74 26.44 1.93 15.69
CA GLU C 74 25.51 3.02 15.47
C GLU C 74 24.13 2.48 15.12
N PHE C 75 24.08 1.50 14.20
CA PHE C 75 22.81 0.95 13.72
C PHE C 75 21.97 0.38 14.87
N TYR C 76 22.62 -0.31 15.82
CA TYR C 76 21.87 -0.81 16.97
C TYR C 76 21.39 0.33 17.87
N ASN C 77 22.20 1.37 18.07
CA ASN C 77 21.72 2.50 18.88
C ASN C 77 20.48 3.13 18.26
N ASP C 78 20.51 3.33 16.94
CA ASP C 78 19.37 3.97 16.27
C ASP C 78 18.12 3.11 16.42
N MET C 79 18.25 1.81 16.23
CA MET C 79 17.09 0.93 16.33
C MET C 79 16.56 0.88 17.74
N GLN C 80 17.44 0.99 18.73
CA GLN C 80 16.99 0.96 20.12
C GLN C 80 16.08 2.14 20.42
N THR C 81 16.49 3.36 20.05
CA THR C 81 15.63 4.52 20.24
C THR C 81 14.23 4.29 19.64
N ILE C 82 14.15 3.56 18.53
CA ILE C 82 12.85 3.25 17.94
C ILE C 82 12.01 2.42 18.89
N THR C 83 12.63 1.43 19.55
CA THR C 83 11.90 0.60 20.50
C THR C 83 11.29 1.43 21.62
N LEU C 84 12.04 2.41 22.16
CA LEU C 84 11.52 3.26 23.24
C LEU C 84 10.22 3.94 22.84
N LYS C 85 10.17 4.48 21.61
CA LYS C 85 9.04 5.26 21.12
C LYS C 85 7.69 4.60 21.41
N SER C 86 7.53 3.31 21.07
CA SER C 86 6.22 2.66 21.12
C SER C 86 5.64 2.56 22.54
N GLU C 87 6.43 2.87 23.57
CA GLU C 87 6.01 2.85 24.97
C GLU C 87 5.74 1.43 25.42
#